data_2KP2
#
_entry.id   2KP2
#
_entity_poly.entity_id   1
_entity_poly.type   'polypeptide(L)'
_entity_poly.pdbx_seq_one_letter_code
;GPLGSPLIGEIGPETYSDYMSAGIPLAYIFAETAEERKELSDKLKPIAEAQRGVINFGTIDAKAFGAHAGNLNLKTDKFP
AFAIQEVAKNQKFPFDQEKEITFEAIKAFVDDFVAGKIEPSIKSEPIPEKQEG
;
_entity_poly.pdbx_strand_id   A
#
# COMPACT_ATOMS: atom_id res chain seq x y z
N GLY A 1 -24.95 10.58 1.52
CA GLY A 1 -23.80 11.41 1.88
C GLY A 1 -22.53 10.85 1.29
N PRO A 2 -21.36 11.48 1.54
CA PRO A 2 -20.08 11.04 1.00
C PRO A 2 -19.34 10.07 1.93
N LEU A 3 -20.07 9.51 2.88
CA LEU A 3 -19.49 8.59 3.84
C LEU A 3 -19.53 7.19 3.27
N GLY A 4 -18.61 6.37 3.69
CA GLY A 4 -18.55 5.04 3.17
C GLY A 4 -17.87 5.05 1.84
N SER A 5 -16.62 5.44 1.86
CA SER A 5 -15.81 5.54 0.66
C SER A 5 -15.58 4.15 0.05
N PRO A 6 -15.36 4.06 -1.27
CA PRO A 6 -14.93 2.82 -1.90
C PRO A 6 -13.60 2.44 -1.29
N LEU A 7 -13.56 1.31 -0.63
CA LEU A 7 -12.38 0.94 0.11
C LEU A 7 -11.30 0.48 -0.84
N ILE A 8 -11.71 0.02 -1.99
CA ILE A 8 -10.82 -0.29 -3.06
C ILE A 8 -11.09 0.69 -4.18
N GLY A 9 -10.20 1.63 -4.34
CA GLY A 9 -10.38 2.67 -5.32
C GLY A 9 -9.12 3.45 -5.52
N GLU A 10 -9.24 4.73 -5.75
CA GLU A 10 -8.07 5.54 -5.94
C GLU A 10 -7.81 6.44 -4.75
N ILE A 11 -6.56 6.55 -4.42
CA ILE A 11 -6.16 7.35 -3.31
C ILE A 11 -5.91 8.75 -3.82
N GLY A 12 -6.51 9.68 -3.17
CA GLY A 12 -6.37 11.03 -3.51
C GLY A 12 -6.42 11.87 -2.27
N PRO A 13 -6.37 13.21 -2.43
CA PRO A 13 -6.36 14.15 -1.30
C PRO A 13 -7.60 14.06 -0.39
N GLU A 14 -8.66 13.47 -0.89
CA GLU A 14 -9.86 13.31 -0.11
C GLU A 14 -9.90 11.94 0.57
N THR A 15 -9.47 10.93 -0.15
CA THR A 15 -9.69 9.58 0.28
C THR A 15 -8.63 9.08 1.21
N TYR A 16 -7.41 9.60 1.07
CA TYR A 16 -6.30 9.09 1.86
C TYR A 16 -6.55 9.27 3.35
N SER A 17 -7.16 10.38 3.70
CA SER A 17 -7.48 10.72 5.07
C SER A 17 -8.55 9.77 5.61
N ASP A 18 -9.36 9.24 4.73
CA ASP A 18 -10.47 8.37 5.15
C ASP A 18 -9.94 6.99 5.46
N TYR A 19 -8.94 6.57 4.71
CA TYR A 19 -8.38 5.26 4.92
C TYR A 19 -7.52 5.32 6.17
N MET A 20 -7.02 6.51 6.42
CA MET A 20 -6.19 6.78 7.57
C MET A 20 -7.05 6.96 8.81
N SER A 21 -8.31 7.25 8.58
CA SER A 21 -9.25 7.38 9.65
C SER A 21 -10.02 6.06 9.81
N ALA A 22 -9.79 5.10 8.92
CA ALA A 22 -10.46 3.82 9.01
C ALA A 22 -9.87 3.01 10.16
N GLY A 23 -8.57 3.15 10.38
CA GLY A 23 -7.91 2.48 11.48
C GLY A 23 -7.23 1.20 11.04
N ILE A 24 -7.56 0.77 9.86
CA ILE A 24 -7.03 -0.43 9.26
C ILE A 24 -5.90 -0.06 8.29
N PRO A 25 -4.94 -0.97 8.04
CA PRO A 25 -3.78 -0.71 7.15
C PRO A 25 -4.19 -0.34 5.71
N LEU A 26 -3.42 0.53 5.08
CA LEU A 26 -3.72 1.02 3.77
C LEU A 26 -2.69 0.46 2.81
N ALA A 27 -3.14 -0.13 1.79
CA ALA A 27 -2.28 -0.61 0.75
C ALA A 27 -2.24 0.42 -0.36
N TYR A 28 -1.11 1.06 -0.47
CA TYR A 28 -0.86 2.10 -1.43
C TYR A 28 -0.32 1.49 -2.67
N ILE A 29 -1.06 1.51 -3.71
CA ILE A 29 -0.54 1.00 -4.93
C ILE A 29 -0.13 2.14 -5.81
N PHE A 30 1.10 2.52 -5.69
CA PHE A 30 1.67 3.55 -6.50
C PHE A 30 1.93 2.99 -7.84
N ALA A 31 1.48 3.63 -8.84
CA ALA A 31 1.76 3.20 -10.19
C ALA A 31 1.94 4.37 -11.13
N GLU A 32 3.12 4.46 -11.73
CA GLU A 32 3.40 5.47 -12.76
C GLU A 32 2.94 4.96 -14.10
N THR A 33 2.46 3.77 -14.11
CA THR A 33 2.04 3.14 -15.31
C THR A 33 0.57 3.42 -15.55
N ALA A 34 0.25 3.98 -16.68
CA ALA A 34 -1.13 4.30 -16.99
C ALA A 34 -1.77 3.20 -17.81
N GLU A 35 -0.95 2.40 -18.44
CA GLU A 35 -1.42 1.36 -19.34
C GLU A 35 -1.73 0.11 -18.55
N GLU A 36 -0.69 -0.49 -18.00
CA GLU A 36 -0.83 -1.73 -17.24
C GLU A 36 -1.46 -1.46 -15.88
N ARG A 37 -1.80 -0.19 -15.62
CA ARG A 37 -2.44 0.25 -14.39
C ARG A 37 -3.68 -0.56 -14.17
N LYS A 38 -4.40 -0.74 -15.25
CA LYS A 38 -5.64 -1.47 -15.28
C LYS A 38 -5.40 -2.91 -14.83
N GLU A 39 -4.39 -3.55 -15.43
CA GLU A 39 -4.02 -4.92 -15.10
C GLU A 39 -3.51 -5.04 -13.68
N LEU A 40 -2.69 -4.09 -13.30
CA LEU A 40 -2.06 -4.01 -12.01
C LEU A 40 -3.19 -4.06 -10.94
N SER A 41 -4.15 -3.18 -11.12
CA SER A 41 -5.23 -3.02 -10.19
C SER A 41 -6.24 -4.16 -10.34
N ASP A 42 -6.20 -4.82 -11.47
CA ASP A 42 -7.13 -5.88 -11.78
C ASP A 42 -6.83 -7.13 -11.02
N LYS A 43 -5.55 -7.35 -10.73
CA LYS A 43 -5.17 -8.49 -9.90
C LYS A 43 -5.43 -8.09 -8.45
N LEU A 44 -5.31 -6.78 -8.24
CA LEU A 44 -5.50 -6.22 -6.96
C LEU A 44 -6.95 -6.26 -6.53
N LYS A 45 -7.86 -6.30 -7.48
CA LYS A 45 -9.28 -6.31 -7.19
C LYS A 45 -9.68 -7.55 -6.35
N PRO A 46 -9.37 -8.80 -6.81
CA PRO A 46 -9.70 -10.03 -6.08
C PRO A 46 -8.91 -10.17 -4.83
N ILE A 47 -7.60 -9.89 -4.90
CA ILE A 47 -6.78 -10.07 -3.73
C ILE A 47 -7.20 -9.12 -2.63
N ALA A 48 -7.82 -8.02 -3.01
CA ALA A 48 -8.26 -7.04 -2.03
C ALA A 48 -9.69 -7.25 -1.66
N GLU A 49 -10.42 -7.94 -2.49
CA GLU A 49 -11.76 -8.31 -2.22
C GLU A 49 -11.76 -9.29 -1.06
N ALA A 50 -10.64 -9.97 -0.92
CA ALA A 50 -10.42 -10.96 0.10
C ALA A 50 -10.14 -10.29 1.45
N GLN A 51 -9.89 -9.01 1.39
CA GLN A 51 -9.45 -8.23 2.51
C GLN A 51 -10.04 -6.84 2.46
N ARG A 52 -11.24 -6.80 1.94
CA ARG A 52 -12.02 -5.60 1.63
C ARG A 52 -12.56 -4.94 2.87
N GLY A 53 -12.42 -5.59 3.97
CA GLY A 53 -12.85 -5.03 5.22
C GLY A 53 -11.70 -4.87 6.18
N VAL A 54 -10.52 -5.25 5.76
CA VAL A 54 -9.38 -5.21 6.64
C VAL A 54 -8.26 -4.33 6.08
N ILE A 55 -8.12 -4.26 4.77
CA ILE A 55 -7.11 -3.39 4.19
C ILE A 55 -7.74 -2.38 3.24
N ASN A 56 -7.26 -1.16 3.26
CA ASN A 56 -7.74 -0.13 2.38
C ASN A 56 -6.95 -0.26 1.10
N PHE A 57 -7.59 -0.54 0.02
CA PHE A 57 -6.88 -0.68 -1.22
C PHE A 57 -7.05 0.49 -2.13
N GLY A 58 -6.05 1.28 -2.17
CA GLY A 58 -6.08 2.45 -2.95
C GLY A 58 -4.96 2.52 -3.94
N THR A 59 -5.29 2.75 -5.14
CA THR A 59 -4.34 2.91 -6.18
C THR A 59 -4.02 4.38 -6.29
N ILE A 60 -2.78 4.72 -6.25
CA ILE A 60 -2.37 6.09 -6.27
C ILE A 60 -1.42 6.29 -7.40
N ASP A 61 -1.53 7.42 -8.03
CA ASP A 61 -0.69 7.75 -9.14
C ASP A 61 0.70 7.98 -8.67
N ALA A 62 1.66 7.29 -9.23
CA ALA A 62 3.01 7.45 -8.77
C ALA A 62 3.75 8.50 -9.57
N LYS A 63 3.04 9.18 -10.41
CA LYS A 63 3.63 10.20 -11.22
C LYS A 63 3.23 11.58 -10.67
N ALA A 64 2.02 11.68 -10.22
CA ALA A 64 1.50 12.90 -9.63
C ALA A 64 1.70 12.90 -8.14
N PHE A 65 1.45 11.77 -7.49
CA PHE A 65 1.64 11.69 -6.06
C PHE A 65 2.66 10.64 -5.69
N GLY A 66 3.58 10.37 -6.59
CA GLY A 66 4.51 9.28 -6.40
C GLY A 66 5.53 9.52 -5.34
N ALA A 67 5.80 10.77 -5.06
CA ALA A 67 6.75 11.18 -4.02
C ALA A 67 6.39 10.55 -2.68
N HIS A 68 5.11 10.29 -2.51
CA HIS A 68 4.57 9.71 -1.29
C HIS A 68 5.09 8.28 -1.05
N ALA A 69 5.52 7.57 -2.12
CA ALA A 69 5.99 6.17 -2.00
C ALA A 69 7.22 6.11 -1.15
N GLY A 70 8.04 7.08 -1.28
CA GLY A 70 9.20 7.09 -0.43
C GLY A 70 9.16 8.05 0.69
N ASN A 71 8.02 8.67 0.87
CA ASN A 71 7.77 9.41 2.11
C ASN A 71 7.52 8.38 3.19
N LEU A 72 7.22 7.18 2.72
CA LEU A 72 7.06 6.06 3.56
C LEU A 72 8.29 5.16 3.49
N ASN A 73 8.92 5.00 2.26
CA ASN A 73 10.09 4.06 2.15
C ASN A 73 10.78 4.01 0.77
N LEU A 74 10.00 3.79 -0.29
CA LEU A 74 10.54 3.45 -1.63
C LEU A 74 11.36 4.57 -2.26
N LYS A 75 12.20 4.23 -3.22
CA LYS A 75 13.02 5.24 -3.90
C LYS A 75 12.31 5.99 -4.99
N THR A 76 11.06 5.60 -5.26
CA THR A 76 10.22 6.21 -6.31
C THR A 76 10.88 6.18 -7.71
N ASP A 77 11.89 5.34 -7.85
CA ASP A 77 12.70 5.33 -9.07
C ASP A 77 12.25 4.32 -10.08
N LYS A 78 11.42 3.42 -9.70
CA LYS A 78 11.13 2.33 -10.60
C LYS A 78 9.60 2.20 -10.89
N PHE A 79 9.21 1.04 -11.46
CA PHE A 79 7.83 0.68 -11.86
C PHE A 79 6.91 0.65 -10.62
N PRO A 80 5.51 0.48 -10.76
CA PRO A 80 4.58 0.63 -9.63
C PRO A 80 5.07 0.05 -8.30
N ALA A 81 4.95 0.85 -7.30
CA ALA A 81 5.45 0.58 -6.00
C ALA A 81 4.30 0.31 -5.05
N PHE A 82 4.18 -0.90 -4.64
CA PHE A 82 3.14 -1.29 -3.73
C PHE A 82 3.61 -1.11 -2.31
N ALA A 83 3.03 -0.19 -1.59
CA ALA A 83 3.45 0.10 -0.25
C ALA A 83 2.31 -0.09 0.74
N ILE A 84 2.46 -0.96 1.69
CA ILE A 84 1.43 -1.11 2.69
C ILE A 84 1.73 -0.23 3.88
N GLN A 85 0.91 0.74 4.09
CA GLN A 85 1.05 1.59 5.21
C GLN A 85 0.22 1.07 6.32
N GLU A 86 0.78 1.04 7.45
CA GLU A 86 0.06 0.67 8.60
C GLU A 86 -0.59 1.87 9.17
N VAL A 87 -1.86 1.79 9.37
CA VAL A 87 -2.57 2.86 9.99
C VAL A 87 -2.68 2.55 11.48
N ALA A 88 -2.16 1.40 11.86
CA ALA A 88 -2.23 1.00 13.24
C ALA A 88 -0.84 0.99 13.82
N LYS A 89 0.09 0.46 13.08
CA LYS A 89 1.45 0.37 13.54
C LYS A 89 2.30 1.52 13.00
N ASN A 90 1.72 2.25 12.01
CA ASN A 90 2.37 3.40 11.32
C ASN A 90 3.58 2.92 10.48
N GLN A 91 3.66 1.62 10.36
CA GLN A 91 4.73 0.95 9.67
C GLN A 91 4.46 1.01 8.21
N LYS A 92 5.40 0.60 7.46
CA LYS A 92 5.28 0.62 6.06
C LYS A 92 5.88 -0.68 5.55
N PHE A 93 5.02 -1.59 5.14
CA PHE A 93 5.43 -2.87 4.55
C PHE A 93 5.31 -2.77 3.03
N PRO A 94 6.34 -2.28 2.33
CA PRO A 94 6.29 -2.06 0.92
C PRO A 94 6.99 -3.15 0.09
N PHE A 95 6.52 -3.30 -1.10
CA PHE A 95 6.98 -4.28 -2.05
C PHE A 95 8.01 -3.61 -2.95
N ASP A 96 8.79 -4.41 -3.63
CA ASP A 96 9.82 -3.92 -4.54
C ASP A 96 9.19 -3.20 -5.70
N GLN A 97 9.91 -2.28 -6.27
CA GLN A 97 9.41 -1.51 -7.41
C GLN A 97 10.05 -2.08 -8.66
N GLU A 98 10.84 -3.09 -8.45
CA GLU A 98 11.67 -3.66 -9.47
C GLU A 98 11.54 -5.18 -9.47
N LYS A 99 10.40 -5.64 -9.05
CA LYS A 99 10.16 -7.02 -8.93
C LYS A 99 9.10 -7.46 -9.95
N GLU A 100 7.84 -7.41 -9.55
CA GLU A 100 6.70 -7.75 -10.38
C GLU A 100 5.44 -7.67 -9.57
N ILE A 101 4.49 -6.94 -10.04
CA ILE A 101 3.23 -6.91 -9.37
C ILE A 101 2.25 -7.77 -10.13
N THR A 102 1.98 -8.91 -9.58
CA THR A 102 1.01 -9.80 -10.13
C THR A 102 -0.05 -10.09 -9.08
N PHE A 103 -0.92 -11.07 -9.31
CA PHE A 103 -2.04 -11.29 -8.43
C PHE A 103 -1.49 -11.99 -7.22
N GLU A 104 -0.81 -13.06 -7.55
CA GLU A 104 -0.19 -13.93 -6.66
C GLU A 104 0.88 -13.24 -5.81
N ALA A 105 1.72 -12.46 -6.45
CA ALA A 105 2.83 -11.78 -5.77
C ALA A 105 2.33 -10.88 -4.67
N ILE A 106 1.34 -10.09 -4.99
CA ILE A 106 0.77 -9.16 -4.04
C ILE A 106 -0.01 -9.89 -2.98
N LYS A 107 -0.81 -10.87 -3.42
CA LYS A 107 -1.60 -11.72 -2.51
C LYS A 107 -0.71 -12.30 -1.45
N ALA A 108 0.36 -12.91 -1.89
CA ALA A 108 1.30 -13.57 -1.00
C ALA A 108 1.89 -12.59 0.00
N PHE A 109 2.25 -11.43 -0.52
CA PHE A 109 2.84 -10.35 0.24
C PHE A 109 1.87 -9.82 1.30
N VAL A 110 0.70 -9.33 0.89
CA VAL A 110 -0.28 -8.77 1.83
C VAL A 110 -0.68 -9.82 2.88
N ASP A 111 -0.69 -11.07 2.45
CA ASP A 111 -1.03 -12.21 3.28
C ASP A 111 0.02 -12.37 4.33
N ASP A 112 1.25 -12.34 3.88
CA ASP A 112 2.38 -12.51 4.77
C ASP A 112 2.55 -11.31 5.68
N PHE A 113 2.06 -10.18 5.25
CA PHE A 113 2.02 -8.98 6.06
C PHE A 113 1.00 -9.09 7.17
N VAL A 114 -0.24 -9.28 6.77
CA VAL A 114 -1.37 -9.32 7.71
C VAL A 114 -1.26 -10.48 8.70
N ALA A 115 -0.53 -11.52 8.31
CA ALA A 115 -0.32 -12.65 9.21
C ALA A 115 0.75 -12.29 10.23
N GLY A 116 1.71 -11.49 9.81
CA GLY A 116 2.71 -11.02 10.73
C GLY A 116 4.09 -11.46 10.35
N LYS A 117 4.29 -11.72 9.10
CA LYS A 117 5.54 -12.18 8.68
C LYS A 117 6.36 -11.07 8.06
N ILE A 118 5.71 -10.13 7.41
CA ILE A 118 6.45 -9.03 6.85
C ILE A 118 6.88 -8.11 7.95
N GLU A 119 8.06 -7.60 7.82
CA GLU A 119 8.69 -6.81 8.82
C GLU A 119 9.08 -5.47 8.22
N PRO A 120 9.49 -4.47 9.03
CA PRO A 120 9.96 -3.20 8.51
C PRO A 120 11.24 -3.40 7.70
N SER A 121 11.15 -3.21 6.40
CA SER A 121 12.27 -3.41 5.48
C SER A 121 13.50 -2.56 5.86
N ILE A 122 13.25 -1.35 6.33
CA ILE A 122 14.31 -0.46 6.78
C ILE A 122 13.83 0.38 7.93
N LYS A 123 13.65 1.68 7.69
CA LYS A 123 13.20 2.63 8.68
C LYS A 123 14.22 2.80 9.81
N SER A 124 14.84 3.96 9.83
CA SER A 124 15.87 4.27 10.78
C SER A 124 15.35 4.24 12.20
N GLU A 125 15.74 3.22 12.90
CA GLU A 125 15.39 3.01 14.26
C GLU A 125 16.70 2.61 14.89
N PRO A 126 17.37 3.53 15.54
CA PRO A 126 18.72 3.30 16.01
C PRO A 126 18.80 2.51 17.30
N ILE A 127 19.89 1.81 17.44
CA ILE A 127 20.18 1.07 18.64
C ILE A 127 21.29 1.79 19.38
N PRO A 128 20.94 2.65 20.32
CA PRO A 128 21.91 3.38 21.09
C PRO A 128 22.37 2.59 22.29
N GLU A 129 23.46 3.03 22.85
CA GLU A 129 24.02 2.45 24.03
C GLU A 129 23.10 2.75 25.20
N LYS A 130 22.57 1.72 25.78
CA LYS A 130 21.66 1.87 26.86
C LYS A 130 22.38 1.60 28.16
N GLN A 131 21.75 1.88 29.25
CA GLN A 131 22.36 1.62 30.52
C GLN A 131 21.67 0.41 31.14
N GLU A 132 22.13 -0.04 32.28
CA GLU A 132 21.57 -1.23 32.91
C GLU A 132 20.13 -0.99 33.37
N GLY A 133 19.84 0.21 33.80
CA GLY A 133 18.53 0.53 34.26
C GLY A 133 18.63 1.66 35.23
N GLY A 1 -14.22 4.52 -8.74
CA GLY A 1 -14.77 4.85 -7.43
C GLY A 1 -15.61 3.73 -6.89
N PRO A 2 -16.63 4.02 -6.06
CA PRO A 2 -17.52 2.99 -5.47
C PRO A 2 -18.14 2.05 -6.52
N LEU A 3 -18.34 2.56 -7.71
CA LEU A 3 -18.84 1.79 -8.82
C LEU A 3 -17.86 1.90 -9.97
N GLY A 4 -17.76 0.88 -10.79
CA GLY A 4 -16.82 0.91 -11.90
C GLY A 4 -15.53 0.20 -11.53
N SER A 5 -15.12 0.44 -10.34
CA SER A 5 -14.00 -0.20 -9.75
C SER A 5 -14.48 -0.63 -8.37
N PRO A 6 -13.72 -1.37 -7.59
CA PRO A 6 -14.11 -1.64 -6.21
C PRO A 6 -13.96 -0.35 -5.39
N LEU A 7 -14.49 -0.36 -4.17
CA LEU A 7 -14.40 0.80 -3.30
C LEU A 7 -12.94 1.07 -3.00
N ILE A 8 -12.21 0.02 -2.73
CA ILE A 8 -10.79 0.13 -2.58
C ILE A 8 -10.19 -0.12 -3.95
N GLY A 9 -9.28 0.72 -4.32
CA GLY A 9 -8.72 0.63 -5.62
C GLY A 9 -8.25 1.96 -6.12
N GLU A 10 -8.75 3.01 -5.54
CA GLU A 10 -8.32 4.36 -5.91
C GLU A 10 -8.09 5.19 -4.66
N ILE A 11 -7.15 6.11 -4.73
CA ILE A 11 -6.97 7.06 -3.66
C ILE A 11 -7.20 8.45 -4.24
N GLY A 12 -7.80 9.31 -3.47
CA GLY A 12 -8.00 10.66 -3.84
C GLY A 12 -7.67 11.52 -2.65
N PRO A 13 -7.43 12.84 -2.82
CA PRO A 13 -7.04 13.75 -1.72
C PRO A 13 -7.90 13.63 -0.45
N GLU A 14 -9.17 13.34 -0.63
CA GLU A 14 -10.08 13.25 0.48
C GLU A 14 -10.13 11.83 1.07
N THR A 15 -9.84 10.80 0.25
CA THR A 15 -10.08 9.44 0.66
C THR A 15 -8.98 8.99 1.58
N TYR A 16 -7.84 9.70 1.52
CA TYR A 16 -6.71 9.44 2.41
C TYR A 16 -7.20 9.40 3.84
N SER A 17 -7.95 10.43 4.18
CA SER A 17 -8.45 10.63 5.51
C SER A 17 -9.39 9.49 5.92
N ASP A 18 -10.12 8.95 4.97
CA ASP A 18 -11.09 7.88 5.24
C ASP A 18 -10.37 6.61 5.58
N TYR A 19 -9.35 6.30 4.80
CA TYR A 19 -8.65 5.05 4.94
C TYR A 19 -7.81 5.13 6.21
N MET A 20 -7.40 6.34 6.51
CA MET A 20 -6.57 6.62 7.63
C MET A 20 -7.39 6.55 8.91
N SER A 21 -8.59 7.05 8.85
CA SER A 21 -9.43 7.09 10.01
C SER A 21 -10.10 5.72 10.22
N ALA A 22 -9.97 4.83 9.24
CA ALA A 22 -10.53 3.49 9.36
C ALA A 22 -9.68 2.64 10.32
N GLY A 23 -8.45 3.07 10.55
CA GLY A 23 -7.58 2.40 11.51
C GLY A 23 -6.95 1.15 10.95
N ILE A 24 -7.32 0.81 9.76
CA ILE A 24 -6.80 -0.34 9.10
C ILE A 24 -5.77 0.07 8.04
N PRO A 25 -4.82 -0.80 7.74
CA PRO A 25 -3.72 -0.54 6.77
C PRO A 25 -4.21 -0.10 5.38
N LEU A 26 -3.49 0.81 4.79
CA LEU A 26 -3.82 1.34 3.49
C LEU A 26 -2.82 0.80 2.51
N ALA A 27 -3.29 0.18 1.49
CA ALA A 27 -2.46 -0.34 0.48
C ALA A 27 -2.36 0.65 -0.66
N TYR A 28 -1.25 1.33 -0.70
CA TYR A 28 -0.97 2.36 -1.67
C TYR A 28 -0.46 1.73 -2.90
N ILE A 29 -1.17 1.85 -3.92
CA ILE A 29 -0.75 1.29 -5.14
C ILE A 29 -0.23 2.41 -6.00
N PHE A 30 1.00 2.72 -5.79
CA PHE A 30 1.66 3.71 -6.59
C PHE A 30 1.98 3.11 -7.88
N ALA A 31 1.54 3.68 -8.90
CA ALA A 31 1.85 3.16 -10.22
C ALA A 31 2.17 4.26 -11.18
N GLU A 32 3.36 4.19 -11.78
CA GLU A 32 3.73 5.13 -12.83
C GLU A 32 3.06 4.68 -14.12
N THR A 33 2.60 3.47 -14.09
CA THR A 33 1.97 2.85 -15.19
C THR A 33 0.53 3.27 -15.19
N ALA A 34 0.14 4.01 -16.18
CA ALA A 34 -1.18 4.54 -16.25
C ALA A 34 -2.06 3.70 -17.15
N GLU A 35 -1.44 2.95 -18.02
CA GLU A 35 -2.18 2.17 -19.01
C GLU A 35 -2.54 0.83 -18.45
N GLU A 36 -1.55 0.14 -17.98
CA GLU A 36 -1.74 -1.16 -17.39
C GLU A 36 -2.11 -1.02 -15.92
N ARG A 37 -2.26 0.25 -15.48
CA ARG A 37 -2.68 0.60 -14.11
C ARG A 37 -3.89 -0.18 -13.72
N LYS A 38 -4.83 -0.21 -14.63
CA LYS A 38 -6.11 -0.85 -14.41
C LYS A 38 -5.95 -2.36 -14.24
N GLU A 39 -5.03 -2.93 -14.95
CA GLU A 39 -4.77 -4.34 -14.92
C GLU A 39 -3.90 -4.72 -13.74
N LEU A 40 -3.03 -3.80 -13.36
CA LEU A 40 -2.19 -3.93 -12.18
C LEU A 40 -3.18 -4.03 -10.99
N SER A 41 -4.17 -3.16 -11.02
CA SER A 41 -5.18 -3.08 -9.99
C SER A 41 -6.20 -4.21 -10.15
N ASP A 42 -6.22 -4.82 -11.31
CA ASP A 42 -7.13 -5.90 -11.61
C ASP A 42 -6.67 -7.18 -10.96
N LYS A 43 -5.37 -7.33 -10.82
CA LYS A 43 -4.80 -8.42 -10.05
C LYS A 43 -5.03 -8.13 -8.56
N LEU A 44 -4.92 -6.85 -8.26
CA LEU A 44 -5.12 -6.38 -6.93
C LEU A 44 -6.58 -6.42 -6.52
N LYS A 45 -7.42 -6.51 -7.51
CA LYS A 45 -8.86 -6.47 -7.33
C LYS A 45 -9.37 -7.67 -6.51
N PRO A 46 -9.04 -8.92 -6.89
CA PRO A 46 -9.43 -10.10 -6.11
C PRO A 46 -8.62 -10.15 -4.86
N ILE A 47 -7.31 -9.75 -4.97
CA ILE A 47 -6.47 -9.70 -3.78
C ILE A 47 -7.15 -8.87 -2.72
N ALA A 48 -7.80 -7.81 -3.13
CA ALA A 48 -8.35 -6.84 -2.18
C ALA A 48 -9.77 -7.14 -1.87
N GLU A 49 -10.43 -7.88 -2.71
CA GLU A 49 -11.78 -8.28 -2.47
C GLU A 49 -11.75 -9.29 -1.32
N ALA A 50 -10.58 -9.91 -1.12
CA ALA A 50 -10.36 -10.87 -0.06
C ALA A 50 -10.04 -10.17 1.25
N GLN A 51 -9.80 -8.90 1.19
CA GLN A 51 -9.33 -8.12 2.31
C GLN A 51 -9.85 -6.71 2.25
N ARG A 52 -11.07 -6.65 1.78
CA ARG A 52 -11.80 -5.43 1.52
C ARG A 52 -12.25 -4.77 2.81
N GLY A 53 -12.27 -5.55 3.86
CA GLY A 53 -12.68 -5.07 5.14
C GLY A 53 -11.54 -5.05 6.10
N VAL A 54 -10.32 -5.11 5.58
CA VAL A 54 -9.15 -5.07 6.44
C VAL A 54 -8.05 -4.19 5.85
N ILE A 55 -7.93 -4.14 4.54
CA ILE A 55 -6.94 -3.27 3.92
C ILE A 55 -7.60 -2.31 2.95
N ASN A 56 -7.20 -1.06 2.99
CA ASN A 56 -7.77 -0.05 2.13
C ASN A 56 -6.90 0.08 0.91
N PHE A 57 -7.26 -0.57 -0.15
CA PHE A 57 -6.51 -0.42 -1.39
C PHE A 57 -6.85 0.89 -2.08
N GLY A 58 -5.86 1.49 -2.65
CA GLY A 58 -6.03 2.67 -3.41
C GLY A 58 -4.87 2.90 -4.34
N THR A 59 -5.16 3.14 -5.60
CA THR A 59 -4.14 3.49 -6.56
C THR A 59 -3.82 4.96 -6.53
N ILE A 60 -2.59 5.26 -6.76
CA ILE A 60 -2.10 6.58 -6.78
C ILE A 60 -1.00 6.66 -7.83
N ASP A 61 -0.95 7.75 -8.54
CA ASP A 61 0.00 7.92 -9.62
C ASP A 61 1.39 8.06 -9.06
N ALA A 62 2.29 7.22 -9.50
CA ALA A 62 3.64 7.26 -8.97
C ALA A 62 4.53 8.24 -9.71
N LYS A 63 3.95 8.95 -10.62
CA LYS A 63 4.68 9.94 -11.36
C LYS A 63 4.37 11.32 -10.80
N ALA A 64 3.10 11.57 -10.54
CA ALA A 64 2.65 12.85 -10.07
C ALA A 64 2.70 12.90 -8.58
N PHE A 65 2.23 11.87 -7.92
CA PHE A 65 2.23 11.87 -6.48
C PHE A 65 3.14 10.78 -5.95
N GLY A 66 4.05 10.34 -6.80
CA GLY A 66 4.86 9.19 -6.49
C GLY A 66 5.89 9.37 -5.43
N ALA A 67 6.26 10.61 -5.12
CA ALA A 67 7.27 10.88 -4.09
C ALA A 67 6.82 10.31 -2.75
N HIS A 68 5.52 10.23 -2.59
CA HIS A 68 4.88 9.73 -1.38
C HIS A 68 5.24 8.26 -1.10
N ALA A 69 5.60 7.50 -2.14
CA ALA A 69 5.97 6.08 -1.95
C ALA A 69 7.23 6.01 -1.14
N GLY A 70 8.09 6.92 -1.40
CA GLY A 70 9.30 6.97 -0.63
C GLY A 70 9.26 7.95 0.50
N ASN A 71 8.07 8.44 0.77
CA ASN A 71 7.82 9.23 2.00
C ASN A 71 7.59 8.27 3.12
N LEU A 72 7.48 7.01 2.75
CA LEU A 72 7.28 5.98 3.69
C LEU A 72 8.45 5.05 3.60
N ASN A 73 9.01 4.86 2.36
CA ASN A 73 10.12 3.91 2.17
C ASN A 73 10.81 4.02 0.79
N LEU A 74 10.04 3.69 -0.26
CA LEU A 74 10.53 3.38 -1.63
C LEU A 74 11.44 4.43 -2.27
N LYS A 75 12.09 4.01 -3.32
CA LYS A 75 13.04 4.84 -4.04
C LYS A 75 12.35 5.69 -5.14
N THR A 76 11.11 5.33 -5.42
CA THR A 76 10.22 6.01 -6.42
C THR A 76 10.86 6.09 -7.83
N ASP A 77 11.59 5.08 -8.19
CA ASP A 77 12.41 5.10 -9.42
C ASP A 77 11.99 4.05 -10.43
N LYS A 78 11.26 3.11 -9.99
CA LYS A 78 10.97 1.93 -10.77
C LYS A 78 9.49 1.79 -11.07
N PHE A 79 9.10 0.56 -11.41
CA PHE A 79 7.73 0.16 -11.72
C PHE A 79 6.83 0.41 -10.49
N PRO A 80 5.44 0.28 -10.61
CA PRO A 80 4.53 0.52 -9.51
C PRO A 80 5.02 0.02 -8.14
N ALA A 81 4.88 0.85 -7.19
CA ALA A 81 5.37 0.61 -5.88
C ALA A 81 4.19 0.47 -4.94
N PHE A 82 3.92 -0.73 -4.58
CA PHE A 82 2.82 -1.04 -3.71
C PHE A 82 3.25 -0.89 -2.25
N ALA A 83 2.77 0.13 -1.60
CA ALA A 83 3.18 0.42 -0.26
C ALA A 83 2.04 0.27 0.72
N ILE A 84 2.13 -0.67 1.62
CA ILE A 84 1.08 -0.82 2.62
C ILE A 84 1.42 0.01 3.84
N GLN A 85 0.67 1.04 4.06
CA GLN A 85 0.87 1.85 5.21
C GLN A 85 0.07 1.28 6.34
N GLU A 86 0.68 1.08 7.44
CA GLU A 86 -0.05 0.65 8.59
C GLU A 86 -0.57 1.84 9.31
N VAL A 87 -1.85 1.89 9.44
CA VAL A 87 -2.46 2.97 10.14
C VAL A 87 -2.70 2.52 11.59
N ALA A 88 -2.25 1.31 11.89
CA ALA A 88 -2.41 0.78 13.22
C ALA A 88 -1.05 0.56 13.85
N LYS A 89 -0.10 0.15 13.03
CA LYS A 89 1.24 -0.07 13.52
C LYS A 89 2.15 1.10 13.20
N ASN A 90 1.72 2.00 12.29
CA ASN A 90 2.50 3.22 11.89
C ASN A 90 3.67 2.77 10.98
N GLN A 91 3.48 1.60 10.49
CA GLN A 91 4.43 0.87 9.70
C GLN A 91 4.19 1.06 8.27
N LYS A 92 5.12 0.61 7.49
CA LYS A 92 5.06 0.72 6.10
C LYS A 92 5.61 -0.58 5.55
N PHE A 93 4.76 -1.39 4.99
CA PHE A 93 5.15 -2.65 4.36
C PHE A 93 5.01 -2.52 2.85
N PRO A 94 6.05 -2.05 2.16
CA PRO A 94 6.00 -1.85 0.74
C PRO A 94 6.68 -2.95 -0.08
N PHE A 95 6.14 -3.17 -1.23
CA PHE A 95 6.56 -4.21 -2.13
C PHE A 95 7.73 -3.71 -2.96
N ASP A 96 8.47 -4.65 -3.49
CA ASP A 96 9.64 -4.37 -4.29
C ASP A 96 9.20 -3.67 -5.55
N GLN A 97 10.01 -2.77 -5.99
CA GLN A 97 9.65 -1.92 -7.10
C GLN A 97 9.98 -2.58 -8.44
N GLU A 98 10.53 -3.77 -8.39
CA GLU A 98 10.98 -4.43 -9.60
C GLU A 98 10.81 -5.96 -9.50
N LYS A 99 9.98 -6.39 -8.58
CA LYS A 99 9.72 -7.81 -8.36
C LYS A 99 8.49 -8.21 -9.19
N GLU A 100 7.90 -7.20 -9.83
CA GLU A 100 6.68 -7.31 -10.64
C GLU A 100 5.45 -7.59 -9.77
N ILE A 101 4.46 -6.77 -9.95
CA ILE A 101 3.25 -6.81 -9.21
C ILE A 101 2.26 -7.71 -9.94
N THR A 102 2.13 -8.89 -9.44
CA THR A 102 1.22 -9.85 -9.94
C THR A 102 0.31 -10.26 -8.81
N PHE A 103 -0.74 -11.01 -9.10
CA PHE A 103 -1.72 -11.43 -8.10
C PHE A 103 -1.02 -12.18 -7.00
N GLU A 104 -0.38 -13.24 -7.38
CA GLU A 104 0.27 -14.15 -6.48
C GLU A 104 1.30 -13.50 -5.62
N ALA A 105 2.06 -12.72 -6.25
CA ALA A 105 3.13 -11.97 -5.69
C ALA A 105 2.66 -11.02 -4.58
N ILE A 106 1.63 -10.27 -4.88
CA ILE A 106 1.07 -9.32 -3.93
C ILE A 106 0.30 -10.02 -2.87
N LYS A 107 -0.43 -11.03 -3.26
CA LYS A 107 -1.23 -11.83 -2.35
C LYS A 107 -0.35 -12.44 -1.30
N ALA A 108 0.75 -12.98 -1.75
CA ALA A 108 1.75 -13.61 -0.86
C ALA A 108 2.36 -12.57 0.07
N PHE A 109 2.58 -11.39 -0.48
CA PHE A 109 3.12 -10.27 0.24
C PHE A 109 2.16 -9.83 1.35
N VAL A 110 0.97 -9.38 0.97
CA VAL A 110 -0.02 -8.85 1.93
C VAL A 110 -0.39 -9.90 2.99
N ASP A 111 -0.33 -11.16 2.58
CA ASP A 111 -0.60 -12.32 3.44
C ASP A 111 0.41 -12.36 4.54
N ASP A 112 1.65 -12.26 4.14
CA ASP A 112 2.82 -12.28 5.04
C ASP A 112 2.69 -11.10 5.96
N PHE A 113 2.32 -9.99 5.40
CA PHE A 113 2.11 -8.74 6.14
C PHE A 113 1.05 -8.88 7.23
N VAL A 114 -0.17 -9.14 6.80
CA VAL A 114 -1.33 -9.22 7.69
C VAL A 114 -1.21 -10.37 8.68
N ALA A 115 -0.33 -11.31 8.40
CA ALA A 115 -0.07 -12.41 9.32
C ALA A 115 0.89 -11.95 10.39
N GLY A 116 1.80 -11.09 10.02
CA GLY A 116 2.79 -10.58 10.92
C GLY A 116 4.14 -11.07 10.53
N LYS A 117 4.25 -11.45 9.30
CA LYS A 117 5.42 -12.03 8.80
C LYS A 117 6.29 -10.98 8.17
N ILE A 118 5.71 -10.08 7.41
CA ILE A 118 6.48 -8.97 6.89
C ILE A 118 6.79 -8.03 8.04
N GLU A 119 7.93 -7.43 8.00
CA GLU A 119 8.35 -6.54 9.02
C GLU A 119 8.76 -5.25 8.34
N PRO A 120 8.82 -4.12 9.07
CA PRO A 120 9.30 -2.88 8.49
C PRO A 120 10.74 -3.06 8.02
N SER A 121 10.94 -3.02 6.72
CA SER A 121 12.26 -3.18 6.15
C SER A 121 13.15 -2.06 6.66
N ILE A 122 12.66 -0.84 6.54
CA ILE A 122 13.30 0.33 7.03
C ILE A 122 12.19 1.22 7.44
N LYS A 123 12.45 2.05 8.40
CA LYS A 123 11.48 2.95 9.03
C LYS A 123 12.07 3.38 10.35
N SER A 124 11.98 4.64 10.65
CA SER A 124 12.46 5.14 11.89
C SER A 124 11.46 4.81 12.98
N GLU A 125 11.85 3.89 13.80
CA GLU A 125 11.06 3.41 14.89
C GLU A 125 11.89 3.54 16.13
N PRO A 126 11.79 4.65 16.81
CA PRO A 126 12.57 4.87 17.98
C PRO A 126 11.98 4.16 19.17
N ILE A 127 12.84 3.62 19.96
CA ILE A 127 12.44 2.84 21.09
C ILE A 127 12.83 3.57 22.37
N PRO A 128 11.87 4.26 22.98
CA PRO A 128 12.08 4.97 24.21
C PRO A 128 12.33 4.03 25.36
N GLU A 129 13.32 4.33 26.11
CA GLU A 129 13.70 3.60 27.28
C GLU A 129 13.00 4.18 28.50
N LYS A 130 13.22 3.61 29.66
CA LYS A 130 12.67 4.17 30.86
C LYS A 130 13.68 5.11 31.49
N GLN A 131 13.83 6.26 30.85
CA GLN A 131 14.83 7.22 31.22
C GLN A 131 14.33 8.14 32.32
N GLU A 132 15.20 8.38 33.23
CA GLU A 132 14.94 9.21 34.37
C GLU A 132 15.58 10.56 34.10
N GLY A 133 14.85 11.59 34.32
CA GLY A 133 15.34 12.91 34.03
C GLY A 133 15.42 13.73 35.26
N GLY A 1 -23.69 5.80 6.65
CA GLY A 1 -22.79 5.05 5.77
C GLY A 1 -23.56 4.28 4.71
N PRO A 2 -23.57 4.76 3.46
CA PRO A 2 -24.29 4.10 2.38
C PRO A 2 -23.43 3.04 1.69
N LEU A 3 -24.08 2.09 1.04
CA LEU A 3 -23.39 1.04 0.32
C LEU A 3 -22.80 1.63 -0.95
N GLY A 4 -21.51 1.63 -1.01
CA GLY A 4 -20.82 2.20 -2.13
C GLY A 4 -19.87 3.26 -1.67
N SER A 5 -19.05 2.91 -0.72
CA SER A 5 -18.08 3.80 -0.19
C SER A 5 -16.72 3.46 -0.78
N PRO A 6 -15.92 4.46 -1.17
CA PRO A 6 -14.62 4.23 -1.76
C PRO A 6 -13.60 3.74 -0.73
N LEU A 7 -13.57 2.45 -0.53
CA LEU A 7 -12.59 1.82 0.32
C LEU A 7 -11.51 1.24 -0.56
N ILE A 8 -11.92 0.94 -1.76
CA ILE A 8 -11.05 0.46 -2.81
C ILE A 8 -11.26 1.33 -4.02
N GLY A 9 -10.19 1.74 -4.62
CA GLY A 9 -10.26 2.55 -5.79
C GLY A 9 -9.02 3.37 -5.94
N GLU A 10 -9.16 4.66 -5.88
CA GLU A 10 -8.06 5.57 -6.04
C GLU A 10 -7.92 6.41 -4.80
N ILE A 11 -6.72 6.72 -4.44
CA ILE A 11 -6.46 7.46 -3.25
C ILE A 11 -6.30 8.94 -3.57
N GLY A 12 -7.13 9.73 -3.00
CA GLY A 12 -7.04 11.13 -3.14
C GLY A 12 -6.80 11.74 -1.80
N PRO A 13 -6.44 13.03 -1.74
CA PRO A 13 -6.17 13.73 -0.46
C PRO A 13 -7.40 13.71 0.47
N GLU A 14 -8.55 13.60 -0.16
CA GLU A 14 -9.81 13.57 0.52
C GLU A 14 -10.21 12.15 0.95
N THR A 15 -9.51 11.13 0.46
CA THR A 15 -9.92 9.78 0.76
C THR A 15 -9.00 9.14 1.79
N TYR A 16 -7.69 9.42 1.71
CA TYR A 16 -6.76 8.77 2.63
C TYR A 16 -7.01 9.09 4.09
N SER A 17 -7.59 10.24 4.33
CA SER A 17 -7.97 10.67 5.66
C SER A 17 -8.98 9.67 6.26
N ASP A 18 -9.80 9.06 5.41
CA ASP A 18 -10.85 8.16 5.89
C ASP A 18 -10.21 6.83 6.24
N TYR A 19 -9.19 6.46 5.46
CA TYR A 19 -8.53 5.19 5.64
C TYR A 19 -7.70 5.27 6.90
N MET A 20 -7.24 6.46 7.17
CA MET A 20 -6.41 6.76 8.30
C MET A 20 -7.25 6.86 9.55
N SER A 21 -8.51 7.16 9.38
CA SER A 21 -9.42 7.20 10.48
C SER A 21 -10.10 5.81 10.65
N ALA A 22 -9.90 4.92 9.67
CA ALA A 22 -10.51 3.59 9.70
C ALA A 22 -9.71 2.65 10.60
N GLY A 23 -8.45 2.99 10.84
CA GLY A 23 -7.62 2.21 11.74
C GLY A 23 -7.09 0.95 11.10
N ILE A 24 -7.29 0.81 9.83
CA ILE A 24 -6.87 -0.36 9.10
C ILE A 24 -5.84 0.00 8.05
N PRO A 25 -4.91 -0.95 7.75
CA PRO A 25 -3.82 -0.76 6.79
C PRO A 25 -4.30 -0.26 5.42
N LEU A 26 -3.58 0.68 4.91
CA LEU A 26 -3.89 1.29 3.66
C LEU A 26 -2.88 0.77 2.64
N ALA A 27 -3.36 0.23 1.59
CA ALA A 27 -2.53 -0.26 0.54
C ALA A 27 -2.45 0.77 -0.57
N TYR A 28 -1.31 1.36 -0.69
CA TYR A 28 -1.03 2.37 -1.69
C TYR A 28 -0.53 1.71 -2.90
N ILE A 29 -1.23 1.85 -3.93
CA ILE A 29 -0.83 1.27 -5.14
C ILE A 29 -0.34 2.34 -6.06
N PHE A 30 0.90 2.68 -5.90
CA PHE A 30 1.53 3.63 -6.76
C PHE A 30 1.81 2.95 -8.04
N ALA A 31 1.51 3.59 -9.11
CA ALA A 31 1.83 3.03 -10.43
C ALA A 31 2.10 4.10 -11.43
N GLU A 32 3.31 4.08 -12.00
CA GLU A 32 3.64 5.00 -13.11
C GLU A 32 2.93 4.57 -14.34
N THR A 33 2.69 3.31 -14.40
CA THR A 33 2.21 2.71 -15.58
C THR A 33 0.71 2.71 -15.63
N ALA A 34 0.17 3.61 -16.43
CA ALA A 34 -1.25 3.82 -16.54
C ALA A 34 -1.88 2.77 -17.44
N GLU A 35 -1.07 2.22 -18.34
CA GLU A 35 -1.55 1.25 -19.29
C GLU A 35 -1.90 -0.02 -18.56
N GLU A 36 -0.91 -0.62 -17.94
CA GLU A 36 -1.12 -1.82 -17.21
C GLU A 36 -1.63 -1.57 -15.80
N ARG A 37 -1.90 -0.30 -15.44
CA ARG A 37 -2.46 0.04 -14.11
C ARG A 37 -3.79 -0.65 -13.99
N LYS A 38 -4.45 -0.77 -15.12
CA LYS A 38 -5.73 -1.41 -15.21
C LYS A 38 -5.64 -2.88 -14.76
N GLU A 39 -4.66 -3.61 -15.30
CA GLU A 39 -4.51 -5.00 -14.92
C GLU A 39 -3.76 -5.15 -13.60
N LEU A 40 -2.98 -4.12 -13.25
CA LEU A 40 -2.29 -4.07 -11.99
C LEU A 40 -3.39 -4.10 -10.90
N SER A 41 -4.34 -3.19 -11.04
CA SER A 41 -5.45 -3.10 -10.14
C SER A 41 -6.43 -4.27 -10.31
N ASP A 42 -6.38 -4.89 -11.46
CA ASP A 42 -7.21 -6.07 -11.78
C ASP A 42 -6.91 -7.20 -10.87
N LYS A 43 -5.64 -7.40 -10.59
CA LYS A 43 -5.21 -8.46 -9.69
C LYS A 43 -5.46 -8.01 -8.28
N LEU A 44 -5.40 -6.72 -8.11
CA LEU A 44 -5.61 -6.13 -6.84
C LEU A 44 -7.06 -6.22 -6.41
N LYS A 45 -7.95 -6.34 -7.37
CA LYS A 45 -9.36 -6.43 -7.10
C LYS A 45 -9.72 -7.71 -6.28
N PRO A 46 -9.33 -8.94 -6.72
CA PRO A 46 -9.60 -10.18 -5.99
C PRO A 46 -8.85 -10.25 -4.70
N ILE A 47 -7.54 -9.89 -4.73
CA ILE A 47 -6.80 -9.94 -3.50
C ILE A 47 -7.41 -9.01 -2.49
N ALA A 48 -8.00 -7.93 -2.96
CA ALA A 48 -8.56 -6.95 -2.03
C ALA A 48 -9.97 -7.29 -1.70
N GLU A 49 -10.59 -8.09 -2.50
CA GLU A 49 -11.91 -8.57 -2.23
C GLU A 49 -11.82 -9.50 -1.01
N ALA A 50 -10.63 -10.06 -0.81
CA ALA A 50 -10.37 -10.95 0.30
C ALA A 50 -10.14 -10.17 1.58
N GLN A 51 -9.82 -8.92 1.42
CA GLN A 51 -9.40 -8.06 2.49
C GLN A 51 -10.01 -6.68 2.36
N ARG A 52 -11.21 -6.69 1.87
CA ARG A 52 -11.99 -5.52 1.50
C ARG A 52 -12.42 -4.70 2.70
N GLY A 53 -12.39 -5.32 3.84
CA GLY A 53 -12.77 -4.66 5.05
C GLY A 53 -11.64 -4.62 6.04
N VAL A 54 -10.44 -4.92 5.56
CA VAL A 54 -9.29 -4.88 6.44
C VAL A 54 -8.16 -4.05 5.83
N ILE A 55 -8.04 -4.06 4.51
CA ILE A 55 -7.04 -3.23 3.88
C ILE A 55 -7.71 -2.29 2.88
N ASN A 56 -7.32 -1.01 2.90
CA ASN A 56 -7.88 -0.02 2.02
C ASN A 56 -7.07 -0.01 0.75
N PHE A 57 -7.62 -0.47 -0.34
CA PHE A 57 -6.90 -0.53 -1.60
C PHE A 57 -7.10 0.68 -2.46
N GLY A 58 -6.09 1.48 -2.55
CA GLY A 58 -6.15 2.68 -3.31
C GLY A 58 -4.98 2.87 -4.25
N THR A 59 -5.27 3.21 -5.47
CA THR A 59 -4.27 3.45 -6.47
C THR A 59 -3.88 4.92 -6.51
N ILE A 60 -2.66 5.17 -6.89
CA ILE A 60 -2.15 6.50 -7.00
C ILE A 60 -1.05 6.53 -8.07
N ASP A 61 -0.93 7.62 -8.76
CA ASP A 61 0.07 7.77 -9.83
C ASP A 61 1.47 7.79 -9.25
N ALA A 62 2.36 7.00 -9.79
CA ALA A 62 3.73 7.02 -9.29
C ALA A 62 4.58 7.97 -10.09
N LYS A 63 4.01 8.54 -11.11
CA LYS A 63 4.74 9.43 -11.95
C LYS A 63 4.69 10.84 -11.35
N ALA A 64 3.52 11.29 -11.01
CA ALA A 64 3.35 12.63 -10.50
C ALA A 64 3.24 12.63 -8.98
N PHE A 65 2.56 11.64 -8.43
CA PHE A 65 2.41 11.60 -7.00
C PHE A 65 3.33 10.56 -6.42
N GLY A 66 4.27 10.12 -7.22
CA GLY A 66 5.10 9.01 -6.85
C GLY A 66 6.09 9.29 -5.78
N ALA A 67 6.42 10.55 -5.55
CA ALA A 67 7.36 10.92 -4.51
C ALA A 67 6.82 10.53 -3.14
N HIS A 68 5.49 10.47 -3.06
CA HIS A 68 4.77 10.13 -1.86
C HIS A 68 5.07 8.67 -1.45
N ALA A 69 5.46 7.82 -2.43
CA ALA A 69 5.76 6.40 -2.18
C ALA A 69 6.93 6.29 -1.26
N GLY A 70 7.83 7.19 -1.40
CA GLY A 70 8.95 7.17 -0.51
C GLY A 70 8.90 8.23 0.54
N ASN A 71 7.71 8.76 0.76
CA ASN A 71 7.48 9.59 1.95
C ASN A 71 7.35 8.63 3.09
N LEU A 72 7.02 7.42 2.72
CA LEU A 72 6.90 6.34 3.63
C LEU A 72 8.11 5.39 3.51
N ASN A 73 8.69 5.24 2.28
CA ASN A 73 9.81 4.27 2.11
C ASN A 73 10.48 4.26 0.73
N LEU A 74 9.67 4.02 -0.33
CA LEU A 74 10.22 3.68 -1.66
C LEU A 74 11.14 4.73 -2.30
N LYS A 75 11.87 4.26 -3.28
CA LYS A 75 12.90 5.02 -3.97
C LYS A 75 12.29 5.92 -5.07
N THR A 76 11.01 5.68 -5.31
CA THR A 76 10.09 6.48 -6.20
C THR A 76 10.52 6.54 -7.70
N ASP A 77 11.36 5.64 -8.10
CA ASP A 77 12.00 5.68 -9.41
C ASP A 77 11.60 4.56 -10.36
N LYS A 78 11.03 3.52 -9.86
CA LYS A 78 10.87 2.33 -10.66
C LYS A 78 9.38 1.96 -10.87
N PHE A 79 9.13 0.69 -11.25
CA PHE A 79 7.78 0.15 -11.53
C PHE A 79 6.83 0.35 -10.35
N PRO A 80 5.45 0.21 -10.55
CA PRO A 80 4.46 0.50 -9.52
C PRO A 80 4.86 0.04 -8.11
N ALA A 81 4.74 0.95 -7.20
CA ALA A 81 5.23 0.76 -5.89
C ALA A 81 4.06 0.57 -4.93
N PHE A 82 3.86 -0.64 -4.54
CA PHE A 82 2.79 -0.98 -3.65
C PHE A 82 3.25 -0.84 -2.20
N ALA A 83 2.68 0.11 -1.50
CA ALA A 83 3.09 0.36 -0.13
C ALA A 83 1.94 0.15 0.85
N ILE A 84 2.11 -0.74 1.80
CA ILE A 84 1.09 -0.95 2.80
C ILE A 84 1.40 -0.14 4.03
N GLN A 85 0.60 0.85 4.28
CA GLN A 85 0.78 1.67 5.42
C GLN A 85 -0.19 1.24 6.50
N GLU A 86 0.31 0.97 7.65
CA GLU A 86 -0.50 0.60 8.76
C GLU A 86 -0.96 1.79 9.53
N VAL A 87 -2.18 1.74 9.95
CA VAL A 87 -2.73 2.80 10.75
C VAL A 87 -2.69 2.36 12.22
N ALA A 88 -2.29 1.13 12.45
CA ALA A 88 -2.20 0.64 13.82
C ALA A 88 -0.76 0.41 14.18
N LYS A 89 -0.01 -0.09 13.22
CA LYS A 89 1.40 -0.34 13.42
C LYS A 89 2.20 0.88 13.00
N ASN A 90 1.53 1.78 12.24
CA ASN A 90 2.11 3.01 11.74
C ASN A 90 3.32 2.69 10.87
N GLN A 91 3.24 1.55 10.24
CA GLN A 91 4.34 1.02 9.54
C GLN A 91 4.11 1.06 8.08
N LYS A 92 5.17 0.82 7.41
CA LYS A 92 5.25 0.87 6.04
C LYS A 92 5.73 -0.49 5.60
N PHE A 93 4.82 -1.31 5.18
CA PHE A 93 5.15 -2.62 4.56
C PHE A 93 5.03 -2.47 3.01
N PRO A 94 6.06 -1.96 2.31
CA PRO A 94 6.01 -1.74 0.88
C PRO A 94 6.72 -2.85 0.07
N PHE A 95 6.21 -3.09 -1.10
CA PHE A 95 6.66 -4.12 -1.99
C PHE A 95 7.88 -3.64 -2.78
N ASP A 96 8.61 -4.56 -3.35
CA ASP A 96 9.81 -4.25 -4.13
C ASP A 96 9.39 -3.62 -5.43
N GLN A 97 10.11 -2.62 -5.81
CA GLN A 97 9.77 -1.80 -6.97
C GLN A 97 10.29 -2.46 -8.24
N GLU A 98 10.90 -3.63 -8.10
CA GLU A 98 11.53 -4.32 -9.23
C GLU A 98 11.24 -5.80 -9.20
N LYS A 99 10.31 -6.19 -8.39
CA LYS A 99 9.99 -7.57 -8.22
C LYS A 99 8.89 -7.97 -9.20
N GLU A 100 8.33 -6.96 -9.87
CA GLU A 100 7.24 -7.10 -10.82
C GLU A 100 5.94 -7.48 -10.12
N ILE A 101 4.98 -6.62 -10.24
CA ILE A 101 3.72 -6.76 -9.57
C ILE A 101 2.79 -7.64 -10.39
N THR A 102 2.30 -8.66 -9.75
CA THR A 102 1.34 -9.57 -10.29
C THR A 102 0.35 -9.86 -9.17
N PHE A 103 -0.71 -10.61 -9.47
CA PHE A 103 -1.69 -10.97 -8.42
C PHE A 103 -1.01 -11.62 -7.28
N GLU A 104 -0.40 -12.71 -7.61
CA GLU A 104 0.18 -13.62 -6.76
C GLU A 104 1.29 -13.00 -5.96
N ALA A 105 2.07 -12.17 -6.60
CA ALA A 105 3.16 -11.51 -5.95
C ALA A 105 2.66 -10.61 -4.82
N ILE A 106 1.61 -9.85 -5.10
CA ILE A 106 1.02 -8.96 -4.12
C ILE A 106 0.27 -9.74 -3.08
N LYS A 107 -0.43 -10.74 -3.54
CA LYS A 107 -1.19 -11.64 -2.69
C LYS A 107 -0.26 -12.24 -1.66
N ALA A 108 0.83 -12.78 -2.14
CA ALA A 108 1.84 -13.42 -1.28
C ALA A 108 2.42 -12.43 -0.27
N PHE A 109 2.62 -11.21 -0.71
CA PHE A 109 3.15 -10.14 0.10
C PHE A 109 2.13 -9.73 1.17
N VAL A 110 0.94 -9.31 0.77
CA VAL A 110 -0.07 -8.84 1.73
C VAL A 110 -0.43 -9.94 2.73
N ASP A 111 -0.39 -11.19 2.26
CA ASP A 111 -0.62 -12.40 3.05
C ASP A 111 0.36 -12.44 4.18
N ASP A 112 1.60 -12.33 3.79
CA ASP A 112 2.74 -12.38 4.71
C ASP A 112 2.59 -11.25 5.69
N PHE A 113 2.24 -10.11 5.19
CA PHE A 113 2.02 -8.93 6.02
C PHE A 113 0.92 -9.15 7.06
N VAL A 114 -0.28 -9.38 6.57
CA VAL A 114 -1.47 -9.51 7.41
C VAL A 114 -1.39 -10.74 8.32
N ALA A 115 -0.56 -11.70 7.98
CA ALA A 115 -0.37 -12.86 8.83
C ALA A 115 0.52 -12.50 10.00
N GLY A 116 1.47 -11.65 9.74
CA GLY A 116 2.41 -11.25 10.76
C GLY A 116 3.75 -11.81 10.42
N LYS A 117 3.94 -11.95 9.15
CA LYS A 117 5.09 -12.53 8.59
C LYS A 117 6.00 -11.43 8.07
N ILE A 118 5.44 -10.46 7.37
CA ILE A 118 6.22 -9.30 7.00
C ILE A 118 6.34 -8.44 8.24
N GLU A 119 7.46 -7.86 8.39
CA GLU A 119 7.76 -7.08 9.55
C GLU A 119 8.17 -5.68 9.10
N PRO A 120 8.25 -4.68 10.02
CA PRO A 120 8.69 -3.32 9.72
C PRO A 120 9.86 -3.28 8.73
N SER A 121 9.61 -2.65 7.59
CA SER A 121 10.59 -2.55 6.53
C SER A 121 11.82 -1.79 7.04
N ILE A 122 11.59 -0.67 7.70
CA ILE A 122 12.67 0.13 8.24
C ILE A 122 12.29 0.66 9.60
N LYS A 123 11.14 1.34 9.65
CA LYS A 123 10.65 1.99 10.83
C LYS A 123 11.68 3.02 11.31
N SER A 124 11.78 4.10 10.56
CA SER A 124 12.71 5.14 10.87
C SER A 124 12.14 6.02 11.97
N GLU A 125 12.40 5.62 13.18
CA GLU A 125 11.96 6.29 14.36
C GLU A 125 13.11 6.17 15.35
N PRO A 126 13.97 7.17 15.41
CA PRO A 126 15.17 7.13 16.22
C PRO A 126 14.87 7.34 17.70
N ILE A 127 15.86 7.23 18.51
CA ILE A 127 15.68 7.44 19.93
C ILE A 127 16.52 8.63 20.41
N PRO A 128 15.98 9.84 20.32
CA PRO A 128 16.66 11.02 20.71
C PRO A 128 16.32 11.43 22.14
N GLU A 129 17.12 12.29 22.66
CA GLU A 129 16.89 12.85 23.96
C GLU A 129 16.83 14.36 23.84
N LYS A 130 15.75 14.94 24.37
CA LYS A 130 15.55 16.40 24.42
C LYS A 130 15.48 17.05 23.02
N GLN A 131 15.20 16.25 22.01
CA GLN A 131 15.13 16.76 20.64
C GLN A 131 13.80 16.40 20.03
N GLU A 132 13.49 17.07 18.94
CA GLU A 132 12.27 16.86 18.15
C GLU A 132 11.03 17.34 18.89
N GLY A 133 10.42 18.33 18.33
CA GLY A 133 9.29 18.95 18.93
C GLY A 133 9.36 20.44 18.76
N GLY A 1 -30.98 0.11 -4.66
CA GLY A 1 -30.12 0.43 -3.53
C GLY A 1 -28.66 0.20 -3.88
N PRO A 2 -27.74 1.06 -3.39
CA PRO A 2 -26.30 0.91 -3.64
C PRO A 2 -25.73 -0.31 -2.93
N LEU A 3 -25.37 -1.30 -3.70
CA LEU A 3 -24.74 -2.48 -3.17
C LEU A 3 -23.78 -3.04 -4.18
N GLY A 4 -22.61 -2.53 -4.12
CA GLY A 4 -21.50 -2.90 -4.96
C GLY A 4 -20.44 -1.92 -4.68
N SER A 5 -20.22 -1.73 -3.40
CA SER A 5 -19.41 -0.70 -2.86
C SER A 5 -17.94 -1.09 -2.83
N PRO A 6 -17.10 -0.41 -3.60
CA PRO A 6 -15.68 -0.58 -3.52
C PRO A 6 -15.12 0.44 -2.52
N LEU A 7 -14.75 -0.03 -1.35
CA LEU A 7 -14.20 0.84 -0.33
C LEU A 7 -12.78 1.21 -0.70
N ILE A 8 -12.15 0.30 -1.39
CA ILE A 8 -10.81 0.46 -1.86
C ILE A 8 -10.88 0.83 -3.34
N GLY A 9 -9.84 1.39 -3.87
CA GLY A 9 -9.83 1.76 -5.25
C GLY A 9 -8.71 2.68 -5.59
N GLU A 10 -8.93 3.93 -5.36
CA GLU A 10 -7.98 4.95 -5.73
C GLU A 10 -7.65 5.82 -4.53
N ILE A 11 -6.45 6.30 -4.47
CA ILE A 11 -6.08 7.20 -3.42
C ILE A 11 -6.07 8.60 -3.98
N GLY A 12 -6.88 9.42 -3.43
CA GLY A 12 -6.94 10.78 -3.81
C GLY A 12 -6.92 11.62 -2.57
N PRO A 13 -6.87 12.95 -2.71
CA PRO A 13 -6.80 13.88 -1.56
C PRO A 13 -8.01 13.77 -0.64
N GLU A 14 -9.08 13.18 -1.14
CA GLU A 14 -10.27 13.06 -0.37
C GLU A 14 -10.46 11.64 0.16
N THR A 15 -9.70 10.67 -0.33
CA THR A 15 -9.94 9.29 0.06
C THR A 15 -8.95 8.80 1.09
N TYR A 16 -7.72 9.28 1.04
CA TYR A 16 -6.72 8.79 1.96
C TYR A 16 -7.06 9.04 3.41
N SER A 17 -7.72 10.14 3.66
CA SER A 17 -8.19 10.51 4.97
C SER A 17 -9.14 9.44 5.52
N ASP A 18 -9.87 8.77 4.64
CA ASP A 18 -10.86 7.76 5.06
C ASP A 18 -10.16 6.49 5.39
N TYR A 19 -9.11 6.20 4.63
CA TYR A 19 -8.38 4.98 4.82
C TYR A 19 -7.59 5.09 6.09
N MET A 20 -7.24 6.30 6.40
CA MET A 20 -6.50 6.63 7.58
C MET A 20 -7.43 6.60 8.78
N SER A 21 -8.64 7.06 8.57
CA SER A 21 -9.62 7.15 9.63
C SER A 21 -10.24 5.78 9.91
N ALA A 22 -9.96 4.80 9.04
CA ALA A 22 -10.48 3.46 9.22
C ALA A 22 -9.71 2.75 10.34
N GLY A 23 -8.42 3.02 10.44
CA GLY A 23 -7.60 2.41 11.46
C GLY A 23 -6.90 1.19 10.97
N ILE A 24 -7.36 0.69 9.86
CA ILE A 24 -6.79 -0.48 9.22
C ILE A 24 -5.76 -0.05 8.18
N PRO A 25 -4.78 -0.93 7.88
CA PRO A 25 -3.69 -0.65 6.91
C PRO A 25 -4.16 -0.21 5.51
N LEU A 26 -3.40 0.66 4.91
CA LEU A 26 -3.67 1.18 3.60
C LEU A 26 -2.65 0.58 2.66
N ALA A 27 -3.11 0.00 1.62
CA ALA A 27 -2.27 -0.54 0.60
C ALA A 27 -2.16 0.45 -0.54
N TYR A 28 -1.03 1.06 -0.63
CA TYR A 28 -0.73 2.06 -1.62
C TYR A 28 -0.22 1.41 -2.84
N ILE A 29 -0.87 1.61 -3.91
CA ILE A 29 -0.39 1.07 -5.12
C ILE A 29 0.07 2.18 -5.99
N PHE A 30 1.31 2.53 -5.84
CA PHE A 30 1.91 3.55 -6.65
C PHE A 30 2.23 2.98 -7.95
N ALA A 31 1.55 3.37 -8.89
CA ALA A 31 1.79 2.88 -10.20
C ALA A 31 2.12 4.00 -11.10
N GLU A 32 3.31 3.95 -11.65
CA GLU A 32 3.76 4.95 -12.58
C GLU A 32 2.97 4.80 -13.84
N THR A 33 2.59 3.59 -14.05
CA THR A 33 1.90 3.20 -15.18
C THR A 33 0.48 3.68 -15.07
N ALA A 34 0.07 4.50 -15.99
CA ALA A 34 -1.23 5.09 -15.92
C ALA A 34 -2.20 4.36 -16.80
N GLU A 35 -1.69 3.60 -17.72
CA GLU A 35 -2.54 2.97 -18.70
C GLU A 35 -2.81 1.53 -18.29
N GLU A 36 -1.73 0.84 -18.05
CA GLU A 36 -1.73 -0.56 -17.74
C GLU A 36 -1.92 -0.78 -16.25
N ARG A 37 -2.20 0.30 -15.52
CA ARG A 37 -2.43 0.20 -14.10
C ARG A 37 -3.74 -0.45 -13.82
N LYS A 38 -4.59 -0.52 -14.82
CA LYS A 38 -5.89 -1.10 -14.64
C LYS A 38 -5.72 -2.59 -14.43
N GLU A 39 -4.90 -3.22 -15.26
CA GLU A 39 -4.57 -4.63 -15.14
C GLU A 39 -3.80 -4.87 -13.84
N LEU A 40 -2.97 -3.90 -13.48
CA LEU A 40 -2.21 -3.94 -12.25
C LEU A 40 -3.22 -4.02 -11.07
N SER A 41 -4.20 -3.12 -11.12
CA SER A 41 -5.24 -3.03 -10.11
C SER A 41 -6.27 -4.16 -10.27
N ASP A 42 -6.18 -4.87 -11.37
CA ASP A 42 -7.07 -5.98 -11.66
C ASP A 42 -6.67 -7.18 -10.91
N LYS A 43 -5.38 -7.38 -10.75
CA LYS A 43 -4.89 -8.46 -9.90
C LYS A 43 -5.15 -8.08 -8.45
N LEU A 44 -5.05 -6.79 -8.23
CA LEU A 44 -5.25 -6.25 -6.96
C LEU A 44 -6.71 -6.23 -6.55
N LYS A 45 -7.57 -6.28 -7.53
CA LYS A 45 -9.00 -6.18 -7.31
C LYS A 45 -9.56 -7.40 -6.52
N PRO A 46 -9.27 -8.68 -6.91
CA PRO A 46 -9.77 -9.82 -6.18
C PRO A 46 -8.96 -10.05 -4.96
N ILE A 47 -7.62 -9.74 -5.04
CA ILE A 47 -6.81 -9.90 -3.88
C ILE A 47 -7.34 -8.96 -2.80
N ALA A 48 -7.92 -7.85 -3.23
CA ALA A 48 -8.40 -6.86 -2.28
C ALA A 48 -9.82 -7.09 -1.94
N GLU A 49 -10.54 -7.82 -2.77
CA GLU A 49 -11.87 -8.19 -2.47
C GLU A 49 -11.83 -9.23 -1.34
N ALA A 50 -10.66 -9.82 -1.18
CA ALA A 50 -10.41 -10.81 -0.15
C ALA A 50 -10.10 -10.13 1.17
N GLN A 51 -9.82 -8.86 1.10
CA GLN A 51 -9.36 -8.10 2.21
C GLN A 51 -9.86 -6.66 2.15
N ARG A 52 -11.07 -6.55 1.66
CA ARG A 52 -11.76 -5.30 1.38
C ARG A 52 -12.21 -4.63 2.68
N GLY A 53 -12.29 -5.41 3.71
CA GLY A 53 -12.68 -4.91 4.99
C GLY A 53 -11.56 -4.98 5.98
N VAL A 54 -10.34 -5.06 5.49
CA VAL A 54 -9.19 -5.10 6.37
C VAL A 54 -8.02 -4.27 5.83
N ILE A 55 -7.87 -4.20 4.53
CA ILE A 55 -6.83 -3.37 3.95
C ILE A 55 -7.44 -2.40 2.94
N ASN A 56 -7.04 -1.15 3.03
CA ASN A 56 -7.58 -0.13 2.15
C ASN A 56 -6.72 -0.03 0.93
N PHE A 57 -7.10 -0.65 -0.13
CA PHE A 57 -6.35 -0.52 -1.37
C PHE A 57 -6.64 0.79 -2.04
N GLY A 58 -5.63 1.44 -2.41
CA GLY A 58 -5.72 2.65 -3.12
C GLY A 58 -4.63 2.76 -4.15
N THR A 59 -5.01 2.95 -5.35
CA THR A 59 -4.08 3.14 -6.41
C THR A 59 -3.71 4.62 -6.51
N ILE A 60 -2.45 4.88 -6.68
CA ILE A 60 -1.96 6.23 -6.73
C ILE A 60 -0.88 6.33 -7.80
N ASP A 61 -0.82 7.45 -8.44
CA ASP A 61 0.10 7.66 -9.53
C ASP A 61 1.52 7.82 -9.01
N ALA A 62 2.44 7.03 -9.54
CA ALA A 62 3.84 7.10 -9.08
C ALA A 62 4.64 8.18 -9.80
N LYS A 63 4.01 8.88 -10.70
CA LYS A 63 4.69 9.93 -11.42
C LYS A 63 4.29 11.27 -10.84
N ALA A 64 3.01 11.42 -10.55
CA ALA A 64 2.50 12.65 -10.04
C ALA A 64 2.65 12.68 -8.54
N PHE A 65 2.19 11.64 -7.87
CA PHE A 65 2.24 11.62 -6.45
C PHE A 65 3.22 10.57 -5.96
N GLY A 66 4.11 10.14 -6.83
CA GLY A 66 5.01 9.05 -6.52
C GLY A 66 5.98 9.33 -5.41
N ALA A 67 6.24 10.60 -5.16
CA ALA A 67 7.11 11.03 -4.07
C ALA A 67 6.65 10.42 -2.74
N HIS A 68 5.33 10.30 -2.59
CA HIS A 68 4.73 9.78 -1.37
C HIS A 68 5.13 8.33 -1.08
N ALA A 69 5.55 7.60 -2.13
CA ALA A 69 5.95 6.19 -1.99
C ALA A 69 7.17 6.11 -1.14
N GLY A 70 8.03 7.04 -1.34
CA GLY A 70 9.21 7.04 -0.52
C GLY A 70 9.22 8.07 0.54
N ASN A 71 8.11 8.76 0.70
CA ASN A 71 7.91 9.56 1.91
C ASN A 71 7.76 8.57 3.03
N LEU A 72 7.16 7.44 2.67
CA LEU A 72 7.01 6.37 3.58
C LEU A 72 8.25 5.43 3.49
N ASN A 73 8.81 5.22 2.25
CA ASN A 73 9.95 4.27 2.11
C ASN A 73 10.65 4.25 0.74
N LEU A 74 9.88 3.92 -0.31
CA LEU A 74 10.42 3.56 -1.64
C LEU A 74 11.33 4.60 -2.30
N LYS A 75 11.98 4.19 -3.35
CA LYS A 75 12.96 5.00 -4.04
C LYS A 75 12.29 5.97 -5.05
N THR A 76 11.04 5.66 -5.35
CA THR A 76 10.13 6.44 -6.25
C THR A 76 10.66 6.57 -7.70
N ASP A 77 11.53 5.66 -8.08
CA ASP A 77 12.23 5.74 -9.35
C ASP A 77 11.76 4.73 -10.37
N LYS A 78 11.18 3.64 -9.93
CA LYS A 78 10.93 2.55 -10.82
C LYS A 78 9.42 2.45 -11.17
N PHE A 79 9.01 1.28 -11.66
CA PHE A 79 7.64 0.99 -12.10
C PHE A 79 6.74 0.84 -10.82
N PRO A 80 5.40 0.39 -10.90
CA PRO A 80 4.56 0.35 -9.70
C PRO A 80 5.19 -0.29 -8.47
N ALA A 81 5.03 0.40 -7.38
CA ALA A 81 5.57 0.04 -6.11
C ALA A 81 4.42 -0.02 -5.11
N PHE A 82 4.27 -1.15 -4.50
CA PHE A 82 3.18 -1.38 -3.58
C PHE A 82 3.65 -1.15 -2.14
N ALA A 83 3.07 -0.19 -1.46
CA ALA A 83 3.45 0.11 -0.10
C ALA A 83 2.30 -0.06 0.86
N ILE A 84 2.47 -0.90 1.85
CA ILE A 84 1.44 -1.07 2.85
C ILE A 84 1.73 -0.18 4.03
N GLN A 85 0.86 0.76 4.27
CA GLN A 85 1.01 1.61 5.40
C GLN A 85 0.00 1.24 6.45
N GLU A 86 0.46 0.92 7.60
CA GLU A 86 -0.42 0.61 8.69
C GLU A 86 -0.93 1.86 9.32
N VAL A 87 -2.13 1.79 9.84
CA VAL A 87 -2.67 2.87 10.61
C VAL A 87 -2.81 2.41 12.06
N ALA A 88 -2.43 1.15 12.26
CA ALA A 88 -2.50 0.54 13.57
C ALA A 88 -1.25 0.87 14.35
N LYS A 89 -0.12 0.52 13.80
CA LYS A 89 1.15 0.82 14.42
C LYS A 89 1.88 1.85 13.61
N ASN A 90 1.33 2.09 12.42
CA ASN A 90 1.87 3.03 11.44
C ASN A 90 3.19 2.50 10.94
N GLN A 91 3.13 1.67 9.94
CA GLN A 91 4.29 1.05 9.43
C GLN A 91 4.25 0.99 7.98
N LYS A 92 5.38 0.75 7.43
CA LYS A 92 5.61 0.75 6.08
C LYS A 92 6.09 -0.62 5.68
N PHE A 93 5.17 -1.42 5.24
CA PHE A 93 5.50 -2.75 4.65
C PHE A 93 5.42 -2.62 3.09
N PRO A 94 6.47 -2.14 2.40
CA PRO A 94 6.44 -1.94 0.97
C PRO A 94 7.16 -3.05 0.15
N PHE A 95 6.59 -3.31 -0.97
CA PHE A 95 6.97 -4.36 -1.90
C PHE A 95 8.08 -3.83 -2.82
N ASP A 96 8.63 -4.71 -3.64
CA ASP A 96 9.65 -4.33 -4.62
C ASP A 96 9.05 -3.43 -5.64
N GLN A 97 9.85 -2.56 -6.15
CA GLN A 97 9.41 -1.58 -7.13
C GLN A 97 9.72 -2.12 -8.53
N GLU A 98 10.26 -3.34 -8.57
CA GLU A 98 10.75 -3.90 -9.82
C GLU A 98 10.63 -5.40 -9.84
N LYS A 99 9.73 -5.93 -9.05
CA LYS A 99 9.57 -7.34 -9.03
C LYS A 99 8.52 -7.73 -10.06
N GLU A 100 7.26 -7.60 -9.67
CA GLU A 100 6.12 -7.98 -10.48
C GLU A 100 4.92 -7.86 -9.61
N ILE A 101 3.98 -7.08 -10.02
CA ILE A 101 2.78 -6.95 -9.27
C ILE A 101 1.71 -7.83 -9.89
N THR A 102 1.61 -8.99 -9.35
CA THR A 102 0.61 -9.92 -9.74
C THR A 102 -0.19 -10.28 -8.52
N PHE A 103 -1.31 -10.96 -8.73
CA PHE A 103 -2.25 -11.31 -7.67
C PHE A 103 -1.53 -12.01 -6.57
N GLU A 104 -0.96 -13.10 -6.94
CA GLU A 104 -0.37 -14.00 -6.11
C GLU A 104 0.91 -13.48 -5.49
N ALA A 105 1.56 -12.58 -6.16
CA ALA A 105 2.77 -12.01 -5.64
C ALA A 105 2.43 -11.02 -4.53
N ILE A 106 1.44 -10.21 -4.79
CA ILE A 106 0.96 -9.22 -3.84
C ILE A 106 0.28 -9.92 -2.70
N LYS A 107 -0.46 -10.95 -3.04
CA LYS A 107 -1.16 -11.78 -2.09
C LYS A 107 -0.16 -12.32 -1.11
N ALA A 108 0.89 -12.92 -1.66
CA ALA A 108 1.97 -13.52 -0.85
C ALA A 108 2.54 -12.51 0.14
N PHE A 109 2.74 -11.31 -0.33
CA PHE A 109 3.27 -10.24 0.45
C PHE A 109 2.27 -9.81 1.53
N VAL A 110 1.08 -9.39 1.14
CA VAL A 110 0.10 -8.89 2.11
C VAL A 110 -0.28 -9.97 3.13
N ASP A 111 -0.29 -11.23 2.69
CA ASP A 111 -0.57 -12.40 3.53
C ASP A 111 0.43 -12.46 4.62
N ASP A 112 1.66 -12.37 4.20
CA ASP A 112 2.82 -12.40 5.07
C ASP A 112 2.68 -11.26 6.04
N PHE A 113 2.38 -10.13 5.55
CA PHE A 113 2.18 -8.94 6.36
C PHE A 113 1.08 -9.14 7.42
N VAL A 114 -0.12 -9.31 6.96
CA VAL A 114 -1.30 -9.40 7.82
C VAL A 114 -1.25 -10.60 8.77
N ALA A 115 -0.50 -11.63 8.42
CA ALA A 115 -0.36 -12.77 9.31
C ALA A 115 0.61 -12.44 10.42
N GLY A 116 1.61 -11.67 10.09
CA GLY A 116 2.61 -11.29 11.08
C GLY A 116 3.91 -11.93 10.70
N LYS A 117 4.06 -12.07 9.42
CA LYS A 117 5.17 -12.68 8.81
C LYS A 117 6.10 -11.60 8.30
N ILE A 118 5.55 -10.56 7.69
CA ILE A 118 6.34 -9.38 7.37
C ILE A 118 6.38 -8.50 8.62
N GLU A 119 7.47 -7.83 8.81
CA GLU A 119 7.67 -6.98 9.95
C GLU A 119 8.27 -5.64 9.49
N PRO A 120 8.32 -4.59 10.37
CA PRO A 120 8.89 -3.26 10.04
C PRO A 120 10.20 -3.35 9.26
N SER A 121 10.25 -2.69 8.12
CA SER A 121 11.42 -2.75 7.29
C SER A 121 12.39 -1.59 7.60
N ILE A 122 11.87 -0.46 8.06
CA ILE A 122 12.72 0.69 8.37
C ILE A 122 12.51 1.20 9.78
N LYS A 123 11.28 1.50 10.10
CA LYS A 123 10.94 2.02 11.39
C LYS A 123 10.61 0.88 12.33
N SER A 124 11.64 0.16 12.70
CA SER A 124 11.50 -0.96 13.59
C SER A 124 11.55 -0.46 15.02
N GLU A 125 10.49 0.17 15.42
CA GLU A 125 10.37 0.76 16.70
C GLU A 125 8.96 0.60 17.23
N PRO A 126 8.70 -0.49 17.93
CA PRO A 126 7.39 -0.73 18.48
C PRO A 126 7.22 0.01 19.80
N ILE A 127 6.01 0.07 20.29
CA ILE A 127 5.75 0.67 21.57
C ILE A 127 5.34 -0.43 22.53
N PRO A 128 6.31 -1.03 23.21
CA PRO A 128 6.05 -2.14 24.09
C PRO A 128 5.63 -1.70 25.48
N GLU A 129 4.89 -2.57 26.12
CA GLU A 129 4.44 -2.46 27.50
C GLU A 129 3.40 -1.34 27.69
N LYS A 130 2.54 -1.50 28.67
CA LYS A 130 1.53 -0.51 28.89
C LYS A 130 1.98 0.60 29.83
N GLN A 131 2.80 1.43 29.26
CA GLN A 131 3.33 2.61 29.85
C GLN A 131 3.76 3.50 28.72
N GLU A 132 3.69 4.79 28.91
CA GLU A 132 4.03 5.73 27.87
C GLU A 132 4.94 6.80 28.43
N GLY A 133 5.97 7.12 27.72
CA GLY A 133 6.88 8.13 28.15
C GLY A 133 6.84 9.29 27.21
N GLY A 1 -21.99 -4.98 1.04
CA GLY A 1 -20.67 -4.36 0.93
C GLY A 1 -20.79 -2.93 0.47
N PRO A 2 -19.92 -2.47 -0.46
CA PRO A 2 -19.96 -1.11 -1.00
C PRO A 2 -21.31 -0.78 -1.63
N LEU A 3 -21.87 0.35 -1.24
CA LEU A 3 -23.19 0.73 -1.71
C LEU A 3 -23.15 1.38 -3.09
N GLY A 4 -22.45 2.48 -3.21
CA GLY A 4 -22.42 3.20 -4.46
C GLY A 4 -21.30 2.77 -5.36
N SER A 5 -20.11 2.79 -4.84
CA SER A 5 -18.95 2.45 -5.59
C SER A 5 -18.05 1.60 -4.71
N PRO A 6 -17.16 0.76 -5.31
CA PRO A 6 -16.18 -0.02 -4.56
C PRO A 6 -15.37 0.89 -3.64
N LEU A 7 -15.16 0.45 -2.43
CA LEU A 7 -14.49 1.28 -1.44
C LEU A 7 -13.02 1.41 -1.75
N ILE A 8 -12.35 0.31 -1.89
CA ILE A 8 -10.95 0.34 -2.17
C ILE A 8 -10.78 0.36 -3.68
N GLY A 9 -9.71 0.91 -4.14
CA GLY A 9 -9.50 0.96 -5.55
C GLY A 9 -8.58 2.05 -5.93
N GLU A 10 -9.03 3.25 -5.79
CA GLU A 10 -8.25 4.42 -6.15
C GLU A 10 -8.18 5.37 -4.98
N ILE A 11 -7.08 6.08 -4.87
CA ILE A 11 -6.93 7.06 -3.85
C ILE A 11 -6.68 8.42 -4.42
N GLY A 12 -7.03 9.38 -3.64
CA GLY A 12 -6.83 10.74 -3.94
C GLY A 12 -6.71 11.47 -2.63
N PRO A 13 -6.44 12.78 -2.64
CA PRO A 13 -6.26 13.58 -1.42
C PRO A 13 -7.47 13.52 -0.47
N GLU A 14 -8.63 13.30 -1.01
CA GLU A 14 -9.85 13.30 -0.23
C GLU A 14 -10.16 11.91 0.34
N THR A 15 -9.59 10.88 -0.24
CA THR A 15 -10.03 9.56 0.10
C THR A 15 -9.14 8.89 1.12
N TYR A 16 -7.82 9.14 1.04
CA TYR A 16 -6.91 8.44 1.92
C TYR A 16 -7.15 8.76 3.40
N SER A 17 -7.65 9.96 3.65
CA SER A 17 -7.98 10.40 4.99
C SER A 17 -9.09 9.51 5.61
N ASP A 18 -9.89 8.88 4.77
CA ASP A 18 -10.97 8.01 5.23
C ASP A 18 -10.41 6.68 5.66
N TYR A 19 -9.43 6.21 4.93
CA TYR A 19 -8.84 4.93 5.19
C TYR A 19 -7.95 5.08 6.40
N MET A 20 -7.47 6.29 6.56
CA MET A 20 -6.68 6.66 7.70
C MET A 20 -7.58 6.71 8.93
N SER A 21 -8.81 7.13 8.71
CA SER A 21 -9.80 7.24 9.76
C SER A 21 -10.31 5.83 10.15
N ALA A 22 -10.12 4.86 9.26
CA ALA A 22 -10.58 3.52 9.50
C ALA A 22 -9.66 2.81 10.49
N GLY A 23 -8.39 3.21 10.47
CA GLY A 23 -7.42 2.65 11.40
C GLY A 23 -6.71 1.45 10.83
N ILE A 24 -7.35 0.82 9.88
CA ILE A 24 -6.82 -0.37 9.24
C ILE A 24 -5.80 -0.02 8.15
N PRO A 25 -4.85 -0.94 7.87
CA PRO A 25 -3.77 -0.74 6.89
C PRO A 25 -4.26 -0.32 5.49
N LEU A 26 -3.56 0.63 4.92
CA LEU A 26 -3.88 1.13 3.62
C LEU A 26 -2.84 0.60 2.66
N ALA A 27 -3.28 -0.02 1.62
CA ALA A 27 -2.43 -0.53 0.61
C ALA A 27 -2.37 0.46 -0.55
N TYR A 28 -1.28 1.15 -0.62
CA TYR A 28 -1.02 2.15 -1.63
C TYR A 28 -0.45 1.50 -2.83
N ILE A 29 -1.10 1.64 -3.92
CA ILE A 29 -0.57 1.11 -5.11
C ILE A 29 -0.14 2.22 -6.01
N PHE A 30 1.08 2.56 -5.93
CA PHE A 30 1.66 3.57 -6.74
C PHE A 30 1.98 2.98 -8.04
N ALA A 31 1.53 3.57 -9.05
CA ALA A 31 1.85 3.09 -10.38
C ALA A 31 2.05 4.25 -11.31
N GLU A 32 3.23 4.33 -11.92
CA GLU A 32 3.49 5.35 -12.91
C GLU A 32 2.75 4.99 -14.16
N THR A 33 2.43 3.73 -14.24
CA THR A 33 1.71 3.19 -15.31
C THR A 33 0.21 3.33 -15.06
N ALA A 34 -0.31 4.48 -15.40
CA ALA A 34 -1.69 4.79 -15.17
C ALA A 34 -2.50 4.32 -16.35
N GLU A 35 -1.82 4.24 -17.47
CA GLU A 35 -2.37 3.84 -18.75
C GLU A 35 -2.86 2.40 -18.65
N GLU A 36 -2.13 1.64 -17.88
CA GLU A 36 -2.42 0.25 -17.70
C GLU A 36 -2.80 -0.06 -16.26
N ARG A 37 -3.09 1.00 -15.44
CA ARG A 37 -3.36 0.80 -14.00
C ARG A 37 -4.53 -0.15 -13.81
N LYS A 38 -5.44 -0.19 -14.78
CA LYS A 38 -6.62 -1.04 -14.76
C LYS A 38 -6.26 -2.48 -14.43
N GLU A 39 -5.29 -3.02 -15.13
CA GLU A 39 -4.98 -4.40 -14.97
C GLU A 39 -4.02 -4.65 -13.86
N LEU A 40 -3.22 -3.65 -13.51
CA LEU A 40 -2.34 -3.73 -12.36
C LEU A 40 -3.30 -3.87 -11.12
N SER A 41 -4.32 -3.03 -11.13
CA SER A 41 -5.34 -3.00 -10.10
C SER A 41 -6.26 -4.22 -10.23
N ASP A 42 -6.23 -4.85 -11.37
CA ASP A 42 -7.02 -6.03 -11.64
C ASP A 42 -6.52 -7.21 -10.89
N LYS A 43 -5.19 -7.38 -10.80
CA LYS A 43 -4.65 -8.46 -9.94
C LYS A 43 -5.01 -8.10 -8.50
N LEU A 44 -4.93 -6.81 -8.27
CA LEU A 44 -5.12 -6.26 -6.98
C LEU A 44 -6.56 -6.31 -6.52
N LYS A 45 -7.47 -6.46 -7.46
CA LYS A 45 -8.89 -6.46 -7.15
C LYS A 45 -9.26 -7.68 -6.30
N PRO A 46 -8.96 -8.93 -6.75
CA PRO A 46 -9.25 -10.14 -5.99
C PRO A 46 -8.43 -10.18 -4.74
N ILE A 47 -7.16 -9.74 -4.87
CA ILE A 47 -6.29 -9.67 -3.70
C ILE A 47 -6.96 -8.87 -2.60
N ALA A 48 -7.65 -7.83 -3.00
CA ALA A 48 -8.25 -6.91 -2.04
C ALA A 48 -9.67 -7.29 -1.75
N GLU A 49 -10.24 -8.09 -2.59
CA GLU A 49 -11.56 -8.55 -2.44
C GLU A 49 -11.56 -9.61 -1.34
N ALA A 50 -10.37 -10.12 -1.04
CA ALA A 50 -10.17 -11.09 0.03
C ALA A 50 -10.00 -10.38 1.36
N GLN A 51 -9.66 -9.12 1.28
CA GLN A 51 -9.28 -8.31 2.41
C GLN A 51 -9.90 -6.94 2.31
N ARG A 52 -11.12 -6.97 1.81
CA ARG A 52 -11.93 -5.82 1.45
C ARG A 52 -12.32 -4.97 2.66
N GLY A 53 -12.35 -5.58 3.80
CA GLY A 53 -12.71 -4.88 4.99
C GLY A 53 -11.60 -4.81 5.98
N VAL A 54 -10.43 -5.21 5.57
CA VAL A 54 -9.29 -5.17 6.46
C VAL A 54 -8.16 -4.32 5.89
N ILE A 55 -8.01 -4.33 4.58
CA ILE A 55 -6.98 -3.48 3.98
C ILE A 55 -7.61 -2.54 2.96
N ASN A 56 -7.23 -1.27 3.02
CA ASN A 56 -7.78 -0.27 2.15
C ASN A 56 -6.91 -0.12 0.94
N PHE A 57 -7.30 -0.66 -0.16
CA PHE A 57 -6.54 -0.48 -1.39
C PHE A 57 -6.84 0.86 -2.04
N GLY A 58 -5.82 1.45 -2.52
CA GLY A 58 -5.88 2.73 -3.18
C GLY A 58 -4.78 2.85 -4.21
N THR A 59 -5.13 2.89 -5.46
CA THR A 59 -4.17 3.10 -6.49
C THR A 59 -3.90 4.58 -6.67
N ILE A 60 -2.65 4.93 -6.72
CA ILE A 60 -2.22 6.28 -6.81
C ILE A 60 -1.19 6.38 -7.91
N ASP A 61 -1.20 7.48 -8.58
CA ASP A 61 -0.34 7.71 -9.69
C ASP A 61 1.06 7.93 -9.19
N ALA A 62 1.99 7.16 -9.66
CA ALA A 62 3.35 7.31 -9.20
C ALA A 62 4.13 8.23 -10.12
N LYS A 63 3.46 8.76 -11.09
CA LYS A 63 4.06 9.68 -12.01
C LYS A 63 3.68 11.10 -11.61
N ALA A 64 2.50 11.22 -11.04
CA ALA A 64 2.00 12.47 -10.56
C ALA A 64 2.25 12.63 -9.07
N PHE A 65 1.98 11.59 -8.28
CA PHE A 65 2.17 11.66 -6.85
C PHE A 65 3.17 10.63 -6.36
N GLY A 66 4.07 10.21 -7.21
CA GLY A 66 4.92 9.08 -6.89
C GLY A 66 5.94 9.31 -5.83
N ALA A 67 6.21 10.55 -5.50
CA ALA A 67 7.17 10.88 -4.46
C ALA A 67 6.75 10.24 -3.15
N HIS A 68 5.44 10.20 -2.95
CA HIS A 68 4.87 9.66 -1.72
C HIS A 68 5.22 8.20 -1.48
N ALA A 69 5.60 7.45 -2.55
CA ALA A 69 5.94 6.02 -2.43
C ALA A 69 7.11 5.84 -1.54
N GLY A 70 7.99 6.79 -1.55
CA GLY A 70 9.11 6.69 -0.67
C GLY A 70 9.27 7.81 0.27
N ASN A 71 8.27 8.65 0.35
CA ASN A 71 8.20 9.62 1.44
C ASN A 71 7.80 8.84 2.68
N LEU A 72 7.29 7.62 2.41
CA LEU A 72 6.90 6.69 3.40
C LEU A 72 8.00 5.65 3.59
N ASN A 73 8.84 5.40 2.53
CA ASN A 73 9.93 4.38 2.63
C ASN A 73 10.74 4.19 1.35
N LEU A 74 10.04 3.80 0.27
CA LEU A 74 10.66 3.39 -1.01
C LEU A 74 11.66 4.36 -1.63
N LYS A 75 12.47 3.80 -2.48
CA LYS A 75 13.50 4.52 -3.19
C LYS A 75 12.94 5.47 -4.27
N THR A 76 11.71 5.24 -4.66
CA THR A 76 11.04 6.00 -5.74
C THR A 76 11.88 6.09 -7.03
N ASP A 77 12.22 4.94 -7.56
CA ASP A 77 13.06 4.89 -8.76
C ASP A 77 12.58 3.89 -9.81
N LYS A 78 11.74 2.99 -9.42
CA LYS A 78 11.46 1.87 -10.28
C LYS A 78 9.95 1.81 -10.67
N PHE A 79 9.49 0.62 -11.10
CA PHE A 79 8.12 0.33 -11.62
C PHE A 79 7.03 0.60 -10.53
N PRO A 80 5.65 0.32 -10.75
CA PRO A 80 4.67 0.54 -9.70
C PRO A 80 5.10 -0.03 -8.35
N ALA A 81 4.89 0.75 -7.37
CA ALA A 81 5.36 0.52 -6.07
C ALA A 81 4.17 0.32 -5.14
N PHE A 82 4.24 -0.62 -4.29
CA PHE A 82 3.13 -0.98 -3.44
C PHE A 82 3.51 -0.82 -1.99
N ALA A 83 2.83 0.04 -1.26
CA ALA A 83 3.16 0.25 0.12
C ALA A 83 1.99 0.03 1.04
N ILE A 84 2.14 -0.85 2.00
CA ILE A 84 1.10 -1.08 2.98
C ILE A 84 1.38 -0.22 4.20
N GLN A 85 0.58 0.79 4.38
CA GLN A 85 0.73 1.66 5.48
C GLN A 85 -0.17 1.22 6.62
N GLU A 86 0.37 1.05 7.77
CA GLU A 86 -0.39 0.74 8.93
C GLU A 86 -0.86 2.01 9.52
N VAL A 87 -2.10 2.10 9.85
CA VAL A 87 -2.59 3.31 10.46
C VAL A 87 -2.55 3.16 11.97
N ALA A 88 -2.11 2.00 12.42
CA ALA A 88 -2.03 1.76 13.83
C ALA A 88 -0.59 1.73 14.25
N LYS A 89 0.22 1.03 13.48
CA LYS A 89 1.62 0.88 13.76
C LYS A 89 2.44 1.94 13.02
N ASN A 90 1.77 2.63 12.07
CA ASN A 90 2.35 3.71 11.21
C ASN A 90 3.55 3.17 10.46
N GLN A 91 3.45 1.92 10.14
CA GLN A 91 4.50 1.22 9.49
C GLN A 91 4.22 1.17 8.05
N LYS A 92 5.21 0.81 7.35
CA LYS A 92 5.17 0.76 5.97
C LYS A 92 5.74 -0.55 5.58
N PHE A 93 4.86 -1.44 5.22
CA PHE A 93 5.24 -2.74 4.65
C PHE A 93 5.13 -2.65 3.13
N PRO A 94 6.17 -2.13 2.43
CA PRO A 94 6.09 -1.95 1.02
C PRO A 94 6.82 -3.06 0.23
N PHE A 95 6.30 -3.31 -0.95
CA PHE A 95 6.73 -4.37 -1.82
C PHE A 95 7.93 -3.92 -2.64
N ASP A 96 8.57 -4.86 -3.31
CA ASP A 96 9.73 -4.59 -4.12
C ASP A 96 9.32 -3.83 -5.32
N GLN A 97 10.13 -2.93 -5.72
CA GLN A 97 9.79 -1.98 -6.76
C GLN A 97 10.05 -2.58 -8.15
N GLU A 98 10.49 -3.84 -8.21
CA GLU A 98 10.81 -4.48 -9.49
C GLU A 98 10.63 -5.99 -9.46
N LYS A 99 9.83 -6.46 -8.52
CA LYS A 99 9.60 -7.88 -8.34
C LYS A 99 8.39 -8.30 -9.19
N GLU A 100 7.82 -7.28 -9.81
CA GLU A 100 6.63 -7.32 -10.62
C GLU A 100 5.37 -7.56 -9.80
N ILE A 101 4.38 -6.77 -10.10
CA ILE A 101 3.15 -6.78 -9.40
C ILE A 101 2.20 -7.73 -10.09
N THR A 102 2.14 -8.90 -9.57
CA THR A 102 1.27 -9.90 -10.07
C THR A 102 0.16 -10.12 -9.06
N PHE A 103 -0.57 -11.19 -9.22
CA PHE A 103 -1.65 -11.47 -8.32
C PHE A 103 -1.03 -12.17 -7.16
N GLU A 104 -0.35 -13.19 -7.49
CA GLU A 104 0.31 -14.03 -6.61
C GLU A 104 1.36 -13.32 -5.76
N ALA A 105 2.15 -12.45 -6.37
CA ALA A 105 3.22 -11.75 -5.65
C ALA A 105 2.66 -10.86 -4.56
N ILE A 106 1.67 -10.06 -4.92
CA ILE A 106 1.09 -9.12 -3.98
C ILE A 106 0.24 -9.84 -2.97
N LYS A 107 -0.49 -10.83 -3.43
CA LYS A 107 -1.32 -11.65 -2.56
C LYS A 107 -0.45 -12.28 -1.50
N ALA A 108 0.65 -12.87 -1.95
CA ALA A 108 1.58 -13.53 -1.03
C ALA A 108 2.15 -12.54 -0.03
N PHE A 109 2.49 -11.38 -0.52
CA PHE A 109 3.04 -10.29 0.26
C PHE A 109 2.04 -9.82 1.33
N VAL A 110 0.88 -9.36 0.92
CA VAL A 110 -0.12 -8.85 1.87
C VAL A 110 -0.52 -9.94 2.88
N ASP A 111 -0.47 -11.18 2.40
CA ASP A 111 -0.75 -12.38 3.17
C ASP A 111 0.25 -12.51 4.25
N ASP A 112 1.49 -12.47 3.84
CA ASP A 112 2.60 -12.64 4.75
C ASP A 112 2.70 -11.47 5.71
N PHE A 113 2.20 -10.34 5.28
CA PHE A 113 2.09 -9.15 6.13
C PHE A 113 1.06 -9.37 7.22
N VAL A 114 -0.16 -9.58 6.79
CA VAL A 114 -1.28 -9.74 7.70
C VAL A 114 -1.11 -11.00 8.59
N ALA A 115 -0.34 -11.96 8.09
CA ALA A 115 -0.02 -13.15 8.87
C ALA A 115 0.94 -12.78 10.00
N GLY A 116 1.76 -11.78 9.75
CA GLY A 116 2.67 -11.30 10.77
C GLY A 116 4.09 -11.44 10.39
N LYS A 117 4.34 -11.84 9.18
CA LYS A 117 5.64 -12.15 8.81
C LYS A 117 6.37 -10.95 8.28
N ILE A 118 5.69 -10.08 7.56
CA ILE A 118 6.37 -8.93 7.05
C ILE A 118 6.63 -7.95 8.15
N GLU A 119 7.81 -7.47 8.14
CA GLU A 119 8.30 -6.55 9.10
C GLU A 119 8.86 -5.38 8.31
N PRO A 120 9.19 -4.23 8.95
CA PRO A 120 9.75 -3.08 8.24
C PRO A 120 10.94 -3.49 7.39
N SER A 121 10.86 -3.23 6.10
CA SER A 121 11.93 -3.60 5.18
C SER A 121 13.17 -2.76 5.51
N ILE A 122 12.95 -1.47 5.55
CA ILE A 122 13.93 -0.51 5.91
C ILE A 122 13.15 0.57 6.57
N LYS A 123 13.80 1.46 7.20
CA LYS A 123 13.11 2.51 7.84
C LYS A 123 13.87 3.79 7.62
N SER A 124 13.33 4.59 6.76
CA SER A 124 13.92 5.81 6.33
C SER A 124 12.81 6.75 5.87
N GLU A 125 12.29 7.51 6.81
CA GLU A 125 11.21 8.40 6.56
C GLU A 125 11.63 9.73 7.04
N PRO A 126 11.99 10.60 6.13
CA PRO A 126 12.53 11.88 6.48
C PRO A 126 11.46 12.91 6.75
N ILE A 127 11.92 14.13 7.07
CA ILE A 127 11.05 15.23 7.43
C ILE A 127 9.96 15.46 6.41
N PRO A 128 8.70 15.19 6.82
CA PRO A 128 7.51 15.44 6.02
C PRO A 128 7.55 16.82 5.40
N GLU A 129 7.14 16.88 4.17
CA GLU A 129 7.19 18.09 3.37
C GLU A 129 6.43 19.22 4.03
N LYS A 130 7.18 20.11 4.60
CA LYS A 130 6.65 21.21 5.34
C LYS A 130 6.28 22.33 4.40
N GLN A 131 5.06 22.75 4.47
CA GLN A 131 4.58 23.82 3.65
C GLN A 131 4.53 25.08 4.47
N GLU A 132 4.90 26.17 3.85
CA GLU A 132 4.95 27.47 4.49
C GLU A 132 3.60 27.90 5.00
N GLY A 133 3.57 28.33 6.22
CA GLY A 133 2.36 28.71 6.86
C GLY A 133 2.46 28.39 8.32
N GLY A 1 -27.75 -3.23 0.79
CA GLY A 1 -27.43 -3.24 -0.62
C GLY A 1 -26.08 -2.62 -0.86
N PRO A 2 -25.11 -3.40 -1.37
CA PRO A 2 -23.76 -2.92 -1.61
C PRO A 2 -23.72 -1.84 -2.70
N LEU A 3 -23.20 -0.71 -2.35
CA LEU A 3 -23.08 0.41 -3.23
C LEU A 3 -21.62 0.46 -3.68
N GLY A 4 -21.33 1.26 -4.71
CA GLY A 4 -19.97 1.43 -5.18
C GLY A 4 -19.16 2.24 -4.18
N SER A 5 -18.84 1.61 -3.10
CA SER A 5 -18.14 2.20 -2.02
C SER A 5 -16.65 2.04 -2.24
N PRO A 6 -15.86 3.11 -2.05
CA PRO A 6 -14.41 3.05 -2.20
C PRO A 6 -13.78 2.15 -1.15
N LEU A 7 -13.41 0.97 -1.58
CA LEU A 7 -12.70 0.00 -0.76
C LEU A 7 -11.43 -0.35 -1.48
N ILE A 8 -11.57 -0.58 -2.78
CA ILE A 8 -10.48 -0.70 -3.68
C ILE A 8 -10.67 0.37 -4.72
N GLY A 9 -10.11 1.51 -4.46
CA GLY A 9 -10.34 2.64 -5.32
C GLY A 9 -9.10 3.43 -5.60
N GLU A 10 -9.19 4.72 -5.43
CA GLU A 10 -8.09 5.60 -5.69
C GLU A 10 -7.74 6.40 -4.46
N ILE A 11 -6.48 6.63 -4.29
CA ILE A 11 -6.00 7.35 -3.16
C ILE A 11 -5.64 8.76 -3.56
N GLY A 12 -6.31 9.67 -2.99
CA GLY A 12 -6.05 11.04 -3.17
C GLY A 12 -5.98 11.71 -1.83
N PRO A 13 -5.71 13.01 -1.77
CA PRO A 13 -5.59 13.76 -0.50
C PRO A 13 -6.85 13.66 0.38
N GLU A 14 -7.97 13.52 -0.26
CA GLU A 14 -9.24 13.50 0.43
C GLU A 14 -9.80 12.08 0.65
N THR A 15 -9.18 11.08 0.05
CA THR A 15 -9.66 9.74 0.26
C THR A 15 -8.77 9.02 1.23
N TYR A 16 -7.46 9.30 1.17
CA TYR A 16 -6.51 8.59 2.02
C TYR A 16 -6.80 8.86 3.50
N SER A 17 -7.29 10.05 3.78
CA SER A 17 -7.58 10.48 5.13
C SER A 17 -8.67 9.58 5.73
N ASP A 18 -9.52 9.04 4.88
CA ASP A 18 -10.62 8.21 5.33
C ASP A 18 -10.12 6.86 5.74
N TYR A 19 -9.14 6.35 4.98
CA TYR A 19 -8.61 5.05 5.24
C TYR A 19 -7.69 5.14 6.44
N MET A 20 -7.22 6.35 6.64
CA MET A 20 -6.34 6.66 7.73
C MET A 20 -7.16 6.85 9.00
N SER A 21 -8.41 7.15 8.82
CA SER A 21 -9.30 7.30 9.93
C SER A 21 -9.98 5.96 10.23
N ALA A 22 -9.87 5.00 9.30
CA ALA A 22 -10.48 3.69 9.47
C ALA A 22 -9.78 2.88 10.56
N GLY A 23 -8.49 3.11 10.72
CA GLY A 23 -7.74 2.41 11.77
C GLY A 23 -7.24 1.06 11.31
N ILE A 24 -7.33 0.82 10.04
CA ILE A 24 -6.87 -0.41 9.43
C ILE A 24 -5.87 -0.08 8.33
N PRO A 25 -4.91 -0.98 8.05
CA PRO A 25 -3.83 -0.76 7.07
C PRO A 25 -4.32 -0.35 5.67
N LEU A 26 -3.57 0.50 5.03
CA LEU A 26 -3.91 1.01 3.73
C LEU A 26 -2.87 0.53 2.75
N ALA A 27 -3.31 -0.09 1.71
CA ALA A 27 -2.46 -0.54 0.68
C ALA A 27 -2.44 0.49 -0.45
N TYR A 28 -1.30 1.13 -0.60
CA TYR A 28 -1.09 2.15 -1.59
C TYR A 28 -0.54 1.52 -2.82
N ILE A 29 -1.23 1.65 -3.88
CA ILE A 29 -0.73 1.13 -5.10
C ILE A 29 -0.35 2.23 -6.03
N PHE A 30 0.86 2.63 -5.93
CA PHE A 30 1.39 3.63 -6.79
C PHE A 30 1.72 3.01 -8.09
N ALA A 31 1.33 3.63 -9.13
CA ALA A 31 1.67 3.14 -10.47
C ALA A 31 1.96 4.26 -11.42
N GLU A 32 3.19 4.28 -11.96
CA GLU A 32 3.55 5.29 -12.94
C GLU A 32 2.84 4.99 -14.22
N THR A 33 2.65 3.72 -14.43
CA THR A 33 2.15 3.22 -15.67
C THR A 33 0.64 3.30 -15.76
N ALA A 34 0.16 4.19 -16.60
CA ALA A 34 -1.27 4.35 -16.79
C ALA A 34 -1.79 3.32 -17.76
N GLU A 35 -0.86 2.75 -18.50
CA GLU A 35 -1.17 1.78 -19.51
C GLU A 35 -1.62 0.49 -18.87
N GLU A 36 -0.77 -0.07 -18.05
CA GLU A 36 -1.05 -1.34 -17.44
C GLU A 36 -1.58 -1.19 -16.02
N ARG A 37 -1.87 0.05 -15.60
CA ARG A 37 -2.46 0.31 -14.25
C ARG A 37 -3.72 -0.50 -14.08
N LYS A 38 -4.46 -0.60 -15.16
CA LYS A 38 -5.71 -1.33 -15.18
C LYS A 38 -5.53 -2.79 -14.79
N GLU A 39 -4.56 -3.47 -15.39
CA GLU A 39 -4.35 -4.87 -15.09
C GLU A 39 -3.58 -5.03 -13.78
N LEU A 40 -2.79 -4.02 -13.45
CA LEU A 40 -2.06 -3.97 -12.21
C LEU A 40 -3.12 -4.02 -11.07
N SER A 41 -4.11 -3.16 -11.21
CA SER A 41 -5.20 -3.05 -10.24
C SER A 41 -6.17 -4.23 -10.38
N ASP A 42 -6.13 -4.87 -11.52
CA ASP A 42 -7.00 -6.01 -11.80
C ASP A 42 -6.60 -7.20 -11.00
N LYS A 43 -5.34 -7.38 -10.87
CA LYS A 43 -4.78 -8.44 -10.06
C LYS A 43 -5.03 -8.12 -8.58
N LEU A 44 -4.96 -6.84 -8.32
CA LEU A 44 -5.19 -6.31 -7.03
C LEU A 44 -6.64 -6.41 -6.64
N LYS A 45 -7.48 -6.47 -7.62
CA LYS A 45 -8.91 -6.42 -7.43
C LYS A 45 -9.43 -7.63 -6.62
N PRO A 46 -9.10 -8.90 -7.01
CA PRO A 46 -9.48 -10.08 -6.25
C PRO A 46 -8.70 -10.19 -4.97
N ILE A 47 -7.35 -9.94 -5.05
CA ILE A 47 -6.56 -10.12 -3.84
C ILE A 47 -6.99 -9.18 -2.74
N ALA A 48 -7.63 -8.09 -3.14
CA ALA A 48 -8.05 -7.08 -2.18
C ALA A 48 -9.48 -7.22 -1.83
N GLU A 49 -10.25 -7.88 -2.67
CA GLU A 49 -11.61 -8.13 -2.38
C GLU A 49 -11.67 -9.16 -1.26
N ALA A 50 -10.58 -9.89 -1.15
CA ALA A 50 -10.41 -10.90 -0.15
C ALA A 50 -10.13 -10.28 1.20
N GLN A 51 -9.77 -9.03 1.17
CA GLN A 51 -9.32 -8.32 2.33
C GLN A 51 -9.80 -6.89 2.32
N ARG A 52 -10.96 -6.71 1.75
CA ARG A 52 -11.58 -5.41 1.56
C ARG A 52 -12.20 -4.91 2.85
N GLY A 53 -12.34 -5.81 3.77
CA GLY A 53 -12.86 -5.47 5.07
C GLY A 53 -11.77 -5.38 6.10
N VAL A 54 -10.54 -5.50 5.67
CA VAL A 54 -9.43 -5.44 6.60
C VAL A 54 -8.35 -4.45 6.13
N ILE A 55 -8.11 -4.39 4.83
CA ILE A 55 -7.16 -3.44 4.30
C ILE A 55 -7.88 -2.48 3.36
N ASN A 56 -7.46 -1.24 3.33
CA ASN A 56 -8.02 -0.26 2.44
C ASN A 56 -7.18 -0.28 1.20
N PHE A 57 -7.75 -0.53 0.08
CA PHE A 57 -6.99 -0.54 -1.15
C PHE A 57 -7.22 0.68 -1.99
N GLY A 58 -6.14 1.28 -2.37
CA GLY A 58 -6.20 2.47 -3.15
C GLY A 58 -5.06 2.58 -4.14
N THR A 59 -5.39 2.88 -5.34
CA THR A 59 -4.43 3.07 -6.38
C THR A 59 -4.11 4.55 -6.51
N ILE A 60 -2.89 4.85 -6.79
CA ILE A 60 -2.44 6.21 -6.89
C ILE A 60 -1.33 6.24 -7.93
N ASP A 61 -1.12 7.34 -8.53
CA ASP A 61 -0.17 7.45 -9.61
C ASP A 61 1.22 7.66 -9.06
N ALA A 62 2.18 6.89 -9.55
CA ALA A 62 3.55 6.99 -9.06
C ALA A 62 4.34 8.04 -9.81
N LYS A 63 3.72 8.63 -10.79
CA LYS A 63 4.39 9.62 -11.59
C LYS A 63 3.90 11.02 -11.20
N ALA A 64 2.66 11.10 -10.80
CA ALA A 64 2.07 12.35 -10.36
C ALA A 64 2.21 12.52 -8.86
N PHE A 65 1.90 11.46 -8.12
CA PHE A 65 1.96 11.54 -6.69
C PHE A 65 3.00 10.57 -6.12
N GLY A 66 3.89 10.13 -6.96
CA GLY A 66 4.81 9.07 -6.57
C GLY A 66 5.81 9.40 -5.51
N ALA A 67 5.99 10.68 -5.20
CA ALA A 67 6.92 11.09 -4.14
C ALA A 67 6.43 10.54 -2.79
N HIS A 68 5.13 10.30 -2.71
CA HIS A 68 4.53 9.77 -1.51
C HIS A 68 4.85 8.28 -1.35
N ALA A 69 5.19 7.59 -2.46
CA ALA A 69 5.47 6.14 -2.42
C ALA A 69 6.62 5.89 -1.51
N GLY A 70 7.61 6.68 -1.65
CA GLY A 70 8.73 6.49 -0.82
C GLY A 70 8.98 7.54 0.18
N ASN A 71 7.94 8.29 0.55
CA ASN A 71 8.11 9.18 1.69
C ASN A 71 8.00 8.31 2.94
N LEU A 72 7.51 7.10 2.70
CA LEU A 72 7.36 6.09 3.67
C LEU A 72 8.50 5.06 3.56
N ASN A 73 9.05 4.87 2.35
CA ASN A 73 10.09 3.82 2.16
C ASN A 73 10.71 3.80 0.77
N LEU A 74 9.84 3.56 -0.25
CA LEU A 74 10.28 3.27 -1.63
C LEU A 74 11.23 4.29 -2.25
N LYS A 75 11.97 3.82 -3.18
CA LYS A 75 12.97 4.58 -3.89
C LYS A 75 12.38 5.52 -4.96
N THR A 76 11.11 5.29 -5.25
CA THR A 76 10.25 6.09 -6.18
C THR A 76 10.79 6.17 -7.61
N ASP A 77 11.52 5.17 -8.01
CA ASP A 77 12.25 5.23 -9.27
C ASP A 77 11.77 4.22 -10.31
N LYS A 78 11.24 3.11 -9.90
CA LYS A 78 11.04 2.02 -10.84
C LYS A 78 9.60 1.54 -10.90
N PHE A 79 8.86 1.87 -11.97
CA PHE A 79 7.54 1.23 -12.24
C PHE A 79 6.53 1.48 -11.07
N PRO A 80 5.32 0.83 -11.04
CA PRO A 80 4.47 0.91 -9.87
C PRO A 80 5.14 0.39 -8.59
N ALA A 81 4.72 0.97 -7.48
CA ALA A 81 5.24 0.71 -6.18
C ALA A 81 4.09 0.48 -5.22
N PHE A 82 4.11 -0.62 -4.53
CA PHE A 82 3.04 -0.99 -3.63
C PHE A 82 3.48 -0.78 -2.19
N ALA A 83 2.81 0.09 -1.47
CA ALA A 83 3.18 0.36 -0.11
C ALA A 83 2.02 0.20 0.85
N ILE A 84 2.11 -0.72 1.78
CA ILE A 84 1.07 -0.88 2.76
C ILE A 84 1.40 -0.02 3.96
N GLN A 85 0.67 1.01 4.16
CA GLN A 85 0.88 1.83 5.29
C GLN A 85 0.01 1.34 6.40
N GLU A 86 0.58 1.25 7.56
CA GLU A 86 -0.21 0.81 8.68
C GLU A 86 -0.81 1.96 9.36
N VAL A 87 -2.06 1.83 9.63
CA VAL A 87 -2.76 2.83 10.35
C VAL A 87 -2.88 2.35 11.78
N ALA A 88 -2.46 1.12 12.02
CA ALA A 88 -2.55 0.57 13.35
C ALA A 88 -1.20 0.66 14.02
N LYS A 89 -0.18 0.27 13.29
CA LYS A 89 1.17 0.28 13.82
C LYS A 89 1.85 1.59 13.48
N ASN A 90 1.36 2.22 12.39
CA ASN A 90 1.98 3.41 11.77
C ASN A 90 3.32 2.97 11.21
N GLN A 91 3.20 2.03 10.34
CA GLN A 91 4.32 1.32 9.75
C GLN A 91 4.14 1.35 8.29
N LYS A 92 5.10 0.81 7.57
CA LYS A 92 5.01 0.80 6.14
C LYS A 92 5.59 -0.52 5.66
N PHE A 93 4.74 -1.36 5.14
CA PHE A 93 5.12 -2.65 4.55
C PHE A 93 5.01 -2.54 3.01
N PRO A 94 6.06 -2.09 2.32
CA PRO A 94 6.03 -1.90 0.90
C PRO A 94 6.78 -2.98 0.07
N PHE A 95 6.30 -3.19 -1.12
CA PHE A 95 6.78 -4.19 -2.03
C PHE A 95 7.74 -3.52 -3.03
N ASP A 96 8.71 -4.28 -3.50
CA ASP A 96 9.70 -3.81 -4.46
C ASP A 96 9.07 -3.32 -5.70
N GLN A 97 9.59 -2.28 -6.17
CA GLN A 97 9.07 -1.60 -7.33
C GLN A 97 9.49 -2.33 -8.60
N GLU A 98 10.34 -3.30 -8.44
CA GLU A 98 10.90 -3.96 -9.58
C GLU A 98 10.79 -5.45 -9.45
N LYS A 99 9.94 -5.89 -8.53
CA LYS A 99 9.75 -7.28 -8.32
C LYS A 99 8.38 -7.69 -8.89
N GLU A 100 7.78 -6.74 -9.60
CA GLU A 100 6.52 -6.90 -10.35
C GLU A 100 5.27 -7.13 -9.46
N ILE A 101 4.35 -6.20 -9.54
CA ILE A 101 3.11 -6.26 -8.82
C ILE A 101 2.11 -7.13 -9.58
N THR A 102 1.88 -8.30 -9.10
CA THR A 102 0.93 -9.21 -9.67
C THR A 102 0.01 -9.71 -8.58
N PHE A 103 -0.98 -10.50 -8.97
CA PHE A 103 -1.99 -11.06 -8.05
C PHE A 103 -1.31 -11.73 -6.91
N GLU A 104 -0.60 -12.75 -7.24
CA GLU A 104 0.00 -13.61 -6.35
C GLU A 104 1.10 -12.96 -5.58
N ALA A 105 1.91 -12.15 -6.26
CA ALA A 105 3.02 -11.49 -5.61
C ALA A 105 2.52 -10.62 -4.47
N ILE A 106 1.46 -9.89 -4.74
CA ILE A 106 0.86 -9.00 -3.77
C ILE A 106 0.10 -9.77 -2.75
N LYS A 107 -0.65 -10.76 -3.20
CA LYS A 107 -1.43 -11.62 -2.31
C LYS A 107 -0.55 -12.23 -1.27
N ALA A 108 0.53 -12.80 -1.72
CA ALA A 108 1.49 -13.45 -0.82
C ALA A 108 2.18 -12.41 0.07
N PHE A 109 2.39 -11.23 -0.47
CA PHE A 109 2.99 -10.14 0.25
C PHE A 109 2.06 -9.70 1.38
N VAL A 110 0.86 -9.25 1.05
CA VAL A 110 -0.10 -8.78 2.05
C VAL A 110 -0.41 -9.88 3.06
N ASP A 111 -0.36 -11.13 2.58
CA ASP A 111 -0.56 -12.34 3.37
C ASP A 111 0.48 -12.43 4.45
N ASP A 112 1.71 -12.28 4.00
CA ASP A 112 2.91 -12.32 4.85
C ASP A 112 2.80 -11.19 5.85
N PHE A 113 2.45 -10.05 5.34
CA PHE A 113 2.25 -8.85 6.16
C PHE A 113 1.23 -9.08 7.28
N VAL A 114 0.00 -9.33 6.88
CA VAL A 114 -1.12 -9.50 7.80
C VAL A 114 -0.95 -10.75 8.70
N ALA A 115 -0.04 -11.64 8.32
CA ALA A 115 0.26 -12.81 9.15
C ALA A 115 1.31 -12.45 10.19
N GLY A 116 2.11 -11.46 9.89
CA GLY A 116 3.12 -11.02 10.83
C GLY A 116 4.44 -11.51 10.38
N LYS A 117 4.53 -11.71 9.10
CA LYS A 117 5.67 -12.26 8.47
C LYS A 117 6.51 -11.12 7.89
N ILE A 118 5.87 -10.19 7.20
CA ILE A 118 6.58 -9.01 6.74
C ILE A 118 6.83 -8.09 7.91
N GLU A 119 7.92 -7.44 7.88
CA GLU A 119 8.30 -6.54 8.91
C GLU A 119 8.71 -5.22 8.31
N PRO A 120 8.55 -4.10 9.02
CA PRO A 120 8.82 -2.80 8.48
C PRO A 120 10.31 -2.50 8.38
N SER A 121 10.82 -2.51 7.19
CA SER A 121 12.23 -2.26 7.00
C SER A 121 12.45 -0.75 6.92
N ILE A 122 12.38 -0.14 8.09
CA ILE A 122 12.59 1.29 8.40
C ILE A 122 12.39 1.45 9.89
N LYS A 123 11.35 0.83 10.37
CA LYS A 123 10.95 0.93 11.74
C LYS A 123 11.62 -0.16 12.51
N SER A 124 12.68 0.18 13.13
CA SER A 124 13.38 -0.72 13.96
C SER A 124 13.73 0.02 15.22
N GLU A 125 13.05 -0.29 16.29
CA GLU A 125 13.27 0.36 17.53
C GLU A 125 13.88 -0.68 18.43
N PRO A 126 15.19 -0.72 18.50
CA PRO A 126 15.86 -1.72 19.24
C PRO A 126 16.21 -1.28 20.63
N ILE A 127 16.71 -2.20 21.41
CA ILE A 127 17.19 -1.89 22.72
C ILE A 127 18.70 -2.12 22.81
N PRO A 128 19.49 -1.06 22.60
CA PRO A 128 20.93 -1.11 22.76
C PRO A 128 21.26 -1.52 24.17
N GLU A 129 22.14 -2.45 24.30
CA GLU A 129 22.48 -2.98 25.58
C GLU A 129 23.53 -2.15 26.28
N LYS A 130 23.04 -1.27 27.13
CA LYS A 130 23.83 -0.38 27.97
C LYS A 130 24.55 0.68 27.16
N GLN A 131 24.08 1.88 27.29
CA GLN A 131 24.59 3.00 26.56
C GLN A 131 24.59 4.17 27.52
N GLU A 132 25.22 5.23 27.14
CA GLU A 132 25.23 6.45 27.91
C GLU A 132 23.89 7.16 27.68
N GLY A 133 23.48 7.97 28.63
CA GLY A 133 22.22 8.64 28.50
C GLY A 133 22.42 10.09 28.21
N GLY A 1 -18.64 11.73 -6.09
CA GLY A 1 -19.65 11.05 -5.29
C GLY A 1 -19.50 11.43 -3.85
N PRO A 2 -19.71 10.49 -2.90
CA PRO A 2 -19.45 10.73 -1.48
C PRO A 2 -17.95 10.95 -1.27
N LEU A 3 -17.19 10.12 -1.94
CA LEU A 3 -15.76 10.20 -2.00
C LEU A 3 -15.35 9.84 -3.41
N GLY A 4 -14.12 10.13 -3.75
CA GLY A 4 -13.59 9.82 -5.09
C GLY A 4 -13.36 8.34 -5.28
N SER A 5 -13.41 7.61 -4.21
CA SER A 5 -13.25 6.20 -4.21
C SER A 5 -14.10 5.68 -3.07
N PRO A 6 -14.82 4.56 -3.25
CA PRO A 6 -15.65 3.99 -2.18
C PRO A 6 -14.78 3.53 -1.01
N LEU A 7 -13.75 2.78 -1.33
CA LEU A 7 -12.78 2.29 -0.36
C LEU A 7 -11.63 1.69 -1.14
N ILE A 8 -11.95 0.68 -1.90
CA ILE A 8 -10.98 0.03 -2.73
C ILE A 8 -11.10 0.54 -4.15
N GLY A 9 -10.06 1.15 -4.61
CA GLY A 9 -10.02 1.67 -5.92
C GLY A 9 -8.83 2.53 -6.10
N GLU A 10 -9.03 3.79 -5.99
CA GLU A 10 -7.96 4.73 -6.15
C GLU A 10 -7.77 5.51 -4.88
N ILE A 11 -6.69 6.21 -4.81
CA ILE A 11 -6.46 7.10 -3.73
C ILE A 11 -6.54 8.49 -4.32
N GLY A 12 -7.32 9.32 -3.72
CA GLY A 12 -7.46 10.66 -4.17
C GLY A 12 -7.23 11.60 -3.04
N PRO A 13 -7.14 12.90 -3.31
CA PRO A 13 -6.88 13.92 -2.27
C PRO A 13 -7.98 13.97 -1.20
N GLU A 14 -9.12 13.40 -1.52
CA GLU A 14 -10.25 13.36 -0.61
C GLU A 14 -10.45 11.97 -0.01
N THR A 15 -9.55 11.02 -0.26
CA THR A 15 -9.77 9.69 0.26
C THR A 15 -8.72 9.30 1.29
N TYR A 16 -7.52 9.91 1.18
CA TYR A 16 -6.39 9.66 2.11
C TYR A 16 -6.83 9.58 3.56
N SER A 17 -7.43 10.66 3.99
CA SER A 17 -7.89 10.87 5.34
C SER A 17 -8.83 9.75 5.81
N ASP A 18 -9.61 9.18 4.92
CA ASP A 18 -10.57 8.17 5.33
C ASP A 18 -9.96 6.81 5.46
N TYR A 19 -8.90 6.57 4.71
CA TYR A 19 -8.23 5.29 4.83
C TYR A 19 -7.46 5.31 6.12
N MET A 20 -7.05 6.50 6.49
CA MET A 20 -6.33 6.71 7.71
C MET A 20 -7.32 6.65 8.88
N SER A 21 -8.50 7.15 8.64
CA SER A 21 -9.57 7.20 9.61
C SER A 21 -10.11 5.79 9.88
N ALA A 22 -9.89 4.88 8.93
CA ALA A 22 -10.38 3.54 9.05
C ALA A 22 -9.57 2.73 10.07
N GLY A 23 -8.32 3.15 10.31
CA GLY A 23 -7.48 2.51 11.31
C GLY A 23 -6.81 1.25 10.78
N ILE A 24 -7.32 0.79 9.68
CA ILE A 24 -6.80 -0.37 9.03
C ILE A 24 -5.72 0.01 8.03
N PRO A 25 -4.76 -0.90 7.74
CA PRO A 25 -3.65 -0.64 6.81
C PRO A 25 -4.10 -0.13 5.44
N LEU A 26 -3.36 0.81 4.91
CA LEU A 26 -3.62 1.35 3.62
C LEU A 26 -2.64 0.71 2.66
N ALA A 27 -3.15 0.15 1.65
CA ALA A 27 -2.34 -0.41 0.63
C ALA A 27 -2.23 0.59 -0.49
N TYR A 28 -1.08 1.17 -0.58
CA TYR A 28 -0.77 2.17 -1.55
C TYR A 28 -0.27 1.51 -2.78
N ILE A 29 -1.00 1.61 -3.82
CA ILE A 29 -0.51 1.05 -5.02
C ILE A 29 -0.02 2.14 -5.91
N PHE A 30 1.22 2.49 -5.70
CA PHE A 30 1.85 3.48 -6.51
C PHE A 30 2.17 2.87 -7.80
N ALA A 31 1.73 3.46 -8.82
CA ALA A 31 2.03 2.96 -10.14
C ALA A 31 2.32 4.07 -11.09
N GLU A 32 3.53 4.08 -11.65
CA GLU A 32 3.86 5.05 -12.69
C GLU A 32 3.03 4.76 -13.90
N THR A 33 2.64 3.53 -14.01
CA THR A 33 1.92 3.09 -15.12
C THR A 33 0.44 3.42 -15.00
N ALA A 34 -0.02 4.18 -15.95
CA ALA A 34 -1.42 4.51 -16.10
C ALA A 34 -1.88 3.86 -17.39
N GLU A 35 -0.91 3.48 -18.16
CA GLU A 35 -1.05 2.86 -19.45
C GLU A 35 -1.52 1.43 -19.28
N GLU A 36 -0.91 0.72 -18.36
CA GLU A 36 -1.27 -0.68 -18.11
C GLU A 36 -1.82 -0.83 -16.69
N ARG A 37 -2.12 0.31 -16.08
CA ARG A 37 -2.53 0.38 -14.66
C ARG A 37 -3.65 -0.54 -14.30
N LYS A 38 -4.61 -0.62 -15.19
CA LYS A 38 -5.79 -1.39 -14.95
C LYS A 38 -5.46 -2.84 -14.59
N GLU A 39 -4.37 -3.36 -15.14
CA GLU A 39 -3.98 -4.74 -14.94
C GLU A 39 -3.40 -5.00 -13.56
N LEU A 40 -2.52 -4.12 -13.04
CA LEU A 40 -1.96 -4.30 -11.72
C LEU A 40 -3.12 -4.36 -10.75
N SER A 41 -3.97 -3.39 -10.93
CA SER A 41 -5.08 -3.14 -10.08
C SER A 41 -6.19 -4.20 -10.24
N ASP A 42 -6.18 -4.85 -11.37
CA ASP A 42 -7.15 -5.88 -11.72
C ASP A 42 -6.88 -7.12 -10.91
N LYS A 43 -5.60 -7.42 -10.73
CA LYS A 43 -5.21 -8.54 -9.89
C LYS A 43 -5.44 -8.15 -8.42
N LEU A 44 -5.26 -6.86 -8.17
CA LEU A 44 -5.39 -6.30 -6.89
C LEU A 44 -6.80 -6.28 -6.40
N LYS A 45 -7.73 -6.24 -7.32
CA LYS A 45 -9.13 -6.10 -6.96
C LYS A 45 -9.63 -7.32 -6.16
N PRO A 46 -9.45 -8.57 -6.66
CA PRO A 46 -9.85 -9.78 -5.95
C PRO A 46 -9.04 -9.99 -4.71
N ILE A 47 -7.70 -9.79 -4.82
CA ILE A 47 -6.86 -10.02 -3.66
C ILE A 47 -7.23 -9.07 -2.52
N ALA A 48 -7.85 -7.96 -2.88
CA ALA A 48 -8.25 -6.96 -1.90
C ALA A 48 -9.67 -7.16 -1.47
N GLU A 49 -10.47 -7.78 -2.31
CA GLU A 49 -11.84 -8.11 -2.01
C GLU A 49 -11.83 -9.15 -0.88
N ALA A 50 -10.70 -9.83 -0.74
CA ALA A 50 -10.48 -10.81 0.31
C ALA A 50 -10.19 -10.13 1.65
N GLN A 51 -9.80 -8.88 1.56
CA GLN A 51 -9.31 -8.11 2.68
C GLN A 51 -9.83 -6.71 2.65
N ARG A 52 -11.06 -6.63 2.21
CA ARG A 52 -11.77 -5.41 1.99
C ARG A 52 -12.17 -4.75 3.30
N GLY A 53 -12.18 -5.51 4.35
CA GLY A 53 -12.52 -5.00 5.64
C GLY A 53 -11.33 -4.94 6.55
N VAL A 54 -10.16 -5.05 5.97
CA VAL A 54 -8.95 -5.01 6.76
C VAL A 54 -7.86 -4.16 6.10
N ILE A 55 -7.84 -4.09 4.79
CA ILE A 55 -6.86 -3.23 4.12
C ILE A 55 -7.54 -2.28 3.09
N ASN A 56 -7.12 -1.00 3.10
CA ASN A 56 -7.68 0.00 2.19
C ASN A 56 -6.89 -0.02 0.91
N PHE A 57 -7.46 -0.49 -0.14
CA PHE A 57 -6.74 -0.54 -1.40
C PHE A 57 -6.98 0.67 -2.27
N GLY A 58 -5.94 1.42 -2.49
CA GLY A 58 -6.03 2.57 -3.32
C GLY A 58 -4.84 2.69 -4.25
N THR A 59 -5.13 2.86 -5.50
CA THR A 59 -4.13 3.05 -6.49
C THR A 59 -3.79 4.52 -6.59
N ILE A 60 -2.54 4.82 -6.59
CA ILE A 60 -2.07 6.16 -6.65
C ILE A 60 -0.97 6.24 -7.69
N ASP A 61 -0.91 7.33 -8.36
CA ASP A 61 0.02 7.49 -9.45
C ASP A 61 1.43 7.72 -8.91
N ALA A 62 2.38 6.93 -9.39
CA ALA A 62 3.77 7.05 -8.91
C ALA A 62 4.56 8.01 -9.76
N LYS A 63 3.92 8.54 -10.74
CA LYS A 63 4.54 9.44 -11.66
C LYS A 63 4.17 10.88 -11.25
N ALA A 64 2.97 11.03 -10.75
CA ALA A 64 2.47 12.28 -10.27
C ALA A 64 2.67 12.40 -8.77
N PHE A 65 2.16 11.44 -8.01
CA PHE A 65 2.22 11.52 -6.58
C PHE A 65 3.25 10.55 -6.01
N GLY A 66 4.17 10.15 -6.86
CA GLY A 66 5.11 9.10 -6.51
C GLY A 66 6.06 9.41 -5.39
N ALA A 67 6.25 10.69 -5.08
CA ALA A 67 7.14 11.06 -3.98
C ALA A 67 6.63 10.49 -2.65
N HIS A 68 5.32 10.25 -2.59
CA HIS A 68 4.71 9.71 -1.40
C HIS A 68 5.07 8.23 -1.19
N ALA A 69 5.55 7.56 -2.25
CA ALA A 69 5.91 6.14 -2.14
C ALA A 69 7.06 6.00 -1.21
N GLY A 70 7.88 6.98 -1.21
CA GLY A 70 8.98 6.96 -0.32
C GLY A 70 8.97 8.02 0.68
N ASN A 71 7.79 8.55 0.98
CA ASN A 71 7.64 9.40 2.16
C ASN A 71 7.41 8.43 3.31
N LEU A 72 7.23 7.19 2.91
CA LEU A 72 7.04 6.11 3.77
C LEU A 72 8.26 5.16 3.68
N ASN A 73 8.83 4.95 2.45
CA ASN A 73 9.96 4.02 2.30
C ASN A 73 10.67 4.06 0.95
N LEU A 74 9.91 3.84 -0.12
CA LEU A 74 10.47 3.59 -1.46
C LEU A 74 11.34 4.73 -2.04
N LYS A 75 11.94 4.43 -3.17
CA LYS A 75 12.86 5.32 -3.85
C LYS A 75 12.09 6.21 -4.86
N THR A 76 10.83 5.86 -5.03
CA THR A 76 9.74 6.60 -5.72
C THR A 76 9.81 6.63 -7.24
N ASP A 77 10.91 6.24 -7.78
CA ASP A 77 11.23 6.48 -9.18
C ASP A 77 11.20 5.25 -10.04
N LYS A 78 10.80 4.18 -9.50
CA LYS A 78 10.87 2.94 -10.24
C LYS A 78 9.56 2.17 -10.24
N PHE A 79 8.82 2.22 -11.38
CA PHE A 79 7.66 1.34 -11.67
C PHE A 79 6.55 1.41 -10.60
N PRO A 80 5.46 0.59 -10.68
CA PRO A 80 4.59 0.48 -9.56
C PRO A 80 5.24 -0.15 -8.34
N ALA A 81 5.02 0.48 -7.24
CA ALA A 81 5.54 0.11 -5.97
C ALA A 81 4.38 0.02 -4.99
N PHE A 82 4.16 -1.15 -4.50
CA PHE A 82 3.07 -1.41 -3.62
C PHE A 82 3.49 -1.23 -2.16
N ALA A 83 3.01 -0.19 -1.53
CA ALA A 83 3.39 0.09 -0.18
C ALA A 83 2.24 -0.12 0.79
N ILE A 84 2.38 -1.06 1.68
CA ILE A 84 1.36 -1.26 2.68
C ILE A 84 1.69 -0.44 3.89
N GLN A 85 0.95 0.57 4.11
CA GLN A 85 1.18 1.36 5.24
C GLN A 85 0.12 1.10 6.26
N GLU A 86 0.53 0.66 7.39
CA GLU A 86 -0.39 0.40 8.45
C GLU A 86 -0.85 1.67 9.08
N VAL A 87 -2.05 1.66 9.55
CA VAL A 87 -2.54 2.78 10.32
C VAL A 87 -2.78 2.29 11.75
N ALA A 88 -2.52 1.02 11.96
CA ALA A 88 -2.67 0.44 13.28
C ALA A 88 -1.38 0.64 14.04
N LYS A 89 -0.30 0.16 13.45
CA LYS A 89 1.02 0.32 14.01
C LYS A 89 1.71 1.51 13.35
N ASN A 90 1.18 1.85 12.19
CA ASN A 90 1.77 2.83 11.25
C ASN A 90 3.11 2.34 10.86
N GLN A 91 3.09 1.45 9.94
CA GLN A 91 4.25 0.78 9.51
C GLN A 91 4.26 0.77 8.05
N LYS A 92 5.37 0.48 7.49
CA LYS A 92 5.52 0.52 6.09
C LYS A 92 6.03 -0.81 5.61
N PHE A 93 5.13 -1.60 5.10
CA PHE A 93 5.46 -2.90 4.47
C PHE A 93 5.35 -2.75 2.94
N PRO A 94 6.39 -2.25 2.26
CA PRO A 94 6.36 -2.02 0.84
C PRO A 94 7.07 -3.11 -0.01
N PHE A 95 6.53 -3.28 -1.18
CA PHE A 95 6.94 -4.26 -2.15
C PHE A 95 8.03 -3.64 -3.02
N ASP A 96 8.83 -4.46 -3.67
CA ASP A 96 9.91 -3.96 -4.51
C ASP A 96 9.39 -3.23 -5.69
N GLN A 97 10.12 -2.24 -6.07
CA GLN A 97 9.72 -1.33 -7.12
C GLN A 97 10.10 -1.90 -8.48
N GLU A 98 10.59 -3.11 -8.50
CA GLU A 98 11.02 -3.70 -9.75
C GLU A 98 10.68 -5.15 -9.79
N LYS A 99 9.71 -5.48 -9.00
CA LYS A 99 9.29 -6.82 -8.87
C LYS A 99 7.98 -6.93 -9.65
N GLU A 100 7.48 -8.11 -9.85
CA GLU A 100 6.31 -8.27 -10.68
C GLU A 100 5.04 -8.28 -9.84
N ILE A 101 4.27 -7.21 -9.99
CA ILE A 101 3.02 -7.06 -9.29
C ILE A 101 1.94 -7.91 -9.96
N THR A 102 1.64 -9.03 -9.38
CA THR A 102 0.62 -9.92 -9.85
C THR A 102 -0.38 -10.21 -8.73
N PHE A 103 -1.28 -11.15 -8.95
CA PHE A 103 -2.35 -11.45 -8.02
C PHE A 103 -1.71 -12.20 -6.90
N GLU A 104 -1.05 -13.22 -7.32
CA GLU A 104 -0.32 -14.11 -6.54
C GLU A 104 0.70 -13.39 -5.69
N ALA A 105 1.54 -12.60 -6.34
CA ALA A 105 2.63 -11.89 -5.69
C ALA A 105 2.15 -10.99 -4.59
N ILE A 106 1.15 -10.20 -4.88
CA ILE A 106 0.63 -9.24 -3.93
C ILE A 106 -0.15 -9.92 -2.85
N LYS A 107 -0.94 -10.89 -3.23
CA LYS A 107 -1.71 -11.69 -2.28
C LYS A 107 -0.77 -12.34 -1.30
N ALA A 108 0.27 -12.92 -1.83
CA ALA A 108 1.29 -13.59 -1.00
C ALA A 108 1.98 -12.58 -0.09
N PHE A 109 2.24 -11.40 -0.63
CA PHE A 109 2.89 -10.34 0.09
C PHE A 109 2.00 -9.85 1.23
N VAL A 110 0.79 -9.40 0.94
CA VAL A 110 -0.10 -8.89 1.98
C VAL A 110 -0.41 -9.98 3.02
N ASP A 111 -0.46 -11.23 2.56
CA ASP A 111 -0.66 -12.41 3.41
C ASP A 111 0.44 -12.49 4.42
N ASP A 112 1.63 -12.42 3.91
CA ASP A 112 2.88 -12.49 4.69
C ASP A 112 2.85 -11.35 5.68
N PHE A 113 2.50 -10.20 5.21
CA PHE A 113 2.37 -9.01 6.03
C PHE A 113 1.39 -9.22 7.19
N VAL A 114 0.15 -9.44 6.84
CA VAL A 114 -0.93 -9.58 7.81
C VAL A 114 -0.79 -10.85 8.68
N ALA A 115 0.11 -11.75 8.29
CA ALA A 115 0.42 -12.93 9.09
C ALA A 115 1.46 -12.60 10.12
N GLY A 116 2.31 -11.65 9.78
CA GLY A 116 3.36 -11.25 10.69
C GLY A 116 4.65 -11.75 10.19
N LYS A 117 4.69 -11.92 8.90
CA LYS A 117 5.81 -12.46 8.23
C LYS A 117 6.65 -11.32 7.69
N ILE A 118 6.02 -10.41 6.95
CA ILE A 118 6.73 -9.24 6.48
C ILE A 118 7.00 -8.34 7.65
N GLU A 119 8.10 -7.69 7.63
CA GLU A 119 8.49 -6.81 8.66
C GLU A 119 8.85 -5.48 8.02
N PRO A 120 8.68 -4.36 8.76
CA PRO A 120 8.95 -3.01 8.26
C PRO A 120 10.29 -2.91 7.55
N SER A 121 10.26 -2.49 6.30
CA SER A 121 11.47 -2.40 5.47
C SER A 121 12.24 -1.07 5.77
N ILE A 122 12.27 -0.72 7.04
CA ILE A 122 12.96 0.45 7.56
C ILE A 122 13.26 0.24 9.02
N LYS A 123 12.27 0.49 9.86
CA LYS A 123 12.41 0.32 11.28
C LYS A 123 12.22 -1.14 11.66
N SER A 124 13.26 -1.87 11.46
CA SER A 124 13.35 -3.23 11.83
C SER A 124 14.81 -3.48 11.96
N GLU A 125 15.28 -3.53 13.16
CA GLU A 125 16.67 -3.67 13.40
C GLU A 125 16.83 -5.01 14.07
N PRO A 126 17.09 -6.04 13.29
CA PRO A 126 17.13 -7.39 13.78
C PRO A 126 18.48 -7.76 14.35
N ILE A 127 18.63 -9.02 14.70
CA ILE A 127 19.85 -9.48 15.29
C ILE A 127 20.66 -10.39 14.37
N PRO A 128 21.62 -9.82 13.65
CA PRO A 128 22.58 -10.59 12.93
C PRO A 128 23.67 -10.99 13.91
N GLU A 129 24.72 -11.55 13.45
CA GLU A 129 25.72 -12.01 14.35
C GLU A 129 27.09 -11.55 13.97
N LYS A 130 28.00 -11.73 14.89
CA LYS A 130 29.41 -11.44 14.68
C LYS A 130 29.95 -12.31 13.56
N GLN A 131 30.61 -11.72 12.60
CA GLN A 131 31.31 -12.52 11.63
C GLN A 131 32.54 -13.05 12.31
N GLU A 132 32.93 -14.23 11.97
CA GLU A 132 33.99 -14.89 12.66
C GLU A 132 35.35 -14.28 12.32
N GLY A 133 35.46 -13.72 11.15
CA GLY A 133 36.69 -13.14 10.74
C GLY A 133 37.11 -13.69 9.43
N GLY A 1 -19.38 7.66 3.29
CA GLY A 1 -20.46 7.16 4.14
C GLY A 1 -20.12 7.35 5.59
N PRO A 2 -20.89 6.76 6.53
CA PRO A 2 -20.66 6.91 7.96
C PRO A 2 -19.32 6.31 8.43
N LEU A 3 -18.90 5.21 7.80
CA LEU A 3 -17.63 4.59 8.11
C LEU A 3 -16.79 4.52 6.85
N GLY A 4 -16.16 5.61 6.53
CA GLY A 4 -15.33 5.65 5.37
C GLY A 4 -16.09 6.01 4.12
N SER A 5 -15.38 6.26 3.07
CA SER A 5 -16.00 6.58 1.81
C SER A 5 -15.42 5.84 0.57
N PRO A 6 -14.15 6.05 0.15
CA PRO A 6 -13.59 5.44 -1.04
C PRO A 6 -12.58 4.34 -0.69
N LEU A 7 -12.99 3.43 0.20
CA LEU A 7 -12.14 2.35 0.76
C LEU A 7 -11.29 1.62 -0.29
N ILE A 8 -11.91 1.22 -1.37
CA ILE A 8 -11.19 0.56 -2.43
C ILE A 8 -11.46 1.28 -3.73
N GLY A 9 -10.40 1.61 -4.41
CA GLY A 9 -10.50 2.28 -5.66
C GLY A 9 -9.27 3.06 -5.98
N GLU A 10 -9.42 4.34 -6.10
CA GLU A 10 -8.34 5.22 -6.45
C GLU A 10 -8.13 6.23 -5.32
N ILE A 11 -6.90 6.46 -4.97
CA ILE A 11 -6.55 7.34 -3.88
C ILE A 11 -6.31 8.75 -4.45
N GLY A 12 -6.78 9.75 -3.75
CA GLY A 12 -6.61 11.11 -4.17
C GLY A 12 -6.34 12.01 -2.99
N PRO A 13 -6.17 13.33 -3.21
CA PRO A 13 -5.84 14.32 -2.18
C PRO A 13 -6.77 14.31 -0.96
N GLU A 14 -8.01 13.96 -1.17
CA GLU A 14 -8.98 14.00 -0.09
C GLU A 14 -9.24 12.62 0.51
N THR A 15 -8.72 11.58 -0.09
CA THR A 15 -9.13 10.27 0.31
C THR A 15 -8.22 9.68 1.36
N TYR A 16 -6.93 10.12 1.36
CA TYR A 16 -5.90 9.61 2.29
C TYR A 16 -6.44 9.56 3.71
N SER A 17 -6.98 10.68 4.12
CA SER A 17 -7.52 10.93 5.42
C SER A 17 -8.58 9.90 5.83
N ASP A 18 -9.35 9.44 4.86
CA ASP A 18 -10.45 8.52 5.12
C ASP A 18 -9.92 7.14 5.51
N TYR A 19 -8.88 6.71 4.80
CA TYR A 19 -8.32 5.39 5.05
C TYR A 19 -7.58 5.43 6.37
N MET A 20 -7.09 6.60 6.67
CA MET A 20 -6.34 6.86 7.86
C MET A 20 -7.29 6.99 9.05
N SER A 21 -8.54 7.26 8.73
CA SER A 21 -9.58 7.35 9.70
C SER A 21 -10.19 5.96 9.93
N ALA A 22 -9.94 5.03 9.00
CA ALA A 22 -10.46 3.69 9.13
C ALA A 22 -9.76 2.93 10.26
N GLY A 23 -8.45 3.11 10.34
CA GLY A 23 -7.69 2.44 11.40
C GLY A 23 -7.12 1.13 10.93
N ILE A 24 -7.38 0.81 9.69
CA ILE A 24 -6.87 -0.38 9.07
C ILE A 24 -5.80 -0.01 8.07
N PRO A 25 -4.83 -0.91 7.80
CA PRO A 25 -3.71 -0.69 6.87
C PRO A 25 -4.16 -0.22 5.47
N LEU A 26 -3.44 0.72 4.93
CA LEU A 26 -3.74 1.27 3.63
C LEU A 26 -2.73 0.71 2.65
N ALA A 27 -3.21 0.14 1.62
CA ALA A 27 -2.37 -0.37 0.59
C ALA A 27 -2.30 0.62 -0.56
N TYR A 28 -1.19 1.28 -0.64
CA TYR A 28 -0.94 2.27 -1.66
C TYR A 28 -0.41 1.60 -2.86
N ILE A 29 -1.16 1.61 -3.87
CA ILE A 29 -0.72 1.06 -5.07
C ILE A 29 -0.27 2.17 -5.97
N PHE A 30 0.95 2.58 -5.81
CA PHE A 30 1.51 3.61 -6.65
C PHE A 30 1.84 3.00 -7.94
N ALA A 31 1.33 3.54 -8.96
CA ALA A 31 1.61 3.05 -10.27
C ALA A 31 1.94 4.17 -11.20
N GLU A 32 3.12 4.11 -11.78
CA GLU A 32 3.54 5.14 -12.72
C GLU A 32 2.96 4.80 -14.06
N THR A 33 2.53 3.59 -14.19
CA THR A 33 2.06 3.12 -15.43
C THR A 33 0.55 3.19 -15.56
N ALA A 34 0.09 4.21 -16.26
CA ALA A 34 -1.34 4.45 -16.43
C ALA A 34 -1.93 3.49 -17.45
N GLU A 35 -1.06 2.87 -18.23
CA GLU A 35 -1.48 1.92 -19.21
C GLU A 35 -1.95 0.67 -18.55
N GLU A 36 -1.09 0.08 -17.76
CA GLU A 36 -1.41 -1.20 -17.16
C GLU A 36 -2.08 -1.02 -15.81
N ARG A 37 -2.44 0.20 -15.45
CA ARG A 37 -2.92 0.46 -14.10
C ARG A 37 -4.18 -0.34 -13.75
N LYS A 38 -5.06 -0.60 -14.71
CA LYS A 38 -6.23 -1.39 -14.42
C LYS A 38 -5.87 -2.85 -14.35
N GLU A 39 -4.91 -3.28 -15.15
CA GLU A 39 -4.41 -4.66 -15.12
C GLU A 39 -3.73 -4.91 -13.79
N LEU A 40 -2.94 -3.94 -13.38
CA LEU A 40 -2.21 -3.94 -12.14
C LEU A 40 -3.27 -4.11 -11.00
N SER A 41 -4.30 -3.29 -11.08
CA SER A 41 -5.38 -3.30 -10.11
C SER A 41 -6.27 -4.54 -10.29
N ASP A 42 -6.13 -5.21 -11.39
CA ASP A 42 -6.94 -6.37 -11.74
C ASP A 42 -6.47 -7.58 -10.99
N LYS A 43 -5.18 -7.71 -10.83
CA LYS A 43 -4.64 -8.76 -9.98
C LYS A 43 -4.99 -8.40 -8.53
N LEU A 44 -4.93 -7.12 -8.28
CA LEU A 44 -5.19 -6.59 -6.98
C LEU A 44 -6.65 -6.64 -6.63
N LYS A 45 -7.47 -6.78 -7.63
CA LYS A 45 -8.90 -6.75 -7.50
C LYS A 45 -9.41 -7.91 -6.62
N PRO A 46 -9.07 -9.19 -6.92
CA PRO A 46 -9.44 -10.32 -6.09
C PRO A 46 -8.65 -10.31 -4.85
N ILE A 47 -7.35 -9.91 -4.97
CA ILE A 47 -6.50 -9.83 -3.78
C ILE A 47 -7.15 -8.96 -2.73
N ALA A 48 -7.81 -7.92 -3.17
CA ALA A 48 -8.38 -6.96 -2.25
C ALA A 48 -9.77 -7.32 -1.87
N GLU A 49 -10.41 -8.12 -2.67
CA GLU A 49 -11.71 -8.59 -2.36
C GLU A 49 -11.60 -9.57 -1.19
N ALA A 50 -10.41 -10.12 -1.03
CA ALA A 50 -10.10 -11.07 0.02
C ALA A 50 -9.78 -10.36 1.32
N GLN A 51 -9.64 -9.06 1.23
CA GLN A 51 -9.21 -8.24 2.33
C GLN A 51 -9.84 -6.87 2.25
N ARG A 52 -11.06 -6.89 1.79
CA ARG A 52 -11.85 -5.73 1.49
C ARG A 52 -12.33 -5.02 2.75
N GLY A 53 -12.30 -5.74 3.83
CA GLY A 53 -12.69 -5.19 5.08
C GLY A 53 -11.54 -5.16 6.05
N VAL A 54 -10.33 -5.22 5.55
CA VAL A 54 -9.18 -5.18 6.42
C VAL A 54 -8.07 -4.29 5.85
N ILE A 55 -7.94 -4.24 4.53
CA ILE A 55 -6.94 -3.36 3.94
C ILE A 55 -7.59 -2.37 2.97
N ASN A 56 -7.15 -1.11 3.02
CA ASN A 56 -7.70 -0.08 2.14
C ASN A 56 -6.96 -0.16 0.84
N PHE A 57 -7.62 -0.56 -0.20
CA PHE A 57 -6.96 -0.69 -1.49
C PHE A 57 -7.16 0.49 -2.39
N GLY A 58 -6.14 1.28 -2.53
CA GLY A 58 -6.21 2.42 -3.35
C GLY A 58 -5.05 2.52 -4.30
N THR A 59 -5.36 2.74 -5.53
CA THR A 59 -4.38 2.96 -6.53
C THR A 59 -4.10 4.44 -6.66
N ILE A 60 -2.86 4.80 -6.77
CA ILE A 60 -2.48 6.16 -6.86
C ILE A 60 -1.39 6.25 -7.92
N ASP A 61 -1.21 7.40 -8.49
CA ASP A 61 -0.23 7.60 -9.52
C ASP A 61 1.16 7.66 -8.91
N ALA A 62 2.13 7.23 -9.66
CA ALA A 62 3.50 7.45 -9.27
C ALA A 62 4.11 8.51 -10.16
N LYS A 63 3.23 9.19 -10.87
CA LYS A 63 3.58 10.22 -11.83
C LYS A 63 3.76 11.54 -11.10
N ALA A 64 2.76 11.86 -10.37
CA ALA A 64 2.61 13.13 -9.70
C ALA A 64 2.74 12.97 -8.20
N PHE A 65 2.04 12.01 -7.61
CA PHE A 65 2.08 11.84 -6.18
C PHE A 65 3.05 10.75 -5.80
N GLY A 66 3.83 10.32 -6.78
CA GLY A 66 4.74 9.21 -6.62
C GLY A 66 5.81 9.38 -5.56
N ALA A 67 6.17 10.62 -5.23
CA ALA A 67 7.20 10.84 -4.20
C ALA A 67 6.70 10.38 -2.84
N HIS A 68 5.39 10.29 -2.71
CA HIS A 68 4.76 9.85 -1.48
C HIS A 68 5.00 8.37 -1.23
N ALA A 69 5.31 7.61 -2.30
CA ALA A 69 5.55 6.16 -2.17
C ALA A 69 6.71 5.91 -1.25
N GLY A 70 7.67 6.73 -1.38
CA GLY A 70 8.82 6.58 -0.55
C GLY A 70 9.00 7.69 0.42
N ASN A 71 7.91 8.25 0.85
CA ASN A 71 7.97 9.18 1.96
C ASN A 71 7.91 8.30 3.21
N LEU A 72 7.45 7.07 2.96
CA LEU A 72 7.34 6.02 3.93
C LEU A 72 8.48 5.02 3.78
N ASN A 73 9.08 4.90 2.55
CA ASN A 73 10.13 3.87 2.33
C ASN A 73 10.73 3.84 0.91
N LEU A 74 9.87 3.61 -0.10
CA LEU A 74 10.30 3.31 -1.49
C LEU A 74 11.24 4.33 -2.12
N LYS A 75 11.96 3.87 -3.13
CA LYS A 75 12.98 4.66 -3.79
C LYS A 75 12.40 5.74 -4.73
N THR A 76 11.15 5.58 -5.07
CA THR A 76 10.35 6.51 -5.92
C THR A 76 11.01 6.80 -7.28
N ASP A 77 11.56 5.80 -7.88
CA ASP A 77 12.30 5.95 -9.11
C ASP A 77 11.76 5.02 -10.19
N LYS A 78 11.12 3.98 -9.77
CA LYS A 78 10.72 2.92 -10.62
C LYS A 78 9.22 2.88 -10.88
N PHE A 79 8.81 1.83 -11.59
CA PHE A 79 7.43 1.56 -11.98
C PHE A 79 6.57 1.19 -10.72
N PRO A 80 5.22 0.72 -10.82
CA PRO A 80 4.37 0.59 -9.64
C PRO A 80 5.02 -0.04 -8.41
N ALA A 81 4.82 0.64 -7.33
CA ALA A 81 5.37 0.35 -6.06
C ALA A 81 4.23 0.27 -5.06
N PHE A 82 4.04 -0.88 -4.50
CA PHE A 82 2.93 -1.14 -3.62
C PHE A 82 3.35 -0.96 -2.15
N ALA A 83 2.85 0.08 -1.51
CA ALA A 83 3.24 0.36 -0.15
C ALA A 83 2.10 0.17 0.83
N ILE A 84 2.24 -0.76 1.76
CA ILE A 84 1.22 -0.95 2.76
C ILE A 84 1.53 -0.09 3.97
N GLN A 85 0.81 0.96 4.12
CA GLN A 85 0.99 1.81 5.22
C GLN A 85 0.09 1.33 6.33
N GLU A 86 0.64 1.09 7.47
CA GLU A 86 -0.18 0.59 8.56
C GLU A 86 -0.79 1.72 9.33
N VAL A 87 -2.07 1.68 9.47
CA VAL A 87 -2.76 2.69 10.24
C VAL A 87 -3.02 2.11 11.63
N ALA A 88 -2.56 0.88 11.84
CA ALA A 88 -2.77 0.23 13.12
C ALA A 88 -1.45 -0.10 13.76
N LYS A 89 -0.48 -0.43 12.94
CA LYS A 89 0.85 -0.70 13.45
C LYS A 89 1.70 0.59 13.30
N ASN A 90 1.22 1.48 12.40
CA ASN A 90 1.84 2.77 12.12
C ASN A 90 3.18 2.58 11.46
N GLN A 91 3.19 1.59 10.63
CA GLN A 91 4.38 1.09 9.99
C GLN A 91 4.17 1.19 8.53
N LYS A 92 5.14 0.78 7.78
CA LYS A 92 5.06 0.82 6.37
C LYS A 92 5.64 -0.49 5.84
N PHE A 93 4.79 -1.37 5.38
CA PHE A 93 5.20 -2.65 4.75
C PHE A 93 5.08 -2.53 3.22
N PRO A 94 6.11 -2.03 2.53
CA PRO A 94 6.06 -1.82 1.11
C PRO A 94 6.78 -2.89 0.26
N PHE A 95 6.17 -3.19 -0.86
CA PHE A 95 6.60 -4.19 -1.79
C PHE A 95 7.65 -3.59 -2.73
N ASP A 96 8.26 -4.45 -3.50
CA ASP A 96 9.31 -4.10 -4.42
C ASP A 96 8.76 -3.35 -5.60
N GLN A 97 9.60 -2.65 -6.25
CA GLN A 97 9.20 -1.77 -7.32
C GLN A 97 9.47 -2.47 -8.64
N GLU A 98 10.23 -3.55 -8.56
CA GLU A 98 10.68 -4.22 -9.74
C GLU A 98 10.27 -5.66 -9.77
N LYS A 99 9.58 -6.09 -8.74
CA LYS A 99 9.28 -7.48 -8.58
C LYS A 99 7.99 -7.86 -9.30
N GLU A 100 7.35 -6.86 -9.88
CA GLU A 100 6.10 -7.01 -10.64
C GLU A 100 4.91 -7.27 -9.72
N ILE A 101 3.85 -6.58 -9.97
CA ILE A 101 2.66 -6.74 -9.20
C ILE A 101 1.77 -7.81 -9.85
N THR A 102 1.82 -8.97 -9.28
CA THR A 102 0.96 -10.04 -9.72
C THR A 102 -0.08 -10.28 -8.66
N PHE A 103 -0.87 -11.30 -8.86
CA PHE A 103 -1.90 -11.65 -7.93
C PHE A 103 -1.20 -12.32 -6.81
N GLU A 104 -0.41 -13.25 -7.22
CA GLU A 104 0.37 -14.05 -6.41
C GLU A 104 1.37 -13.27 -5.58
N ALA A 105 2.18 -12.42 -6.21
CA ALA A 105 3.19 -11.64 -5.51
C ALA A 105 2.60 -10.81 -4.41
N ILE A 106 1.53 -10.12 -4.74
CA ILE A 106 0.87 -9.25 -3.79
C ILE A 106 0.15 -10.04 -2.75
N LYS A 107 -0.52 -11.08 -3.17
CA LYS A 107 -1.23 -11.97 -2.26
C LYS A 107 -0.26 -12.51 -1.23
N ALA A 108 0.84 -13.01 -1.74
CA ALA A 108 1.89 -13.58 -0.91
C ALA A 108 2.41 -12.53 0.04
N PHE A 109 2.64 -11.35 -0.47
CA PHE A 109 3.14 -10.23 0.29
C PHE A 109 2.16 -9.82 1.39
N VAL A 110 0.95 -9.44 1.02
CA VAL A 110 -0.05 -8.96 1.98
C VAL A 110 -0.36 -10.02 3.03
N ASP A 111 -0.36 -11.29 2.63
CA ASP A 111 -0.57 -12.43 3.56
C ASP A 111 0.52 -12.43 4.58
N ASP A 112 1.71 -12.39 4.05
CA ASP A 112 2.97 -12.36 4.81
C ASP A 112 2.97 -11.17 5.74
N PHE A 113 2.42 -10.10 5.30
CA PHE A 113 2.30 -8.91 6.09
C PHE A 113 1.28 -9.06 7.21
N VAL A 114 0.06 -9.31 6.83
CA VAL A 114 -1.06 -9.41 7.74
C VAL A 114 -0.91 -10.59 8.71
N ALA A 115 -0.11 -11.59 8.32
CA ALA A 115 0.17 -12.72 9.21
C ALA A 115 1.25 -12.33 10.22
N GLY A 116 2.00 -11.31 9.87
CA GLY A 116 2.99 -10.78 10.76
C GLY A 116 4.35 -11.21 10.39
N LYS A 117 4.47 -11.66 9.20
CA LYS A 117 5.66 -12.24 8.78
C LYS A 117 6.56 -11.21 8.13
N ILE A 118 5.98 -10.28 7.37
CA ILE A 118 6.78 -9.22 6.81
C ILE A 118 7.24 -8.36 7.92
N GLU A 119 8.42 -7.91 7.79
CA GLU A 119 9.00 -7.10 8.76
C GLU A 119 9.32 -5.78 8.11
N PRO A 120 9.02 -4.66 8.78
CA PRO A 120 9.22 -3.33 8.24
C PRO A 120 10.66 -3.11 7.76
N SER A 121 10.78 -2.72 6.51
CA SER A 121 12.06 -2.52 5.86
C SER A 121 12.93 -1.48 6.59
N ILE A 122 12.31 -0.51 7.24
CA ILE A 122 13.05 0.47 8.03
C ILE A 122 12.62 0.46 9.47
N LYS A 123 11.33 0.33 9.66
CA LYS A 123 10.66 0.35 10.96
C LYS A 123 10.65 1.81 11.40
N SER A 124 10.53 2.10 12.70
CA SER A 124 10.49 3.47 13.23
C SER A 124 9.21 4.20 12.83
N GLU A 125 8.54 4.73 13.80
CA GLU A 125 7.34 5.47 13.58
C GLU A 125 7.64 6.85 14.04
N PRO A 126 8.02 7.72 13.13
CA PRO A 126 8.51 9.01 13.49
C PRO A 126 7.44 10.00 13.86
N ILE A 127 7.75 10.76 14.84
CA ILE A 127 6.89 11.76 15.34
C ILE A 127 7.73 12.96 15.85
N PRO A 128 8.12 13.85 14.94
CA PRO A 128 8.94 14.99 15.29
C PRO A 128 8.07 16.11 15.89
N GLU A 129 8.68 17.25 16.16
CA GLU A 129 7.92 18.36 16.68
C GLU A 129 7.09 18.89 15.54
N LYS A 130 5.82 19.13 15.80
CA LYS A 130 4.92 19.56 14.74
C LYS A 130 5.23 20.98 14.29
N GLN A 131 6.00 21.08 13.24
CA GLN A 131 6.26 22.34 12.61
C GLN A 131 5.10 22.61 11.71
N GLU A 132 4.80 23.84 11.44
CA GLU A 132 3.64 24.09 10.66
C GLU A 132 4.00 24.07 9.19
N GLY A 133 3.03 23.75 8.40
CA GLY A 133 3.21 23.59 7.01
C GLY A 133 2.55 22.32 6.57
N GLY A 1 -22.66 -6.33 -10.45
CA GLY A 1 -22.88 -5.81 -9.11
C GLY A 1 -22.65 -4.32 -9.09
N PRO A 2 -22.72 -3.66 -7.92
CA PRO A 2 -22.52 -2.22 -7.83
C PRO A 2 -21.05 -1.82 -7.93
N LEU A 3 -20.15 -2.74 -7.55
CA LEU A 3 -18.72 -2.49 -7.43
C LEU A 3 -18.49 -1.33 -6.47
N GLY A 4 -18.69 -1.61 -5.23
CA GLY A 4 -18.57 -0.61 -4.24
C GLY A 4 -18.01 -1.14 -2.98
N SER A 5 -16.99 -0.49 -2.51
CA SER A 5 -16.34 -0.82 -1.28
C SER A 5 -15.63 0.44 -0.78
N PRO A 6 -16.03 0.97 0.40
CA PRO A 6 -15.45 2.22 0.95
C PRO A 6 -13.96 2.12 1.27
N LEU A 7 -13.44 0.91 1.26
CA LEU A 7 -12.06 0.67 1.58
C LEU A 7 -11.21 0.53 0.31
N ILE A 8 -11.85 0.41 -0.84
CA ILE A 8 -11.12 0.16 -2.08
C ILE A 8 -11.48 1.19 -3.14
N GLY A 9 -10.48 1.59 -3.90
CA GLY A 9 -10.72 2.49 -4.99
C GLY A 9 -9.48 3.24 -5.37
N GLU A 10 -9.59 4.54 -5.38
CA GLU A 10 -8.48 5.37 -5.71
C GLU A 10 -8.14 6.25 -4.54
N ILE A 11 -6.90 6.49 -4.40
CA ILE A 11 -6.41 7.31 -3.35
C ILE A 11 -6.23 8.70 -3.92
N GLY A 12 -7.01 9.57 -3.44
CA GLY A 12 -6.98 10.92 -3.85
C GLY A 12 -6.85 11.82 -2.66
N PRO A 13 -6.84 13.15 -2.88
CA PRO A 13 -6.57 14.15 -1.83
C PRO A 13 -7.56 14.16 -0.66
N GLU A 14 -8.64 13.41 -0.74
CA GLU A 14 -9.55 13.32 0.38
C GLU A 14 -9.77 11.88 0.83
N THR A 15 -9.45 10.90 -0.02
CA THR A 15 -9.80 9.53 0.29
C THR A 15 -8.76 8.91 1.16
N TYR A 16 -7.53 9.39 1.03
CA TYR A 16 -6.45 8.85 1.83
C TYR A 16 -6.72 9.07 3.31
N SER A 17 -7.30 10.21 3.62
CA SER A 17 -7.68 10.59 4.96
C SER A 17 -8.80 9.69 5.48
N ASP A 18 -9.58 9.15 4.58
CA ASP A 18 -10.71 8.30 4.93
C ASP A 18 -10.18 6.93 5.35
N TYR A 19 -9.16 6.47 4.64
CA TYR A 19 -8.59 5.17 4.91
C TYR A 19 -7.77 5.27 6.17
N MET A 20 -7.31 6.47 6.41
CA MET A 20 -6.51 6.79 7.55
C MET A 20 -7.38 6.92 8.78
N SER A 21 -8.62 7.23 8.55
CA SER A 21 -9.59 7.33 9.61
C SER A 21 -10.23 5.95 9.85
N ALA A 22 -9.98 4.99 8.95
CA ALA A 22 -10.53 3.65 9.10
C ALA A 22 -9.86 2.89 10.26
N GLY A 23 -8.57 3.14 10.45
CA GLY A 23 -7.84 2.48 11.53
C GLY A 23 -7.27 1.15 11.12
N ILE A 24 -7.28 0.89 9.83
CA ILE A 24 -6.77 -0.34 9.27
C ILE A 24 -5.75 0.01 8.19
N PRO A 25 -4.76 -0.87 7.95
CA PRO A 25 -3.68 -0.65 6.98
C PRO A 25 -4.17 -0.23 5.57
N LEU A 26 -3.44 0.67 4.97
CA LEU A 26 -3.78 1.20 3.68
C LEU A 26 -2.77 0.68 2.68
N ALA A 27 -3.25 0.07 1.67
CA ALA A 27 -2.42 -0.42 0.62
C ALA A 27 -2.35 0.61 -0.48
N TYR A 28 -1.22 1.26 -0.55
CA TYR A 28 -0.97 2.30 -1.51
C TYR A 28 -0.45 1.69 -2.75
N ILE A 29 -1.20 1.73 -3.75
CA ILE A 29 -0.77 1.20 -4.98
C ILE A 29 -0.33 2.34 -5.86
N PHE A 30 0.91 2.72 -5.69
CA PHE A 30 1.48 3.77 -6.48
C PHE A 30 1.82 3.25 -7.81
N ALA A 31 1.13 3.65 -8.76
CA ALA A 31 1.45 3.21 -10.09
C ALA A 31 1.67 4.37 -10.99
N GLU A 32 2.86 4.42 -11.52
CA GLU A 32 3.26 5.49 -12.42
C GLU A 32 2.58 5.26 -13.74
N THR A 33 2.30 4.02 -13.99
CA THR A 33 1.80 3.64 -15.24
C THR A 33 0.26 3.60 -15.28
N ALA A 34 -0.31 4.59 -15.95
CA ALA A 34 -1.75 4.77 -16.01
C ALA A 34 -2.37 3.81 -17.01
N GLU A 35 -1.58 3.34 -17.91
CA GLU A 35 -2.06 2.45 -18.91
C GLU A 35 -2.18 1.05 -18.38
N GLU A 36 -1.15 0.55 -17.73
CA GLU A 36 -1.20 -0.80 -17.23
C GLU A 36 -1.74 -0.88 -15.81
N ARG A 37 -2.12 0.29 -15.23
CA ARG A 37 -2.72 0.33 -13.88
C ARG A 37 -4.00 -0.49 -13.88
N LYS A 38 -4.59 -0.63 -15.07
CA LYS A 38 -5.84 -1.33 -15.25
C LYS A 38 -5.67 -2.77 -14.74
N GLU A 39 -4.70 -3.46 -15.34
CA GLU A 39 -4.44 -4.85 -15.01
C GLU A 39 -3.70 -4.97 -13.69
N LEU A 40 -2.96 -3.91 -13.33
CA LEU A 40 -2.25 -3.86 -12.09
C LEU A 40 -3.32 -3.99 -10.97
N SER A 41 -4.34 -3.15 -11.07
CA SER A 41 -5.42 -3.11 -10.10
C SER A 41 -6.36 -4.31 -10.28
N ASP A 42 -6.30 -4.91 -11.43
CA ASP A 42 -7.12 -6.07 -11.76
C ASP A 42 -6.70 -7.27 -10.95
N LYS A 43 -5.40 -7.47 -10.83
CA LYS A 43 -4.88 -8.55 -9.99
C LYS A 43 -5.13 -8.20 -8.53
N LEU A 44 -5.05 -6.91 -8.27
CA LEU A 44 -5.25 -6.39 -6.97
C LEU A 44 -6.70 -6.49 -6.53
N LYS A 45 -7.58 -6.63 -7.50
CA LYS A 45 -9.01 -6.70 -7.23
C LYS A 45 -9.37 -7.92 -6.36
N PRO A 46 -9.04 -9.15 -6.79
CA PRO A 46 -9.33 -10.36 -6.01
C PRO A 46 -8.51 -10.38 -4.75
N ILE A 47 -7.22 -9.93 -4.88
CA ILE A 47 -6.37 -9.84 -3.71
C ILE A 47 -7.07 -9.04 -2.64
N ALA A 48 -7.73 -8.00 -3.05
CA ALA A 48 -8.33 -7.07 -2.12
C ALA A 48 -9.75 -7.40 -1.85
N GLU A 49 -10.33 -8.24 -2.63
CA GLU A 49 -11.65 -8.68 -2.42
C GLU A 49 -11.62 -9.62 -1.23
N ALA A 50 -10.45 -10.18 -0.97
CA ALA A 50 -10.24 -11.07 0.14
C ALA A 50 -10.00 -10.26 1.42
N GLN A 51 -9.56 -9.05 1.24
CA GLN A 51 -9.17 -8.18 2.32
C GLN A 51 -9.79 -6.81 2.21
N ARG A 52 -11.00 -6.83 1.70
CA ARG A 52 -11.78 -5.66 1.37
C ARG A 52 -12.31 -4.96 2.60
N GLY A 53 -12.32 -5.68 3.68
CA GLY A 53 -12.75 -5.11 4.93
C GLY A 53 -11.62 -4.95 5.91
N VAL A 54 -10.40 -5.26 5.49
CA VAL A 54 -9.27 -5.20 6.42
C VAL A 54 -8.16 -4.29 5.89
N ILE A 55 -7.96 -4.24 4.59
CA ILE A 55 -6.93 -3.37 4.06
C ILE A 55 -7.54 -2.43 3.03
N ASN A 56 -7.14 -1.17 3.08
CA ASN A 56 -7.68 -0.17 2.18
C ASN A 56 -6.91 -0.20 0.89
N PHE A 57 -7.48 -0.74 -0.13
CA PHE A 57 -6.82 -0.81 -1.42
C PHE A 57 -7.10 0.38 -2.28
N GLY A 58 -6.16 1.25 -2.33
CA GLY A 58 -6.28 2.44 -3.09
C GLY A 58 -5.17 2.59 -4.09
N THR A 59 -5.53 2.89 -5.29
CA THR A 59 -4.58 3.14 -6.31
C THR A 59 -4.26 4.63 -6.40
N ILE A 60 -3.01 4.93 -6.50
CA ILE A 60 -2.53 6.27 -6.57
C ILE A 60 -1.45 6.30 -7.65
N ASP A 61 -1.08 7.45 -8.11
CA ASP A 61 -0.04 7.53 -9.11
C ASP A 61 1.32 7.62 -8.48
N ALA A 62 2.30 7.17 -9.21
CA ALA A 62 3.67 7.31 -8.80
C ALA A 62 4.33 8.31 -9.73
N LYS A 63 3.48 9.06 -10.33
CA LYS A 63 3.84 9.97 -11.37
C LYS A 63 3.87 11.38 -10.82
N ALA A 64 2.86 11.70 -10.10
CA ALA A 64 2.69 13.00 -9.51
C ALA A 64 2.80 12.91 -8.00
N PHE A 65 2.17 11.90 -7.39
CA PHE A 65 2.23 11.73 -5.96
C PHE A 65 3.26 10.70 -5.58
N GLY A 66 4.05 10.30 -6.56
CA GLY A 66 4.99 9.22 -6.39
C GLY A 66 6.01 9.45 -5.32
N ALA A 67 6.37 10.69 -5.08
CA ALA A 67 7.32 11.06 -4.03
C ALA A 67 6.90 10.48 -2.67
N HIS A 68 5.60 10.34 -2.48
CA HIS A 68 5.07 9.84 -1.24
C HIS A 68 5.40 8.33 -1.04
N ALA A 69 5.66 7.60 -2.16
CA ALA A 69 5.99 6.16 -2.10
C ALA A 69 7.25 5.95 -1.35
N GLY A 70 8.14 6.87 -1.48
CA GLY A 70 9.36 6.71 -0.75
C GLY A 70 9.56 7.65 0.36
N ASN A 71 8.57 8.45 0.65
CA ASN A 71 8.58 9.21 1.89
C ASN A 71 8.22 8.27 2.99
N LEU A 72 7.66 7.15 2.59
CA LEU A 72 7.38 6.11 3.48
C LEU A 72 8.50 5.07 3.42
N ASN A 73 9.13 4.90 2.21
CA ASN A 73 10.18 3.86 2.06
C ASN A 73 10.83 3.75 0.67
N LEU A 74 10.00 3.52 -0.37
CA LEU A 74 10.47 3.15 -1.73
C LEU A 74 11.36 4.20 -2.39
N LYS A 75 11.82 3.97 -3.60
CA LYS A 75 12.72 4.94 -4.21
C LYS A 75 12.06 5.69 -5.32
N THR A 76 10.79 5.34 -5.57
CA THR A 76 9.92 5.96 -6.61
C THR A 76 10.52 5.83 -8.05
N ASP A 77 11.61 5.10 -8.15
CA ASP A 77 12.42 5.02 -9.38
C ASP A 77 11.95 4.00 -10.38
N LYS A 78 11.26 3.00 -9.93
CA LYS A 78 11.00 1.85 -10.75
C LYS A 78 9.49 1.66 -10.95
N PHE A 79 9.08 0.42 -11.31
CA PHE A 79 7.69 0.03 -11.58
C PHE A 79 6.77 0.39 -10.37
N PRO A 80 5.38 0.34 -10.52
CA PRO A 80 4.46 0.68 -9.45
C PRO A 80 4.88 0.19 -8.07
N ALA A 81 4.85 1.07 -7.15
CA ALA A 81 5.34 0.83 -5.84
C ALA A 81 4.18 0.60 -4.89
N PHE A 82 3.98 -0.62 -4.54
CA PHE A 82 2.92 -0.99 -3.64
C PHE A 82 3.39 -0.87 -2.20
N ALA A 83 2.83 0.08 -1.48
CA ALA A 83 3.25 0.31 -0.13
C ALA A 83 2.10 0.17 0.84
N ILE A 84 2.21 -0.75 1.77
CA ILE A 84 1.18 -0.89 2.76
C ILE A 84 1.49 0.00 3.94
N GLN A 85 0.78 1.08 4.06
CA GLN A 85 0.97 1.94 5.16
C GLN A 85 0.11 1.42 6.25
N GLU A 86 0.65 1.32 7.39
CA GLU A 86 -0.15 0.92 8.50
C GLU A 86 -0.84 2.11 9.09
N VAL A 87 -2.04 1.91 9.49
CA VAL A 87 -2.77 2.93 10.17
C VAL A 87 -2.87 2.52 11.63
N ALA A 88 -2.33 1.34 11.94
CA ALA A 88 -2.33 0.88 13.31
C ALA A 88 -0.93 1.02 13.87
N LYS A 89 0.02 0.56 13.09
CA LYS A 89 1.44 0.65 13.46
C LYS A 89 2.02 1.95 12.95
N ASN A 90 1.38 2.46 11.89
CA ASN A 90 1.82 3.64 11.11
C ASN A 90 3.13 3.28 10.40
N GLN A 91 3.35 1.99 10.26
CA GLN A 91 4.54 1.43 9.65
C GLN A 91 4.28 1.38 8.20
N LYS A 92 5.22 0.94 7.45
CA LYS A 92 5.07 0.91 6.05
C LYS A 92 5.65 -0.41 5.58
N PHE A 93 4.78 -1.34 5.23
CA PHE A 93 5.17 -2.64 4.66
C PHE A 93 5.06 -2.56 3.12
N PRO A 94 6.12 -2.14 2.42
CA PRO A 94 6.07 -1.94 1.00
C PRO A 94 6.78 -3.03 0.15
N PHE A 95 6.21 -3.27 -1.00
CA PHE A 95 6.66 -4.28 -1.91
C PHE A 95 7.75 -3.71 -2.82
N ASP A 96 8.55 -4.59 -3.38
CA ASP A 96 9.65 -4.22 -4.25
C ASP A 96 9.13 -3.71 -5.55
N GLN A 97 9.70 -2.65 -5.96
CA GLN A 97 9.29 -1.92 -7.14
C GLN A 97 9.74 -2.63 -8.42
N GLU A 98 10.24 -3.85 -8.30
CA GLU A 98 10.70 -4.59 -9.44
C GLU A 98 10.65 -6.08 -9.20
N LYS A 99 9.83 -6.48 -8.25
CA LYS A 99 9.67 -7.88 -7.97
C LYS A 99 8.41 -8.37 -8.68
N GLU A 100 7.90 -7.48 -9.54
CA GLU A 100 6.70 -7.68 -10.34
C GLU A 100 5.44 -7.60 -9.51
N ILE A 101 4.58 -6.67 -9.86
CA ILE A 101 3.33 -6.54 -9.19
C ILE A 101 2.28 -7.34 -9.94
N THR A 102 2.03 -8.51 -9.44
CA THR A 102 1.06 -9.41 -9.98
C THR A 102 0.08 -9.83 -8.89
N PHE A 103 -0.69 -10.89 -9.13
CA PHE A 103 -1.72 -11.31 -8.21
C PHE A 103 -1.02 -12.01 -7.11
N GLU A 104 -0.34 -13.01 -7.51
CA GLU A 104 0.42 -13.88 -6.73
C GLU A 104 1.40 -13.14 -5.85
N ALA A 105 2.22 -12.31 -6.45
CA ALA A 105 3.24 -11.56 -5.75
C ALA A 105 2.67 -10.70 -4.63
N ILE A 106 1.65 -9.93 -4.96
CA ILE A 106 1.04 -9.03 -3.99
C ILE A 106 0.25 -9.78 -2.96
N LYS A 107 -0.50 -10.76 -3.41
CA LYS A 107 -1.29 -11.65 -2.55
C LYS A 107 -0.40 -12.25 -1.50
N ALA A 108 0.68 -12.81 -1.96
CA ALA A 108 1.63 -13.48 -1.08
C ALA A 108 2.23 -12.49 -0.10
N PHE A 109 2.51 -11.29 -0.59
CA PHE A 109 3.08 -10.23 0.19
C PHE A 109 2.09 -9.78 1.29
N VAL A 110 0.92 -9.31 0.90
CA VAL A 110 -0.06 -8.82 1.86
C VAL A 110 -0.44 -9.91 2.89
N ASP A 111 -0.50 -11.17 2.44
CA ASP A 111 -0.82 -12.30 3.31
C ASP A 111 0.24 -12.45 4.35
N ASP A 112 1.46 -12.38 3.88
CA ASP A 112 2.69 -12.48 4.70
C ASP A 112 2.60 -11.40 5.75
N PHE A 113 2.30 -10.21 5.29
CA PHE A 113 2.13 -9.05 6.16
C PHE A 113 1.06 -9.30 7.23
N VAL A 114 -0.16 -9.49 6.79
CA VAL A 114 -1.33 -9.78 7.64
C VAL A 114 -1.08 -10.96 8.60
N ALA A 115 -0.27 -11.89 8.17
CA ALA A 115 0.05 -13.02 9.00
C ALA A 115 1.04 -12.63 10.07
N GLY A 116 1.95 -11.79 9.72
CA GLY A 116 3.01 -11.44 10.63
C GLY A 116 4.28 -11.99 10.15
N LYS A 117 4.32 -12.22 8.89
CA LYS A 117 5.43 -12.76 8.26
C LYS A 117 6.27 -11.60 7.78
N ILE A 118 5.63 -10.59 7.22
CA ILE A 118 6.34 -9.38 6.91
C ILE A 118 6.45 -8.55 8.18
N GLU A 119 7.55 -7.92 8.30
CA GLU A 119 7.87 -7.07 9.40
C GLU A 119 8.37 -5.80 8.74
N PRO A 120 8.70 -4.71 9.48
CA PRO A 120 9.28 -3.51 8.87
C PRO A 120 10.51 -3.90 8.02
N SER A 121 10.34 -3.80 6.70
CA SER A 121 11.30 -4.25 5.71
C SER A 121 12.72 -3.75 5.95
N ILE A 122 12.87 -2.46 6.08
CA ILE A 122 14.17 -1.86 6.32
C ILE A 122 14.05 -0.76 7.34
N LYS A 123 13.10 0.13 7.10
CA LYS A 123 12.84 1.23 7.98
C LYS A 123 12.32 0.71 9.31
N SER A 124 13.12 0.86 10.32
CA SER A 124 12.78 0.45 11.65
C SER A 124 13.50 1.36 12.61
N GLU A 125 12.82 1.83 13.62
CA GLU A 125 13.43 2.69 14.58
C GLU A 125 12.91 2.39 15.98
N PRO A 126 13.54 1.46 16.67
CA PRO A 126 13.18 1.12 18.00
C PRO A 126 14.08 1.78 19.05
N ILE A 127 13.67 1.69 20.29
CA ILE A 127 14.45 2.16 21.40
C ILE A 127 14.63 1.02 22.40
N PRO A 128 15.59 0.11 22.11
CA PRO A 128 15.81 -1.10 22.89
C PRO A 128 16.12 -0.84 24.35
N GLU A 129 15.68 -1.77 25.16
CA GLU A 129 15.91 -1.82 26.59
C GLU A 129 15.27 -0.64 27.32
N LYS A 130 15.62 -0.50 28.56
CA LYS A 130 15.20 0.57 29.40
C LYS A 130 16.34 0.85 30.35
N GLN A 131 16.29 1.93 31.09
CA GLN A 131 17.42 2.28 31.92
C GLN A 131 17.17 2.06 33.41
N GLU A 132 18.21 1.61 34.06
CA GLU A 132 18.23 1.31 35.48
C GLU A 132 18.40 2.60 36.26
N GLY A 133 19.42 3.33 35.93
CA GLY A 133 19.74 4.51 36.65
C GLY A 133 21.17 4.85 36.41
N GLY A 1 -20.73 8.63 -1.31
CA GLY A 1 -21.46 8.56 -2.58
C GLY A 1 -21.18 7.26 -3.27
N PRO A 2 -21.96 6.88 -4.31
CA PRO A 2 -21.77 5.61 -5.04
C PRO A 2 -20.32 5.43 -5.55
N LEU A 3 -19.93 6.21 -6.54
CA LEU A 3 -18.58 6.13 -7.04
C LEU A 3 -17.69 6.96 -6.18
N GLY A 4 -16.60 6.38 -5.78
CA GLY A 4 -15.67 7.03 -4.95
C GLY A 4 -14.75 6.03 -4.37
N SER A 5 -14.09 6.34 -3.31
CA SER A 5 -13.20 5.41 -2.69
C SER A 5 -13.24 5.55 -1.18
N PRO A 6 -14.09 4.74 -0.52
CA PRO A 6 -14.14 4.70 0.94
C PRO A 6 -13.11 3.73 1.53
N LEU A 7 -12.81 2.67 0.79
CA LEU A 7 -11.84 1.67 1.21
C LEU A 7 -10.99 1.27 0.02
N ILE A 8 -11.64 0.76 -1.00
CA ILE A 8 -10.96 0.34 -2.20
C ILE A 8 -11.29 1.28 -3.36
N GLY A 9 -10.28 1.60 -4.13
CA GLY A 9 -10.45 2.41 -5.29
C GLY A 9 -9.18 3.11 -5.62
N GLU A 10 -9.24 4.40 -5.64
CA GLU A 10 -8.08 5.20 -5.91
C GLU A 10 -7.79 6.06 -4.72
N ILE A 11 -6.58 6.45 -4.57
CA ILE A 11 -6.19 7.28 -3.48
C ILE A 11 -5.96 8.67 -4.00
N GLY A 12 -6.69 9.58 -3.46
CA GLY A 12 -6.57 10.94 -3.80
C GLY A 12 -6.07 11.73 -2.61
N PRO A 13 -5.89 13.04 -2.76
CA PRO A 13 -5.32 13.90 -1.71
C PRO A 13 -6.32 14.19 -0.59
N GLU A 14 -7.46 13.56 -0.65
CA GLU A 14 -8.46 13.71 0.36
C GLU A 14 -8.94 12.34 0.84
N THR A 15 -8.47 11.27 0.20
CA THR A 15 -9.00 9.97 0.57
C THR A 15 -8.03 9.24 1.49
N TYR A 16 -6.73 9.54 1.35
CA TYR A 16 -5.70 8.88 2.15
C TYR A 16 -5.94 9.08 3.65
N SER A 17 -6.36 10.28 4.00
CA SER A 17 -6.65 10.66 5.36
C SER A 17 -7.82 9.84 5.92
N ASP A 18 -8.68 9.42 5.03
CA ASP A 18 -9.89 8.71 5.40
C ASP A 18 -9.57 7.26 5.70
N TYR A 19 -8.59 6.71 4.97
CA TYR A 19 -8.21 5.33 5.18
C TYR A 19 -7.39 5.28 6.46
N MET A 20 -6.78 6.41 6.74
CA MET A 20 -5.98 6.61 7.92
C MET A 20 -6.92 6.84 9.10
N SER A 21 -8.12 7.24 8.79
CA SER A 21 -9.14 7.43 9.77
C SER A 21 -9.92 6.13 9.97
N ALA A 22 -9.73 5.16 9.07
CA ALA A 22 -10.43 3.89 9.18
C ALA A 22 -9.83 3.02 10.27
N GLY A 23 -8.53 3.15 10.46
CA GLY A 23 -7.85 2.40 11.50
C GLY A 23 -7.38 1.06 11.02
N ILE A 24 -7.58 0.81 9.77
CA ILE A 24 -7.17 -0.41 9.13
C ILE A 24 -6.06 -0.08 8.14
N PRO A 25 -5.11 -1.02 7.92
CA PRO A 25 -3.95 -0.81 7.02
C PRO A 25 -4.34 -0.32 5.62
N LEU A 26 -3.52 0.54 5.08
CA LEU A 26 -3.78 1.14 3.81
C LEU A 26 -2.77 0.57 2.84
N ALA A 27 -3.25 0.06 1.76
CA ALA A 27 -2.42 -0.43 0.72
C ALA A 27 -2.34 0.59 -0.39
N TYR A 28 -1.19 1.19 -0.50
CA TYR A 28 -0.91 2.20 -1.47
C TYR A 28 -0.40 1.56 -2.71
N ILE A 29 -1.15 1.57 -3.72
CA ILE A 29 -0.67 1.04 -4.94
C ILE A 29 -0.24 2.15 -5.83
N PHE A 30 0.98 2.55 -5.69
CA PHE A 30 1.55 3.54 -6.54
C PHE A 30 1.78 2.91 -7.85
N ALA A 31 1.40 3.56 -8.87
CA ALA A 31 1.63 3.05 -10.21
C ALA A 31 1.85 4.16 -11.19
N GLU A 32 3.04 4.21 -11.79
CA GLU A 32 3.32 5.18 -12.84
C GLU A 32 2.61 4.77 -14.10
N THR A 33 2.31 3.50 -14.17
CA THR A 33 1.76 2.91 -15.32
C THR A 33 0.29 3.25 -15.45
N ALA A 34 -0.05 3.97 -16.48
CA ALA A 34 -1.42 4.36 -16.71
C ALA A 34 -2.09 3.43 -17.70
N GLU A 35 -1.28 2.64 -18.40
CA GLU A 35 -1.84 1.69 -19.36
C GLU A 35 -2.18 0.43 -18.64
N GLU A 36 -1.16 -0.21 -18.11
CA GLU A 36 -1.31 -1.42 -17.35
C GLU A 36 -1.77 -1.13 -15.93
N ARG A 37 -2.21 0.11 -15.70
CA ARG A 37 -2.89 0.49 -14.46
C ARG A 37 -4.02 -0.49 -14.26
N LYS A 38 -4.66 -0.81 -15.37
CA LYS A 38 -5.78 -1.70 -15.39
C LYS A 38 -5.35 -3.11 -15.00
N GLU A 39 -4.27 -3.61 -15.63
CA GLU A 39 -3.72 -4.95 -15.31
C GLU A 39 -3.33 -5.02 -13.85
N LEU A 40 -2.56 -4.03 -13.44
CA LEU A 40 -2.00 -3.93 -12.10
C LEU A 40 -3.16 -4.05 -11.07
N SER A 41 -4.16 -3.20 -11.24
CA SER A 41 -5.28 -3.16 -10.33
C SER A 41 -6.22 -4.36 -10.52
N ASP A 42 -6.06 -5.06 -11.61
CA ASP A 42 -6.86 -6.23 -11.93
C ASP A 42 -6.45 -7.41 -11.12
N LYS A 43 -5.18 -7.53 -10.85
CA LYS A 43 -4.73 -8.59 -9.95
C LYS A 43 -5.02 -8.16 -8.50
N LEU A 44 -4.99 -6.87 -8.32
CA LEU A 44 -5.17 -6.29 -7.05
C LEU A 44 -6.59 -6.33 -6.57
N LYS A 45 -7.52 -6.29 -7.47
CA LYS A 45 -8.92 -6.17 -7.07
C LYS A 45 -9.43 -7.43 -6.37
N PRO A 46 -9.16 -8.64 -6.90
CA PRO A 46 -9.58 -9.89 -6.27
C PRO A 46 -8.77 -10.16 -5.00
N ILE A 47 -7.40 -9.92 -5.04
CA ILE A 47 -6.62 -10.16 -3.83
C ILE A 47 -7.07 -9.23 -2.73
N ALA A 48 -7.64 -8.12 -3.14
CA ALA A 48 -8.10 -7.12 -2.19
C ALA A 48 -9.54 -7.32 -1.85
N GLU A 49 -10.27 -7.98 -2.71
CA GLU A 49 -11.63 -8.30 -2.50
C GLU A 49 -11.71 -9.33 -1.38
N ALA A 50 -10.58 -9.97 -1.14
CA ALA A 50 -10.45 -10.93 -0.09
C ALA A 50 -10.30 -10.21 1.26
N GLN A 51 -9.88 -8.97 1.17
CA GLN A 51 -9.48 -8.17 2.31
C GLN A 51 -9.99 -6.75 2.19
N ARG A 52 -11.19 -6.67 1.66
CA ARG A 52 -11.84 -5.43 1.28
C ARG A 52 -12.40 -4.68 2.47
N GLY A 53 -12.48 -5.35 3.58
CA GLY A 53 -12.97 -4.73 4.78
C GLY A 53 -11.90 -4.64 5.83
N VAL A 54 -10.69 -5.00 5.45
CA VAL A 54 -9.60 -4.99 6.39
C VAL A 54 -8.41 -4.16 5.88
N ILE A 55 -8.20 -4.13 4.58
CA ILE A 55 -7.15 -3.28 4.02
C ILE A 55 -7.74 -2.30 3.00
N ASN A 56 -7.31 -1.04 3.06
CA ASN A 56 -7.79 -0.02 2.16
C ASN A 56 -6.97 -0.10 0.90
N PHE A 57 -7.52 -0.65 -0.14
CA PHE A 57 -6.80 -0.75 -1.39
C PHE A 57 -7.01 0.42 -2.28
N GLY A 58 -6.04 1.28 -2.34
CA GLY A 58 -6.14 2.44 -3.12
C GLY A 58 -5.01 2.55 -4.10
N THR A 59 -5.36 2.81 -5.31
CA THR A 59 -4.40 2.98 -6.34
C THR A 59 -4.06 4.46 -6.46
N ILE A 60 -2.81 4.76 -6.42
CA ILE A 60 -2.37 6.11 -6.48
C ILE A 60 -1.36 6.21 -7.60
N ASP A 61 -1.39 7.29 -8.28
CA ASP A 61 -0.54 7.46 -9.41
C ASP A 61 0.86 7.75 -8.98
N ALA A 62 1.83 7.04 -9.54
CA ALA A 62 3.19 7.24 -9.15
C ALA A 62 3.87 8.26 -10.03
N LYS A 63 3.16 8.75 -10.99
CA LYS A 63 3.70 9.74 -11.88
C LYS A 63 3.37 11.12 -11.32
N ALA A 64 2.15 11.29 -10.87
CA ALA A 64 1.69 12.55 -10.36
C ALA A 64 1.81 12.63 -8.87
N PHE A 65 1.50 11.54 -8.15
CA PHE A 65 1.60 11.58 -6.72
C PHE A 65 2.67 10.61 -6.22
N GLY A 66 3.58 10.25 -7.08
CA GLY A 66 4.52 9.17 -6.79
C GLY A 66 5.53 9.46 -5.73
N ALA A 67 5.82 10.71 -5.48
CA ALA A 67 6.81 11.11 -4.48
C ALA A 67 6.40 10.64 -3.08
N HIS A 68 5.12 10.38 -2.91
CA HIS A 68 4.56 9.94 -1.64
C HIS A 68 5.02 8.51 -1.30
N ALA A 69 5.36 7.71 -2.31
CA ALA A 69 5.71 6.28 -2.11
C ALA A 69 6.88 6.12 -1.21
N GLY A 70 7.77 7.02 -1.29
CA GLY A 70 8.90 6.93 -0.42
C GLY A 70 8.98 7.95 0.65
N ASN A 71 7.89 8.65 0.87
CA ASN A 71 7.82 9.51 2.05
C ASN A 71 7.61 8.54 3.21
N LEU A 72 7.05 7.38 2.85
CA LEU A 72 6.87 6.30 3.74
C LEU A 72 8.08 5.36 3.67
N ASN A 73 8.65 5.16 2.45
CA ASN A 73 9.79 4.21 2.29
C ASN A 73 10.46 4.19 0.93
N LEU A 74 9.68 3.91 -0.13
CA LEU A 74 10.21 3.58 -1.47
C LEU A 74 11.19 4.60 -2.08
N LYS A 75 11.88 4.16 -3.10
CA LYS A 75 12.92 4.91 -3.75
C LYS A 75 12.32 5.91 -4.75
N THR A 76 11.06 5.70 -5.05
CA THR A 76 10.20 6.53 -5.94
C THR A 76 10.72 6.65 -7.38
N ASP A 77 11.53 5.71 -7.76
CA ASP A 77 12.23 5.74 -9.04
C ASP A 77 11.66 4.77 -10.06
N LYS A 78 11.03 3.73 -9.62
CA LYS A 78 10.75 2.63 -10.54
C LYS A 78 9.36 2.08 -10.44
N PHE A 79 8.57 2.25 -11.54
CA PHE A 79 7.37 1.41 -11.82
C PHE A 79 6.29 1.52 -10.68
N PRO A 80 5.11 0.83 -10.75
CA PRO A 80 4.26 0.73 -9.60
C PRO A 80 4.96 0.15 -8.37
N ALA A 81 4.73 0.80 -7.27
CA ALA A 81 5.31 0.48 -6.01
C ALA A 81 4.20 0.31 -5.01
N PHE A 82 4.05 -0.89 -4.54
CA PHE A 82 3.00 -1.23 -3.62
C PHE A 82 3.46 -1.04 -2.17
N ALA A 83 2.91 -0.07 -1.50
CA ALA A 83 3.30 0.22 -0.15
C ALA A 83 2.17 0.01 0.84
N ILE A 84 2.34 -0.89 1.77
CA ILE A 84 1.31 -1.10 2.76
C ILE A 84 1.64 -0.27 3.99
N GLN A 85 0.83 0.69 4.27
CA GLN A 85 1.03 1.44 5.44
C GLN A 85 0.04 0.98 6.48
N GLU A 86 0.54 0.65 7.62
CA GLU A 86 -0.29 0.27 8.70
C GLU A 86 -0.88 1.46 9.35
N VAL A 87 -2.12 1.38 9.64
CA VAL A 87 -2.78 2.42 10.36
C VAL A 87 -2.96 1.91 11.79
N ALA A 88 -2.60 0.65 12.01
CA ALA A 88 -2.75 0.06 13.34
C ALA A 88 -1.41 -0.03 14.03
N LYS A 89 -0.40 -0.36 13.26
CA LYS A 89 0.96 -0.44 13.78
C LYS A 89 1.73 0.84 13.39
N ASN A 90 1.18 1.53 12.39
CA ASN A 90 1.79 2.71 11.74
C ASN A 90 3.15 2.31 11.24
N GLN A 91 3.13 1.60 10.16
CA GLN A 91 4.33 1.03 9.64
C GLN A 91 4.28 1.05 8.17
N LYS A 92 5.37 0.66 7.58
CA LYS A 92 5.52 0.67 6.19
C LYS A 92 5.96 -0.71 5.75
N PHE A 93 5.05 -1.46 5.23
CA PHE A 93 5.35 -2.76 4.62
C PHE A 93 5.22 -2.65 3.09
N PRO A 94 6.24 -2.12 2.40
CA PRO A 94 6.19 -1.90 0.98
C PRO A 94 6.94 -2.97 0.16
N PHE A 95 6.38 -3.24 -0.99
CA PHE A 95 6.83 -4.24 -1.92
C PHE A 95 7.92 -3.63 -2.79
N ASP A 96 8.66 -4.45 -3.50
CA ASP A 96 9.73 -3.96 -4.35
C ASP A 96 9.15 -3.31 -5.56
N GLN A 97 9.80 -2.31 -6.00
CA GLN A 97 9.28 -1.43 -7.04
C GLN A 97 9.54 -2.01 -8.42
N GLU A 98 10.25 -3.10 -8.48
CA GLU A 98 10.61 -3.68 -9.77
C GLU A 98 10.69 -5.18 -9.67
N LYS A 99 9.88 -5.71 -8.81
CA LYS A 99 9.79 -7.13 -8.57
C LYS A 99 8.65 -7.72 -9.41
N GLU A 100 7.91 -6.81 -10.04
CA GLU A 100 6.72 -7.11 -10.84
C GLU A 100 5.52 -7.47 -9.98
N ILE A 101 4.43 -6.80 -10.22
CA ILE A 101 3.24 -6.95 -9.44
C ILE A 101 2.32 -7.97 -10.09
N THR A 102 2.08 -9.04 -9.40
CA THR A 102 1.19 -10.04 -9.85
C THR A 102 0.10 -10.22 -8.79
N PHE A 103 -0.76 -11.19 -8.98
CA PHE A 103 -1.85 -11.45 -8.06
C PHE A 103 -1.22 -12.13 -6.91
N GLU A 104 -0.46 -13.10 -7.29
CA GLU A 104 0.28 -13.93 -6.45
C GLU A 104 1.26 -13.16 -5.57
N ALA A 105 2.13 -12.35 -6.20
CA ALA A 105 3.16 -11.57 -5.49
C ALA A 105 2.56 -10.71 -4.39
N ILE A 106 1.50 -10.01 -4.74
CA ILE A 106 0.87 -9.10 -3.81
C ILE A 106 0.10 -9.85 -2.77
N LYS A 107 -0.61 -10.86 -3.20
CA LYS A 107 -1.41 -11.71 -2.32
C LYS A 107 -0.52 -12.31 -1.26
N ALA A 108 0.60 -12.85 -1.70
CA ALA A 108 1.56 -13.49 -0.79
C ALA A 108 2.12 -12.47 0.20
N PHE A 109 2.42 -11.31 -0.31
CA PHE A 109 2.97 -10.19 0.45
C PHE A 109 1.97 -9.69 1.50
N VAL A 110 0.79 -9.27 1.09
CA VAL A 110 -0.22 -8.75 2.03
C VAL A 110 -0.56 -9.81 3.09
N ASP A 111 -0.50 -11.07 2.68
CA ASP A 111 -0.74 -12.21 3.55
C ASP A 111 0.32 -12.27 4.59
N ASP A 112 1.55 -12.25 4.12
CA ASP A 112 2.70 -12.37 5.00
C ASP A 112 2.83 -11.15 5.89
N PHE A 113 2.25 -10.07 5.47
CA PHE A 113 2.13 -8.86 6.25
C PHE A 113 1.11 -9.04 7.36
N VAL A 114 -0.12 -9.25 6.96
CA VAL A 114 -1.26 -9.33 7.87
C VAL A 114 -1.16 -10.52 8.84
N ALA A 115 -0.35 -11.51 8.47
CA ALA A 115 -0.10 -12.65 9.33
C ALA A 115 0.84 -12.25 10.46
N GLY A 116 1.71 -11.31 10.16
CA GLY A 116 2.66 -10.85 11.15
C GLY A 116 4.03 -11.33 10.85
N LYS A 117 4.38 -11.30 9.59
CA LYS A 117 5.66 -11.73 9.23
C LYS A 117 6.45 -10.62 8.60
N ILE A 118 5.83 -9.82 7.74
CA ILE A 118 6.55 -8.75 7.09
C ILE A 118 6.98 -7.75 8.10
N GLU A 119 8.14 -7.26 7.91
CA GLU A 119 8.75 -6.36 8.79
C GLU A 119 9.14 -5.11 8.01
N PRO A 120 9.36 -3.98 8.68
CA PRO A 120 9.71 -2.76 7.99
C PRO A 120 11.16 -2.81 7.50
N SER A 121 11.42 -2.18 6.39
CA SER A 121 12.74 -2.13 5.80
C SER A 121 13.43 -0.79 6.15
N ILE A 122 13.03 -0.23 7.29
CA ILE A 122 13.51 1.07 7.77
C ILE A 122 13.56 1.11 9.29
N LYS A 123 12.56 0.56 9.89
CA LYS A 123 12.46 0.43 11.34
C LYS A 123 12.27 -1.03 11.66
N SER A 124 12.08 -1.35 12.91
CA SER A 124 11.84 -2.70 13.30
C SER A 124 11.11 -2.66 14.64
N GLU A 125 10.77 -3.81 15.16
CA GLU A 125 10.11 -3.91 16.43
C GLU A 125 10.96 -4.81 17.29
N PRO A 126 11.91 -4.25 18.00
CA PRO A 126 12.80 -5.01 18.83
C PRO A 126 12.22 -5.21 20.21
N ILE A 127 12.69 -6.19 20.91
CA ILE A 127 12.27 -6.38 22.26
C ILE A 127 13.47 -6.16 23.17
N PRO A 128 13.64 -4.92 23.68
CA PRO A 128 14.70 -4.62 24.60
C PRO A 128 14.43 -5.28 25.94
N GLU A 129 15.44 -5.30 26.78
CA GLU A 129 15.42 -6.01 28.03
C GLU A 129 15.41 -7.51 27.79
N LYS A 130 16.45 -8.16 28.21
CA LYS A 130 16.62 -9.56 27.94
C LYS A 130 15.70 -10.40 28.81
N GLN A 131 14.66 -10.90 28.19
CA GLN A 131 13.64 -11.70 28.82
C GLN A 131 12.93 -12.47 27.72
N GLU A 132 12.11 -13.41 28.10
CA GLU A 132 11.33 -14.14 27.16
C GLU A 132 9.87 -14.00 27.55
N GLY A 133 9.01 -13.81 26.61
CA GLY A 133 7.61 -13.68 26.91
C GLY A 133 6.85 -13.44 25.67
#